data_4Z87
#
_entry.id   4Z87
#
_cell.length_a   122.042
_cell.length_b   122.042
_cell.length_c   147.613
_cell.angle_alpha   90.00
_cell.angle_beta   90.00
_cell.angle_gamma   90.00
#
_symmetry.space_group_name_H-M   'P 4'
#
loop_
_entity.id
_entity.type
_entity.pdbx_description
1 polymer "Inosine-5'-monophosphate dehydrogenase"
2 non-polymer "GUANOSINE-5'-MONOPHOSPHATE"
3 non-polymer "GUANOSINE-5'-DIPHOSPHATE"
4 non-polymer 'POTASSIUM ION'
5 non-polymer 'ACETATE ION'
6 water water
#
_entity_poly.entity_id   1
_entity_poly.type   'polypeptide(L)'
_entity_poly.pdbx_seq_one_letter_code
;GSHMTYRDAATALEHLATYAEKDGLSVEQLMDSKTRGGLTYNDFLVLPGKIDFPSSEVVLSSRLTKKITLNAPFVSSPMD
TVTEADMAIHMALLGGIGIIHHNCTAEEQAEMVRRVKKYENGFINAPVVVGPDATVADVRRMKNEFGFAGFPVTDDGKPT
GKLQGIITSRDIQFVEDETLLVSEIMTKDVITGKQGINLEEANQILKNTKKGKLPIVDEAGCLVSMLSRTDLMKNQSYPL
ASKSADTKQLLCGAAIGTIDADRQRLAMLVEAGLDVVVLDSSQGNSVFQINMIKWIKETFPDLQVIAGNVVTREQAASLI
HAGADGLRIGMGSGSICITQEVMACGRPQGTAVYNVTQFANQFGVPCIADGGVQNIGHITKAIALGASTVMMGGMLAGTT
ESPGEYFFRDGKRLKTYRGMGSIDAMQKTDVKGNAATSRYFSESDKVLVAQGVTGSVIDKGSIKKYIPYLYNGLQHSCQD
IGVRSLVEFREKVDSGSVRFEFRTPSAQLEGGVHNLHSYEKRLFD
;
_entity_poly.pdbx_strand_id   A,B,C,D
#
loop_
_chem_comp.id
_chem_comp.type
_chem_comp.name
_chem_comp.formula
5GP non-polymer GUANOSINE-5'-MONOPHOSPHATE 'C10 H14 N5 O8 P'
ACT non-polymer 'ACETATE ION' 'C2 H3 O2 -1'
GDP RNA linking GUANOSINE-5'-DIPHOSPHATE 'C10 H15 N5 O11 P2'
K non-polymer 'POTASSIUM ION' 'K 1'
#
# COMPACT_ATOMS: atom_id res chain seq x y z
N HIS A 3 3.19 -33.55 -60.78
CA HIS A 3 1.97 -32.98 -61.42
C HIS A 3 1.02 -32.39 -60.38
N MET A 4 1.59 -31.72 -59.38
CA MET A 4 0.78 -31.23 -58.26
C MET A 4 0.27 -29.82 -58.50
N THR A 5 -0.83 -29.50 -57.82
CA THR A 5 -1.42 -28.18 -57.82
C THR A 5 -1.66 -27.75 -56.38
N TYR A 6 -1.42 -26.49 -56.07
CA TYR A 6 -1.65 -26.02 -54.71
C TYR A 6 -3.13 -25.76 -54.54
N ARG A 7 -3.64 -26.09 -53.36
CA ARG A 7 -5.03 -25.82 -53.04
C ARG A 7 -5.20 -24.33 -52.78
N ASP A 8 -6.40 -23.83 -53.07
CA ASP A 8 -6.72 -22.44 -52.77
C ASP A 8 -6.86 -22.27 -51.27
N ALA A 9 -6.29 -21.20 -50.73
CA ALA A 9 -6.31 -20.95 -49.30
C ALA A 9 -7.74 -20.85 -48.77
N ALA A 10 -8.67 -20.47 -49.63
CA ALA A 10 -10.07 -20.34 -49.23
C ALA A 10 -10.68 -21.68 -48.85
N THR A 11 -10.08 -22.76 -49.33
CA THR A 11 -10.58 -24.11 -49.07
C THR A 11 -9.88 -24.79 -47.88
N ALA A 12 -9.09 -24.02 -47.14
CA ALA A 12 -8.26 -24.59 -46.08
C ALA A 12 -9.09 -25.22 -44.96
N LEU A 13 -10.13 -24.51 -44.52
CA LEU A 13 -10.97 -25.01 -43.44
C LEU A 13 -11.82 -26.20 -43.91
N GLU A 14 -12.25 -26.15 -45.16
CA GLU A 14 -13.05 -27.24 -45.72
C GLU A 14 -12.25 -28.52 -45.85
N HIS A 15 -10.96 -28.39 -46.12
CA HIS A 15 -10.10 -29.54 -46.35
C HIS A 15 -9.89 -30.38 -45.09
N LEU A 16 -10.09 -29.76 -43.93
CA LEU A 16 -9.94 -30.47 -42.66
C LEU A 16 -10.87 -31.67 -42.55
N ALA A 17 -12.00 -31.61 -43.25
CA ALA A 17 -13.00 -32.67 -43.18
C ALA A 17 -12.53 -33.94 -43.88
N THR A 18 -11.50 -33.82 -44.71
CA THR A 18 -10.99 -34.97 -45.46
C THR A 18 -10.15 -35.90 -44.59
N TYR A 19 -9.79 -35.44 -43.40
CA TYR A 19 -9.00 -36.26 -42.47
C TYR A 19 -9.92 -37.12 -41.61
N ALA A 20 -9.49 -38.35 -41.34
CA ALA A 20 -10.30 -39.31 -40.59
C ALA A 20 -10.48 -38.86 -39.14
N GLU A 21 -9.44 -38.23 -38.59
CA GLU A 21 -9.48 -37.74 -37.22
C GLU A 21 -8.88 -36.35 -37.08
N LYS A 22 -9.24 -35.66 -36.02
CA LYS A 22 -8.62 -34.39 -35.68
C LYS A 22 -7.14 -34.65 -35.40
N ASP A 23 -6.32 -33.64 -35.57
CA ASP A 23 -4.89 -33.78 -35.33
C ASP A 23 -4.65 -34.09 -33.84
N GLY A 24 -3.68 -34.95 -33.56
CA GLY A 24 -3.41 -35.37 -32.19
C GLY A 24 -4.29 -36.52 -31.76
N LEU A 25 -4.27 -36.82 -30.46
CA LEU A 25 -5.02 -37.95 -29.90
C LEU A 25 -6.20 -37.48 -29.05
N SER A 26 -7.24 -38.30 -29.02
CA SER A 26 -8.33 -38.12 -28.06
C SER A 26 -7.86 -38.63 -26.70
N VAL A 27 -8.58 -38.28 -25.64
CA VAL A 27 -8.18 -38.72 -24.30
C VAL A 27 -8.26 -40.24 -24.20
N GLU A 28 -9.20 -40.85 -24.94
CA GLU A 28 -9.36 -42.29 -24.93
C GLU A 28 -8.13 -42.97 -25.54
N GLN A 29 -7.68 -42.45 -26.67
CA GLN A 29 -6.51 -42.99 -27.34
C GLN A 29 -5.27 -42.78 -26.48
N LEU A 30 -5.22 -41.65 -25.79
CA LEU A 30 -4.11 -41.33 -24.92
C LEU A 30 -3.99 -42.31 -23.75
N MET A 31 -5.13 -42.67 -23.18
CA MET A 31 -5.15 -43.53 -22.00
C MET A 31 -5.50 -45.01 -22.23
N ASP A 32 -5.38 -45.50 -23.45
CA ASP A 32 -5.71 -46.89 -23.76
C ASP A 32 -4.47 -47.75 -24.03
N ARG A 36 0.47 -46.84 -24.32
CA ARG A 36 1.48 -46.42 -23.35
C ARG A 36 0.86 -46.51 -21.97
N GLY A 37 0.90 -47.70 -21.38
CA GLY A 37 0.30 -47.85 -20.07
C GLY A 37 1.02 -47.12 -18.98
N GLY A 38 0.28 -46.86 -17.90
CA GLY A 38 0.76 -46.20 -16.70
C GLY A 38 1.47 -44.87 -16.79
N LEU A 39 0.80 -43.88 -17.33
CA LEU A 39 1.41 -42.57 -17.49
C LEU A 39 1.01 -41.54 -16.43
N THR A 40 1.82 -40.48 -16.31
CA THR A 40 1.49 -39.40 -15.39
C THR A 40 1.45 -38.08 -16.15
N TYR A 41 1.30 -36.99 -15.42
CA TYR A 41 1.11 -35.67 -16.01
C TYR A 41 2.20 -35.28 -17.01
N ASN A 42 3.46 -35.55 -16.66
CA ASN A 42 4.57 -35.12 -17.51
C ASN A 42 4.72 -35.93 -18.80
N ASP A 43 3.89 -36.97 -18.98
CA ASP A 43 4.01 -37.85 -20.14
C ASP A 43 3.25 -37.36 -21.36
N PHE A 44 2.47 -36.28 -21.20
CA PHE A 44 1.66 -35.79 -22.32
C PHE A 44 1.41 -34.28 -22.25
N LEU A 45 0.89 -33.75 -23.36
CA LEU A 45 0.51 -32.36 -23.45
C LEU A 45 -0.92 -32.25 -23.98
N VAL A 46 -1.54 -31.10 -23.73
CA VAL A 46 -2.81 -30.78 -24.35
C VAL A 46 -2.54 -29.87 -25.55
N LEU A 47 -3.11 -30.21 -26.71
CA LEU A 47 -2.88 -29.40 -27.90
C LEU A 47 -3.75 -28.13 -27.88
N PRO A 48 -3.22 -27.03 -28.41
CA PRO A 48 -3.98 -25.77 -28.43
C PRO A 48 -5.16 -25.82 -29.39
N GLY A 49 -6.15 -24.95 -29.17
CA GLY A 49 -7.33 -24.90 -30.02
C GLY A 49 -7.55 -23.53 -30.64
N LYS A 50 -8.79 -23.05 -30.54
CA LYS A 50 -9.20 -21.78 -31.14
C LYS A 50 -9.56 -20.76 -30.07
N ILE A 51 -8.93 -19.57 -30.14
CA ILE A 51 -9.19 -18.50 -29.20
C ILE A 51 -10.14 -17.46 -29.78
N ASP A 52 -11.25 -17.22 -29.08
CA ASP A 52 -12.18 -16.18 -29.47
C ASP A 52 -12.77 -15.51 -28.25
N PHE A 53 -11.94 -15.38 -27.21
CA PHE A 53 -12.34 -14.76 -25.95
C PHE A 53 -11.12 -14.46 -25.09
N PRO A 54 -11.23 -13.47 -24.19
CA PRO A 54 -10.13 -13.18 -23.27
C PRO A 54 -10.08 -14.18 -22.12
N SER A 55 -8.89 -14.39 -21.55
CA SER A 55 -8.73 -15.34 -20.46
C SER A 55 -9.51 -14.92 -19.20
N SER A 56 -9.73 -13.62 -19.06
CA SER A 56 -10.44 -13.09 -17.90
C SER A 56 -11.91 -13.55 -17.88
N GLU A 57 -12.38 -14.03 -19.02
CA GLU A 57 -13.75 -14.52 -19.15
C GLU A 57 -13.88 -15.98 -18.66
N VAL A 58 -12.74 -16.65 -18.47
CA VAL A 58 -12.75 -18.06 -18.13
C VAL A 58 -13.26 -18.30 -16.71
N VAL A 59 -14.26 -19.18 -16.60
CA VAL A 59 -14.86 -19.54 -15.32
C VAL A 59 -14.23 -20.82 -14.80
N LEU A 60 -13.82 -20.80 -13.52
CA LEU A 60 -13.12 -21.94 -12.94
C LEU A 60 -13.93 -22.57 -11.80
N SER A 61 -15.25 -22.45 -11.89
CA SER A 61 -16.14 -23.09 -10.93
C SER A 61 -15.93 -24.59 -10.94
N SER A 62 -15.83 -25.18 -9.76
CA SER A 62 -15.48 -26.59 -9.63
C SER A 62 -16.24 -27.26 -8.49
N ARG A 63 -16.63 -28.50 -8.70
CA ARG A 63 -17.34 -29.26 -7.69
C ARG A 63 -16.34 -29.95 -6.76
N LEU A 64 -16.46 -29.67 -5.47
CA LEU A 64 -15.65 -30.35 -4.46
C LEU A 64 -16.31 -31.65 -4.07
N THR A 65 -17.61 -31.58 -3.81
CA THR A 65 -18.42 -32.74 -3.49
C THR A 65 -19.75 -32.62 -4.23
N LYS A 66 -20.67 -33.55 -3.97
CA LYS A 66 -21.97 -33.53 -4.62
C LYS A 66 -22.70 -32.21 -4.43
N LYS A 67 -22.61 -31.65 -3.22
CA LYS A 67 -23.38 -30.46 -2.87
C LYS A 67 -22.55 -29.19 -2.69
N ILE A 68 -21.23 -29.31 -2.75
CA ILE A 68 -20.34 -28.16 -2.56
C ILE A 68 -19.60 -27.80 -3.85
N THR A 69 -19.74 -26.55 -4.25
CA THR A 69 -19.08 -26.01 -5.44
C THR A 69 -18.19 -24.83 -5.05
N LEU A 70 -16.98 -24.80 -5.62
CA LEU A 70 -16.01 -23.74 -5.37
C LEU A 70 -15.80 -22.89 -6.61
N ASN A 71 -15.29 -21.67 -6.41
CA ASN A 71 -14.97 -20.78 -7.51
C ASN A 71 -13.61 -21.12 -8.12
N ALA A 72 -12.82 -21.92 -7.43
CA ALA A 72 -11.53 -22.37 -7.93
C ALA A 72 -11.26 -23.81 -7.48
N PRO A 73 -10.59 -24.60 -8.33
CA PRO A 73 -10.38 -26.02 -8.04
C PRO A 73 -9.18 -26.29 -7.11
N PHE A 74 -8.96 -25.40 -6.14
CA PHE A 74 -7.78 -25.48 -5.28
C PHE A 74 -8.13 -25.94 -3.87
N VAL A 75 -7.47 -27.01 -3.44
CA VAL A 75 -7.68 -27.56 -2.10
C VAL A 75 -6.32 -27.77 -1.42
N SER A 76 -6.14 -27.20 -0.24
CA SER A 76 -4.89 -27.39 0.50
C SER A 76 -4.97 -28.68 1.31
N SER A 77 -3.86 -29.43 1.29
CA SER A 77 -3.81 -30.78 1.83
C SER A 77 -3.85 -30.83 3.36
N PRO A 78 -4.49 -31.87 3.93
CA PRO A 78 -4.53 -32.01 5.38
C PRO A 78 -3.22 -32.54 5.97
N MET A 79 -2.23 -31.65 6.06
CA MET A 79 -0.93 -31.98 6.61
C MET A 79 -0.49 -30.89 7.57
N ASP A 80 0.25 -31.28 8.61
CA ASP A 80 0.59 -30.34 9.69
C ASP A 80 1.61 -29.29 9.27
N THR A 81 2.08 -29.37 8.02
CA THR A 81 3.01 -28.38 7.49
C THR A 81 2.37 -27.56 6.36
N VAL A 82 1.05 -27.70 6.19
CA VAL A 82 0.35 -27.00 5.12
C VAL A 82 -0.90 -26.28 5.62
N THR A 83 -1.84 -27.03 6.19
CA THR A 83 -3.17 -26.49 6.48
C THR A 83 -3.55 -26.50 7.96
N GLU A 84 -3.50 -25.32 8.57
CA GLU A 84 -4.16 -25.08 9.83
C GLU A 84 -5.16 -23.94 9.58
N ALA A 85 -5.54 -23.22 10.63
CA ALA A 85 -6.60 -22.21 10.50
C ALA A 85 -6.23 -21.12 9.50
N ASP A 86 -5.00 -20.63 9.57
CA ASP A 86 -4.55 -19.54 8.71
C ASP A 86 -4.66 -19.89 7.23
N MET A 87 -4.19 -21.08 6.87
CA MET A 87 -4.29 -21.56 5.49
C MET A 87 -5.74 -21.74 5.04
N ALA A 88 -6.52 -22.42 5.87
CA ALA A 88 -7.89 -22.75 5.51
C ALA A 88 -8.73 -21.48 5.31
N ILE A 89 -8.48 -20.47 6.14
CA ILE A 89 -9.19 -19.20 6.02
C ILE A 89 -8.91 -18.54 4.68
N HIS A 90 -7.62 -18.43 4.33
CA HIS A 90 -7.22 -17.69 3.14
C HIS A 90 -7.48 -18.48 1.86
N MET A 91 -7.43 -19.81 1.93
CA MET A 91 -7.81 -20.64 0.80
C MET A 91 -9.28 -20.41 0.48
N ALA A 92 -10.10 -20.31 1.51
CA ALA A 92 -11.54 -20.10 1.35
C ALA A 92 -11.82 -18.71 0.77
N LEU A 93 -11.13 -17.69 1.29
CA LEU A 93 -11.29 -16.32 0.82
C LEU A 93 -10.96 -16.21 -0.67
N LEU A 94 -9.94 -16.97 -1.08
CA LEU A 94 -9.44 -16.88 -2.45
C LEU A 94 -10.15 -17.84 -3.40
N GLY A 95 -11.23 -18.45 -2.94
CA GLY A 95 -12.12 -19.23 -3.78
C GLY A 95 -11.92 -20.74 -3.73
N GLY A 96 -10.98 -21.18 -2.91
CA GLY A 96 -10.72 -22.61 -2.73
C GLY A 96 -11.23 -23.09 -1.39
N ILE A 97 -10.52 -24.04 -0.80
CA ILE A 97 -10.88 -24.54 0.52
C ILE A 97 -9.67 -25.22 1.15
N GLY A 98 -9.64 -25.26 2.47
CA GLY A 98 -8.59 -25.93 3.20
C GLY A 98 -9.12 -27.11 3.98
N ILE A 99 -8.32 -28.18 4.04
CA ILE A 99 -8.63 -29.34 4.85
C ILE A 99 -7.68 -29.37 6.04
N ILE A 100 -8.21 -29.10 7.22
CA ILE A 100 -7.39 -29.04 8.43
C ILE A 100 -6.93 -30.44 8.83
N HIS A 101 -5.63 -30.56 9.15
CA HIS A 101 -5.03 -31.85 9.51
C HIS A 101 -5.50 -32.31 10.87
N HIS A 102 -5.28 -33.59 11.19
CA HIS A 102 -5.68 -34.16 12.48
C HIS A 102 -4.51 -34.74 13.24
N ASN A 103 -3.29 -34.29 12.93
CA ASN A 103 -2.13 -34.64 13.72
C ASN A 103 -2.11 -33.77 14.98
N CYS A 104 -3.15 -33.95 15.79
CA CYS A 104 -3.40 -33.12 16.96
C CYS A 104 -4.56 -33.69 17.73
N THR A 105 -4.84 -33.15 18.91
CA THR A 105 -5.98 -33.61 19.70
C THR A 105 -7.28 -33.14 19.05
N ALA A 106 -8.37 -33.80 19.40
CA ALA A 106 -9.69 -33.45 18.86
C ALA A 106 -10.04 -32.02 19.24
N GLU A 107 -9.68 -31.63 20.46
CA GLU A 107 -9.96 -30.29 20.96
C GLU A 107 -9.20 -29.24 20.15
N GLU A 108 -7.93 -29.52 19.88
CA GLU A 108 -7.09 -28.61 19.11
C GLU A 108 -7.61 -28.45 17.68
N GLN A 109 -8.04 -29.57 17.08
CA GLN A 109 -8.54 -29.54 15.72
C GLN A 109 -9.88 -28.81 15.64
N ALA A 110 -10.74 -29.03 16.64
CA ALA A 110 -12.04 -28.38 16.69
C ALA A 110 -11.90 -26.87 16.82
N GLU A 111 -10.89 -26.44 17.57
CA GLU A 111 -10.63 -25.02 17.76
C GLU A 111 -10.20 -24.38 16.44
N MET A 112 -9.38 -25.09 15.67
CA MET A 112 -8.94 -24.60 14.38
C MET A 112 -10.11 -24.46 13.42
N VAL A 113 -10.99 -25.45 13.40
CA VAL A 113 -12.20 -25.39 12.60
C VAL A 113 -13.03 -24.18 13.02
N ARG A 114 -13.19 -24.01 14.32
CA ARG A 114 -13.97 -22.90 14.87
C ARG A 114 -13.40 -21.57 14.42
N ARG A 115 -12.08 -21.46 14.41
CA ARG A 115 -11.40 -20.25 13.99
C ARG A 115 -11.66 -19.92 12.52
N VAL A 116 -11.75 -20.94 11.67
CA VAL A 116 -12.06 -20.74 10.26
C VAL A 116 -13.49 -20.27 10.08
N LYS A 117 -14.42 -20.89 10.81
CA LYS A 117 -15.83 -20.58 10.69
C LYS A 117 -16.18 -19.20 11.26
N LYS A 118 -15.40 -18.75 12.24
CA LYS A 118 -15.66 -17.50 12.94
C LYS A 118 -14.89 -16.32 12.37
N TYR A 119 -14.08 -16.56 11.34
CA TYR A 119 -13.27 -15.50 10.75
C TYR A 119 -14.11 -14.43 10.07
N GLU A 120 -15.13 -14.87 9.34
CA GLU A 120 -16.10 -13.99 8.71
C GLU A 120 -17.51 -14.40 9.10
N ASN A 121 -18.34 -13.43 9.44
CA ASN A 121 -19.72 -13.68 9.83
C ASN A 121 -20.69 -12.69 9.18
N GLY A 122 -21.93 -13.09 8.98
CA GLY A 122 -22.99 -12.11 8.86
C GLY A 122 -23.66 -11.74 10.18
N PHE A 123 -24.24 -12.71 10.86
CA PHE A 123 -24.70 -12.48 12.22
C PHE A 123 -23.78 -13.23 13.15
N ILE A 124 -23.06 -12.51 14.00
CA ILE A 124 -22.11 -13.17 14.88
C ILE A 124 -22.84 -13.85 16.02
N ASN A 125 -22.64 -15.16 16.17
CA ASN A 125 -23.27 -15.90 17.23
C ASN A 125 -22.44 -15.90 18.52
N ALA A 126 -23.08 -15.59 19.65
CA ALA A 126 -22.38 -15.55 20.92
C ALA A 126 -21.15 -14.64 20.90
N PRO A 127 -21.39 -13.33 20.51
CA PRO A 127 -20.21 -12.46 20.49
C PRO A 127 -19.52 -12.26 21.84
N VAL A 128 -18.20 -12.15 21.81
CA VAL A 128 -17.42 -11.95 23.02
C VAL A 128 -17.83 -10.63 23.67
N VAL A 129 -18.06 -10.68 24.97
CA VAL A 129 -18.53 -9.52 25.72
C VAL A 129 -17.69 -9.27 26.97
N VAL A 130 -17.89 -8.12 27.60
CA VAL A 130 -17.14 -7.79 28.80
C VAL A 130 -18.11 -7.14 29.79
N GLY A 131 -17.80 -7.25 31.07
CA GLY A 131 -18.59 -6.62 32.11
C GLY A 131 -18.09 -5.22 32.38
N PRO A 132 -18.94 -4.39 33.02
CA PRO A 132 -18.55 -3.00 33.31
C PRO A 132 -17.48 -2.90 34.39
N ASP A 133 -17.34 -3.93 35.22
CA ASP A 133 -16.37 -3.92 36.31
C ASP A 133 -15.00 -4.42 35.87
N ALA A 134 -14.92 -4.90 34.63
CA ALA A 134 -13.64 -5.33 34.07
C ALA A 134 -12.73 -4.11 33.91
N THR A 135 -11.42 -4.35 33.93
CA THR A 135 -10.45 -3.26 33.80
C THR A 135 -9.92 -3.15 32.37
N VAL A 136 -9.26 -2.03 32.09
CA VAL A 136 -8.62 -1.83 30.80
C VAL A 136 -7.58 -2.91 30.58
N ALA A 137 -6.92 -3.32 31.67
CA ALA A 137 -5.93 -4.38 31.60
C ALA A 137 -6.57 -5.68 31.11
N ASP A 138 -7.78 -5.95 31.59
CA ASP A 138 -8.51 -7.14 31.18
C ASP A 138 -8.86 -7.09 29.70
N VAL A 139 -9.31 -5.93 29.24
CA VAL A 139 -9.73 -5.77 27.85
C VAL A 139 -8.55 -5.95 26.89
N ARG A 140 -7.39 -5.44 27.27
CA ARG A 140 -6.20 -5.58 26.44
C ARG A 140 -5.73 -7.04 26.38
N ARG A 141 -5.88 -7.75 27.49
CA ARG A 141 -5.55 -9.17 27.53
C ARG A 141 -6.50 -9.96 26.64
N MET A 142 -7.75 -9.51 26.56
CA MET A 142 -8.73 -10.13 25.69
C MET A 142 -8.41 -9.85 24.22
N LYS A 143 -7.94 -8.63 23.94
CA LYS A 143 -7.59 -8.25 22.58
C LYS A 143 -6.48 -9.13 22.02
N ASN A 144 -5.52 -9.48 22.86
CA ASN A 144 -4.39 -10.29 22.43
C ASN A 144 -4.80 -11.74 22.20
N GLU A 145 -5.87 -12.17 22.87
CA GLU A 145 -6.27 -13.56 22.87
C GLU A 145 -7.16 -13.98 21.70
N PHE A 146 -8.03 -13.10 21.24
CA PHE A 146 -9.12 -13.51 20.35
C PHE A 146 -8.90 -13.44 18.83
N GLY A 147 -8.37 -12.34 18.27
CA GLY A 147 -8.00 -11.14 18.96
C GLY A 147 -8.54 -9.93 18.23
N PHE A 148 -9.62 -9.41 18.77
CA PHE A 148 -10.27 -8.19 18.27
C PHE A 148 -10.49 -7.31 19.48
N ALA A 149 -11.02 -6.11 19.28
CA ALA A 149 -11.13 -5.15 20.37
C ALA A 149 -12.54 -4.55 20.45
N GLY A 150 -13.48 -5.18 19.74
CA GLY A 150 -14.84 -4.69 19.65
C GLY A 150 -15.80 -5.46 20.54
N PHE A 151 -15.74 -5.19 21.84
CA PHE A 151 -16.55 -5.94 22.81
C PHE A 151 -17.73 -5.11 23.29
N PRO A 152 -18.96 -5.58 23.00
CA PRO A 152 -20.10 -4.93 23.68
C PRO A 152 -20.07 -5.18 25.18
N VAL A 153 -20.62 -4.26 25.95
CA VAL A 153 -20.62 -4.35 27.41
C VAL A 153 -22.00 -4.71 27.94
N THR A 154 -22.10 -5.84 28.63
CA THR A 154 -23.34 -6.28 29.26
C THR A 154 -23.21 -6.24 30.78
N ASP A 155 -24.34 -6.08 31.47
CA ASP A 155 -24.33 -5.89 32.92
C ASP A 155 -23.75 -7.08 33.69
N ASP A 156 -24.07 -8.29 33.25
CA ASP A 156 -23.62 -9.50 33.94
C ASP A 156 -22.35 -10.06 33.31
N GLY A 157 -21.93 -9.46 32.20
CA GLY A 157 -20.74 -9.91 31.50
C GLY A 157 -20.98 -11.17 30.69
N LYS A 158 -22.26 -11.51 30.50
CA LYS A 158 -22.63 -12.67 29.69
C LYS A 158 -23.12 -12.19 28.32
N PRO A 159 -22.96 -13.03 27.27
CA PRO A 159 -23.38 -12.63 25.93
C PRO A 159 -24.87 -12.33 25.80
N THR A 160 -25.67 -12.89 26.71
CA THR A 160 -27.12 -12.72 26.68
C THR A 160 -27.60 -11.63 27.64
N GLY A 161 -26.64 -10.91 28.22
CA GLY A 161 -26.95 -9.90 29.23
C GLY A 161 -27.51 -8.61 28.66
N LYS A 162 -27.86 -7.70 29.56
CA LYS A 162 -28.41 -6.40 29.20
C LYS A 162 -27.30 -5.48 28.70
N LEU A 163 -27.42 -5.06 27.44
CA LEU A 163 -26.43 -4.18 26.83
C LEU A 163 -26.42 -2.82 27.52
N GLN A 164 -25.24 -2.33 27.88
CA GLN A 164 -25.09 -1.05 28.55
C GLN A 164 -24.09 -0.15 27.83
N GLY A 165 -23.50 -0.65 26.76
CA GLY A 165 -22.57 0.13 25.97
C GLY A 165 -21.65 -0.75 25.16
N ILE A 166 -20.55 -0.17 24.70
CA ILE A 166 -19.59 -0.89 23.88
C ILE A 166 -18.22 -0.27 24.06
N ILE A 167 -17.19 -1.10 24.01
CA ILE A 167 -15.82 -0.61 24.08
C ILE A 167 -15.08 -1.06 22.83
N THR A 168 -14.34 -0.13 22.22
CA THR A 168 -13.61 -0.41 20.98
C THR A 168 -12.14 -0.09 21.15
N SER A 169 -11.37 -0.36 20.10
CA SER A 169 -9.92 -0.14 20.13
C SER A 169 -9.59 1.32 20.43
N ARG A 170 -10.34 2.20 19.81
CA ARG A 170 -10.14 3.64 19.96
C ARG A 170 -10.36 4.09 21.40
N ASP A 171 -11.29 3.44 22.06
CA ASP A 171 -11.60 3.74 23.45
C ASP A 171 -10.44 3.45 24.41
N ILE A 172 -9.69 2.38 24.18
CA ILE A 172 -8.57 2.02 25.04
C ILE A 172 -7.17 2.26 24.47
N GLN A 173 -7.08 2.80 23.27
CA GLN A 173 -5.80 2.95 22.59
C GLN A 173 -4.78 3.77 23.40
N PHE A 174 -5.22 4.90 23.94
CA PHE A 174 -4.32 5.82 24.63
C PHE A 174 -4.68 6.02 26.10
N VAL A 175 -5.30 5.01 26.71
CA VAL A 175 -5.57 5.06 28.14
C VAL A 175 -4.29 4.67 28.88
N GLU A 176 -3.75 5.60 29.66
CA GLU A 176 -2.51 5.37 30.36
C GLU A 176 -2.73 4.53 31.61
N ASP A 177 -3.84 4.79 32.30
CA ASP A 177 -4.15 4.08 33.54
C ASP A 177 -4.95 2.81 33.27
N GLU A 178 -4.29 1.67 33.40
CA GLU A 178 -4.89 0.38 33.08
C GLU A 178 -5.87 -0.13 34.16
N THR A 179 -5.90 0.54 35.30
CA THR A 179 -6.77 0.12 36.40
C THR A 179 -8.20 0.60 36.22
N LEU A 180 -8.41 1.55 35.31
CA LEU A 180 -9.74 2.10 35.06
C LEU A 180 -10.71 1.00 34.61
N LEU A 181 -11.98 1.17 34.99
CA LEU A 181 -13.01 0.19 34.67
C LEU A 181 -13.62 0.47 33.29
N VAL A 182 -14.20 -0.57 32.69
CA VAL A 182 -14.86 -0.44 31.40
C VAL A 182 -15.97 0.61 31.46
N SER A 183 -16.71 0.61 32.57
CA SER A 183 -17.85 1.51 32.74
C SER A 183 -17.45 2.98 32.63
N GLU A 184 -16.20 3.28 32.95
CA GLU A 184 -15.73 4.66 32.95
C GLU A 184 -15.38 5.14 31.53
N ILE A 185 -14.78 4.25 30.74
CA ILE A 185 -14.32 4.57 29.38
C ILE A 185 -15.18 4.15 28.18
N MET A 186 -16.18 3.32 28.41
CA MET A 186 -17.04 2.84 27.34
C MET A 186 -17.99 3.87 26.74
N THR A 187 -18.39 3.62 25.49
CA THR A 187 -19.34 4.46 24.79
C THR A 187 -20.73 3.95 25.18
N LYS A 188 -21.56 4.86 25.68
CA LYS A 188 -22.90 4.52 26.16
C LYS A 188 -24.08 4.66 25.18
N ASP A 189 -23.92 5.51 24.17
CA ASP A 189 -24.96 5.65 23.19
C ASP A 189 -24.61 4.67 22.08
N VAL A 190 -25.32 3.55 22.04
CA VAL A 190 -25.06 2.53 21.04
C VAL A 190 -26.27 2.29 20.14
N ILE A 191 -26.07 2.46 18.85
CA ILE A 191 -27.09 2.24 17.84
C ILE A 191 -27.22 0.73 17.67
N THR A 192 -28.45 0.23 17.77
CA THR A 192 -28.68 -1.22 17.72
C THR A 192 -29.77 -1.57 16.72
N GLY A 193 -29.77 -2.84 16.29
CA GLY A 193 -30.82 -3.38 15.46
C GLY A 193 -31.72 -4.27 16.30
N LYS A 194 -32.99 -4.34 15.94
CA LYS A 194 -33.97 -5.12 16.69
C LYS A 194 -33.90 -6.59 16.29
N GLN A 195 -34.06 -7.48 17.27
CA GLN A 195 -34.11 -8.91 17.01
C GLN A 195 -35.22 -9.22 16.01
N GLY A 196 -34.94 -10.10 15.06
CA GLY A 196 -35.88 -10.42 14.00
C GLY A 196 -35.53 -9.73 12.70
N ILE A 197 -34.65 -8.74 12.77
CA ILE A 197 -34.18 -8.04 11.58
C ILE A 197 -33.39 -8.99 10.69
N ASN A 198 -33.58 -8.84 9.38
CA ASN A 198 -32.88 -9.65 8.39
C ASN A 198 -31.48 -9.08 8.17
N LEU A 199 -30.63 -9.88 7.54
CA LEU A 199 -29.25 -9.47 7.33
C LEU A 199 -29.14 -8.22 6.47
N GLU A 200 -29.95 -8.12 5.43
CA GLU A 200 -29.90 -6.95 4.56
C GLU A 200 -30.30 -5.68 5.30
N GLU A 201 -31.36 -5.75 6.11
CA GLU A 201 -31.83 -4.61 6.86
C GLU A 201 -30.75 -4.15 7.85
N ALA A 202 -30.09 -5.13 8.46
CA ALA A 202 -29.06 -4.87 9.46
C ALA A 202 -27.82 -4.26 8.79
N ASN A 203 -27.42 -4.81 7.65
CA ASN A 203 -26.29 -4.27 6.91
C ASN A 203 -26.51 -2.82 6.52
N GLN A 204 -27.73 -2.48 6.15
CA GLN A 204 -28.05 -1.12 5.71
C GLN A 204 -27.92 -0.14 6.85
N ILE A 205 -28.38 -0.53 8.03
CA ILE A 205 -28.22 0.32 9.22
C ILE A 205 -26.74 0.52 9.50
N LEU A 206 -25.98 -0.58 9.44
CA LEU A 206 -24.55 -0.53 9.71
C LEU A 206 -23.82 0.38 8.74
N LYS A 207 -24.18 0.32 7.47
CA LYS A 207 -23.55 1.18 6.46
C LYS A 207 -23.90 2.63 6.70
N ASN A 208 -25.09 2.90 7.25
CA ASN A 208 -25.53 4.26 7.51
C ASN A 208 -24.83 4.89 8.72
N THR A 209 -24.67 4.12 9.78
CA THR A 209 -24.03 4.63 10.99
C THR A 209 -22.53 4.81 10.80
N LYS A 210 -21.96 3.99 9.91
CA LYS A 210 -20.53 4.01 9.62
C LYS A 210 -19.71 3.68 10.88
N LYS A 211 -20.31 2.92 11.78
CA LYS A 211 -19.61 2.48 12.99
C LYS A 211 -19.01 1.09 12.77
N GLY A 212 -18.17 0.67 13.70
CA GLY A 212 -17.50 -0.61 13.61
C GLY A 212 -18.43 -1.80 13.78
N LYS A 213 -19.46 -1.62 14.59
CA LYS A 213 -20.37 -2.72 14.94
C LYS A 213 -21.83 -2.31 14.89
N LEU A 214 -22.70 -3.31 14.82
CA LEU A 214 -24.14 -3.11 15.02
C LEU A 214 -24.66 -4.21 15.94
N PRO A 215 -24.70 -3.94 17.25
CA PRO A 215 -25.27 -4.93 18.16
C PRO A 215 -26.76 -5.16 17.91
N ILE A 216 -27.20 -6.40 18.04
CA ILE A 216 -28.62 -6.73 17.91
C ILE A 216 -29.16 -7.10 19.29
N VAL A 217 -30.30 -6.52 19.65
CA VAL A 217 -30.90 -6.74 20.97
C VAL A 217 -32.37 -7.10 20.84
N ASP A 218 -32.90 -7.79 21.86
CA ASP A 218 -34.30 -8.15 21.90
C ASP A 218 -35.12 -7.02 22.53
N GLU A 219 -36.40 -7.27 22.73
CA GLU A 219 -37.31 -6.26 23.28
C GLU A 219 -36.93 -5.87 24.71
N ALA A 220 -36.29 -6.79 25.43
CA ALA A 220 -35.87 -6.54 26.80
C ALA A 220 -34.56 -5.77 26.89
N GLY A 221 -33.92 -5.55 25.73
CA GLY A 221 -32.66 -4.82 25.67
C GLY A 221 -31.45 -5.70 25.88
N CYS A 222 -31.65 -7.00 25.78
CA CYS A 222 -30.57 -7.97 25.96
C CYS A 222 -29.90 -8.32 24.63
N LEU A 223 -28.57 -8.42 24.66
CA LEU A 223 -27.78 -8.73 23.46
C LEU A 223 -28.03 -10.15 22.96
N VAL A 224 -28.30 -10.28 21.66
CA VAL A 224 -28.50 -11.59 21.05
C VAL A 224 -27.47 -11.87 19.94
N SER A 225 -27.04 -10.81 19.25
CA SER A 225 -26.07 -10.96 18.18
C SER A 225 -25.37 -9.63 17.86
N MET A 226 -24.56 -9.64 16.81
CA MET A 226 -23.81 -8.45 16.43
C MET A 226 -23.28 -8.57 15.00
N LEU A 227 -23.24 -7.44 14.29
CA LEU A 227 -22.60 -7.37 12.97
C LEU A 227 -21.31 -6.58 13.07
N SER A 228 -20.45 -6.78 12.08
CA SER A 228 -19.19 -6.08 11.97
C SER A 228 -18.96 -5.52 10.57
N ARG A 229 -18.45 -4.30 10.54
CA ARG A 229 -18.14 -3.60 9.30
C ARG A 229 -17.05 -4.33 8.51
N THR A 230 -16.06 -4.91 9.20
CA THR A 230 -14.97 -5.60 8.52
C THR A 230 -15.50 -6.78 7.70
N ASP A 231 -16.58 -7.39 8.17
CA ASP A 231 -17.17 -8.48 7.43
C ASP A 231 -17.64 -7.94 6.07
N LEU A 232 -18.21 -6.75 6.05
CA LEU A 232 -18.62 -6.15 4.79
C LEU A 232 -17.39 -5.92 3.94
N MET A 233 -16.30 -5.49 4.56
CA MET A 233 -15.05 -5.23 3.88
C MET A 233 -14.45 -6.53 3.33
N LYS A 234 -14.60 -7.60 4.10
CA LYS A 234 -14.13 -8.92 3.70
C LYS A 234 -14.89 -9.43 2.48
N ASN A 235 -16.20 -9.16 2.46
CA ASN A 235 -17.02 -9.53 1.32
C ASN A 235 -16.63 -8.75 0.09
N GLN A 236 -16.29 -7.47 0.30
CA GLN A 236 -15.90 -6.59 -0.79
C GLN A 236 -14.54 -6.97 -1.36
N SER A 237 -13.61 -7.34 -0.49
CA SER A 237 -12.25 -7.65 -0.92
C SER A 237 -12.11 -9.05 -1.52
N TYR A 238 -13.04 -9.94 -1.18
CA TYR A 238 -12.99 -11.33 -1.64
C TYR A 238 -14.33 -11.78 -2.21
N PRO A 239 -14.65 -11.35 -3.43
CA PRO A 239 -15.95 -11.67 -4.03
C PRO A 239 -16.11 -13.13 -4.45
N LEU A 240 -15.00 -13.86 -4.54
CA LEU A 240 -15.05 -15.27 -4.91
C LEU A 240 -14.92 -16.19 -3.71
N ALA A 241 -14.95 -15.61 -2.51
CA ALA A 241 -14.73 -16.37 -1.28
C ALA A 241 -15.68 -17.55 -1.16
N SER A 242 -15.14 -18.70 -0.74
CA SER A 242 -15.96 -19.87 -0.49
C SER A 242 -16.64 -19.74 0.86
N LYS A 243 -17.91 -19.39 0.85
CA LYS A 243 -18.67 -19.23 2.08
C LYS A 243 -20.11 -19.63 1.93
N SER A 244 -20.74 -19.94 3.06
CA SER A 244 -22.15 -20.28 3.05
C SER A 244 -22.98 -19.08 2.65
N ALA A 245 -23.91 -19.29 1.73
CA ALA A 245 -24.77 -18.20 1.26
C ALA A 245 -25.68 -17.71 2.38
N ASP A 246 -25.95 -18.59 3.35
CA ASP A 246 -26.85 -18.25 4.44
C ASP A 246 -26.13 -17.53 5.58
N THR A 247 -25.12 -18.19 6.15
CA THR A 247 -24.45 -17.69 7.34
C THR A 247 -23.32 -16.73 7.03
N LYS A 248 -22.87 -16.74 5.77
CA LYS A 248 -21.75 -15.91 5.30
C LYS A 248 -20.42 -16.28 5.96
N GLN A 249 -20.36 -17.45 6.58
CA GLN A 249 -19.12 -17.94 7.16
C GLN A 249 -18.33 -18.73 6.12
N LEU A 250 -17.01 -18.65 6.18
CA LEU A 250 -16.16 -19.39 5.26
C LEU A 250 -16.37 -20.89 5.39
N LEU A 251 -16.32 -21.60 4.26
CA LEU A 251 -16.40 -23.05 4.28
C LEU A 251 -15.10 -23.62 4.83
N CYS A 252 -15.21 -24.71 5.58
CA CYS A 252 -14.05 -25.34 6.19
C CYS A 252 -14.09 -26.86 6.09
N GLY A 253 -12.96 -27.44 5.73
CA GLY A 253 -12.81 -28.88 5.69
C GLY A 253 -11.86 -29.35 6.77
N ALA A 254 -11.92 -30.65 7.10
CA ALA A 254 -11.04 -31.24 8.08
C ALA A 254 -10.89 -32.73 7.82
N ALA A 255 -9.74 -33.29 8.21
CA ALA A 255 -9.46 -34.70 8.02
C ALA A 255 -9.62 -35.47 9.32
N ILE A 256 -10.00 -36.74 9.21
CA ILE A 256 -10.04 -37.64 10.35
C ILE A 256 -9.66 -39.05 9.92
N GLY A 257 -9.33 -39.89 10.90
CA GLY A 257 -9.11 -41.31 10.65
C GLY A 257 -10.45 -42.02 10.62
N THR A 258 -10.43 -43.35 10.53
CA THR A 258 -11.66 -44.13 10.45
C THR A 258 -11.80 -45.15 11.58
N ILE A 259 -11.10 -44.91 12.69
CA ILE A 259 -11.24 -45.75 13.88
C ILE A 259 -12.33 -45.18 14.78
N ASP A 260 -12.78 -45.98 15.75
CA ASP A 260 -13.90 -45.61 16.62
C ASP A 260 -13.70 -44.30 17.37
N ALA A 261 -12.46 -43.99 17.72
CA ALA A 261 -12.17 -42.77 18.47
C ALA A 261 -12.48 -41.51 17.65
N ASP A 262 -12.39 -41.64 16.32
CA ASP A 262 -12.64 -40.50 15.44
C ASP A 262 -14.12 -40.13 15.38
N ARG A 263 -14.97 -41.00 15.90
CA ARG A 263 -16.41 -40.72 15.93
C ARG A 263 -16.71 -39.55 16.86
N GLN A 264 -16.12 -39.58 18.06
CA GLN A 264 -16.26 -38.49 19.01
C GLN A 264 -15.56 -37.25 18.48
N ARG A 265 -14.43 -37.47 17.81
CA ARG A 265 -13.66 -36.39 17.21
C ARG A 265 -14.49 -35.62 16.19
N LEU A 266 -15.13 -36.35 15.28
CA LEU A 266 -15.92 -35.72 14.24
C LEU A 266 -17.08 -34.92 14.83
N ALA A 267 -17.70 -35.48 15.85
CA ALA A 267 -18.81 -34.83 16.53
C ALA A 267 -18.39 -33.45 17.05
N MET A 268 -17.15 -33.36 17.51
CA MET A 268 -16.60 -32.10 18.00
C MET A 268 -16.32 -31.14 16.84
N LEU A 269 -15.89 -31.68 15.70
CA LEU A 269 -15.65 -30.87 14.52
C LEU A 269 -16.95 -30.32 13.97
N VAL A 270 -17.98 -31.17 13.98
CA VAL A 270 -19.31 -30.76 13.50
C VAL A 270 -19.86 -29.65 14.38
N GLU A 271 -19.64 -29.74 15.69
CA GLU A 271 -20.09 -28.71 16.61
C GLU A 271 -19.39 -27.38 16.31
N ALA A 272 -18.17 -27.46 15.79
CA ALA A 272 -17.40 -26.26 15.45
C ALA A 272 -17.82 -25.67 14.11
N GLY A 273 -18.69 -26.38 13.39
CA GLY A 273 -19.25 -25.88 12.15
C GLY A 273 -18.62 -26.44 10.90
N LEU A 274 -18.07 -27.65 11.00
CA LEU A 274 -17.42 -28.30 9.86
C LEU A 274 -18.41 -28.50 8.72
N ASP A 275 -17.97 -28.22 7.49
CA ASP A 275 -18.81 -28.33 6.30
C ASP A 275 -18.52 -29.61 5.52
N VAL A 276 -17.28 -30.05 5.53
CA VAL A 276 -16.88 -31.26 4.82
C VAL A 276 -15.78 -32.00 5.56
N VAL A 277 -15.89 -33.32 5.58
CA VAL A 277 -14.90 -34.16 6.25
C VAL A 277 -14.18 -35.02 5.21
N VAL A 278 -12.87 -35.17 5.40
CA VAL A 278 -12.06 -36.04 4.56
C VAL A 278 -11.58 -37.23 5.38
N LEU A 279 -11.92 -38.44 4.93
CA LEU A 279 -11.44 -39.64 5.59
C LEU A 279 -10.01 -39.92 5.11
N ASP A 280 -9.05 -39.68 6.00
CA ASP A 280 -7.64 -39.67 5.63
C ASP A 280 -7.02 -41.06 5.69
N SER A 281 -6.61 -41.57 4.54
CA SER A 281 -5.99 -42.89 4.45
C SER A 281 -5.24 -43.06 3.13
N SER A 282 -4.15 -43.81 3.17
CA SER A 282 -3.39 -44.12 1.96
C SER A 282 -4.09 -45.19 1.13
N GLN A 283 -4.96 -45.95 1.78
CA GLN A 283 -5.74 -47.00 1.11
C GLN A 283 -7.13 -47.05 1.73
N GLY A 284 -8.04 -46.27 1.16
CA GLY A 284 -9.35 -46.06 1.75
C GLY A 284 -10.36 -47.18 1.54
N ASN A 285 -10.05 -48.13 0.65
CA ASN A 285 -10.97 -49.22 0.38
C ASN A 285 -10.89 -50.28 1.46
N SER A 286 -11.40 -49.95 2.64
CA SER A 286 -11.38 -50.85 3.78
C SER A 286 -12.75 -50.92 4.45
N VAL A 287 -13.02 -52.02 5.14
CA VAL A 287 -14.25 -52.16 5.90
C VAL A 287 -14.32 -51.06 6.97
N PHE A 288 -13.16 -50.67 7.47
CA PHE A 288 -13.07 -49.62 8.48
C PHE A 288 -13.65 -48.31 7.96
N GLN A 289 -13.21 -47.89 6.79
CA GLN A 289 -13.64 -46.63 6.22
C GLN A 289 -15.08 -46.69 5.70
N ILE A 290 -15.46 -47.83 5.12
CA ILE A 290 -16.82 -48.01 4.63
C ILE A 290 -17.83 -47.85 5.75
N ASN A 291 -17.56 -48.46 6.89
CA ASN A 291 -18.43 -48.32 8.06
C ASN A 291 -18.49 -46.87 8.54
N MET A 292 -17.34 -46.21 8.54
CA MET A 292 -17.27 -44.82 8.96
C MET A 292 -18.12 -43.95 8.04
N ILE A 293 -18.04 -44.19 6.74
CA ILE A 293 -18.86 -43.46 5.78
C ILE A 293 -20.33 -43.66 6.12
N LYS A 294 -20.73 -44.92 6.25
CA LYS A 294 -22.11 -45.28 6.54
C LYS A 294 -22.59 -44.61 7.82
N TRP A 295 -21.75 -44.62 8.85
CA TRP A 295 -22.10 -44.03 10.14
C TRP A 295 -22.30 -42.53 10.04
N ILE A 296 -21.49 -41.87 9.21
CA ILE A 296 -21.57 -40.43 9.07
C ILE A 296 -22.83 -40.00 8.34
N LYS A 297 -23.18 -40.70 7.26
CA LYS A 297 -24.32 -40.32 6.43
C LYS A 297 -25.63 -40.39 7.21
N GLU A 298 -25.72 -41.33 8.15
CA GLU A 298 -26.94 -41.48 8.96
C GLU A 298 -26.91 -40.60 10.21
N THR A 299 -25.71 -40.27 10.68
CA THR A 299 -25.55 -39.47 11.88
C THR A 299 -25.51 -37.98 11.57
N PHE A 300 -24.71 -37.61 10.57
CA PHE A 300 -24.57 -36.21 10.17
C PHE A 300 -24.95 -36.03 8.70
N PRO A 301 -26.27 -36.07 8.41
CA PRO A 301 -26.76 -36.05 7.02
C PRO A 301 -26.39 -34.78 6.24
N ASP A 302 -26.13 -33.69 6.94
CA ASP A 302 -25.81 -32.43 6.27
C ASP A 302 -24.31 -32.29 6.01
N LEU A 303 -23.52 -33.22 6.56
CA LEU A 303 -22.08 -33.19 6.40
C LEU A 303 -21.66 -33.90 5.12
N GLN A 304 -20.90 -33.21 4.28
CA GLN A 304 -20.37 -33.80 3.06
C GLN A 304 -19.14 -34.65 3.36
N VAL A 305 -19.09 -35.83 2.76
CA VAL A 305 -18.03 -36.80 3.05
C VAL A 305 -17.17 -37.08 1.82
N ILE A 306 -15.87 -36.85 1.97
CA ILE A 306 -14.89 -37.19 0.94
C ILE A 306 -14.12 -38.42 1.39
N ALA A 307 -14.22 -39.48 0.62
CA ALA A 307 -13.58 -40.76 0.94
C ALA A 307 -12.31 -40.95 0.10
N GLY A 308 -11.43 -41.83 0.57
CA GLY A 308 -10.18 -42.10 -0.13
C GLY A 308 -9.07 -42.44 0.85
N ASN A 309 -7.83 -42.58 0.38
CA ASN A 309 -7.49 -42.42 -1.05
C ASN A 309 -7.73 -43.68 -1.86
N VAL A 310 -8.03 -43.48 -3.15
CA VAL A 310 -8.23 -44.58 -4.08
C VAL A 310 -7.46 -44.32 -5.37
N VAL A 311 -7.20 -45.37 -6.13
CA VAL A 311 -6.53 -45.22 -7.43
C VAL A 311 -7.10 -46.18 -8.49
N THR A 312 -8.01 -47.07 -8.07
CA THR A 312 -8.63 -48.01 -9.01
C THR A 312 -10.14 -47.86 -9.07
N ARG A 313 -10.71 -48.34 -10.17
CA ARG A 313 -12.15 -48.35 -10.38
C ARG A 313 -12.87 -49.10 -9.27
N GLU A 314 -12.30 -50.23 -8.86
CA GLU A 314 -12.93 -51.09 -7.86
C GLU A 314 -13.02 -50.40 -6.50
N GLN A 315 -11.94 -49.71 -6.12
CA GLN A 315 -11.93 -48.94 -4.88
C GLN A 315 -13.03 -47.89 -4.89
N ALA A 316 -13.12 -47.18 -6.00
CA ALA A 316 -14.08 -46.09 -6.16
C ALA A 316 -15.52 -46.59 -6.00
N ALA A 317 -15.81 -47.71 -6.66
CA ALA A 317 -17.15 -48.29 -6.60
C ALA A 317 -17.53 -48.61 -5.16
N SER A 318 -16.56 -49.15 -4.42
CA SER A 318 -16.79 -49.56 -3.04
C SER A 318 -17.15 -48.37 -2.15
N LEU A 319 -16.42 -47.27 -2.28
CA LEU A 319 -16.65 -46.10 -1.44
C LEU A 319 -17.83 -45.25 -1.92
N ILE A 320 -18.09 -45.28 -3.22
CA ILE A 320 -19.29 -44.62 -3.75
C ILE A 320 -20.52 -45.34 -3.22
N HIS A 321 -20.44 -46.68 -3.22
CA HIS A 321 -21.52 -47.50 -2.69
C HIS A 321 -21.74 -47.26 -1.20
N ALA A 322 -20.67 -46.92 -0.50
CA ALA A 322 -20.74 -46.67 0.93
C ALA A 322 -21.50 -45.38 1.23
N GLY A 323 -21.48 -44.45 0.27
CA GLY A 323 -22.23 -43.21 0.37
C GLY A 323 -21.35 -41.97 0.31
N ALA A 324 -20.16 -42.10 -0.27
CA ALA A 324 -19.23 -40.98 -0.39
C ALA A 324 -19.78 -39.90 -1.31
N ASP A 325 -19.59 -38.64 -0.90
CA ASP A 325 -20.02 -37.49 -1.69
C ASP A 325 -18.90 -37.00 -2.61
N GLY A 326 -17.71 -37.56 -2.40
CA GLY A 326 -16.55 -37.21 -3.21
C GLY A 326 -15.42 -38.18 -2.96
N LEU A 327 -14.46 -38.22 -3.89
CA LEU A 327 -13.32 -39.13 -3.77
C LEU A 327 -11.99 -38.39 -3.85
N ARG A 328 -11.03 -38.90 -3.08
CA ARG A 328 -9.66 -38.39 -3.08
C ARG A 328 -8.78 -39.40 -3.82
N ILE A 329 -8.16 -38.97 -4.92
CA ILE A 329 -7.38 -39.87 -5.78
C ILE A 329 -5.88 -39.66 -5.64
N GLY A 330 -5.15 -40.75 -5.38
CA GLY A 330 -3.71 -40.70 -5.31
C GLY A 330 -3.12 -41.72 -4.35
N MET A 331 -2.08 -42.43 -4.80
CA MET A 331 -1.36 -43.36 -3.94
C MET A 331 0.08 -43.45 -4.40
N GLY A 332 0.96 -42.78 -3.66
CA GLY A 332 2.38 -42.79 -3.96
C GLY A 332 2.83 -41.62 -4.81
N SER A 333 1.88 -40.81 -5.25
CA SER A 333 2.18 -39.67 -6.10
C SER A 333 2.69 -38.46 -5.30
N GLY A 334 2.58 -38.53 -3.98
CA GLY A 334 2.98 -37.43 -3.12
C GLY A 334 4.47 -37.17 -3.14
N SER A 335 4.84 -35.90 -3.01
CA SER A 335 6.24 -35.49 -3.03
C SER A 335 7.04 -36.07 -1.86
N ILE A 336 6.35 -36.29 -0.74
CA ILE A 336 6.98 -36.80 0.48
C ILE A 336 6.55 -38.23 0.76
N CYS A 337 5.82 -38.83 -0.18
CA CYS A 337 5.24 -40.14 0.01
C CYS A 337 6.14 -41.21 -0.61
N ILE A 338 6.35 -42.29 0.13
CA ILE A 338 7.20 -43.40 -0.32
C ILE A 338 6.45 -44.72 -0.28
N THR A 339 5.12 -44.65 -0.33
CA THR A 339 4.27 -45.83 -0.24
C THR A 339 4.61 -46.85 -1.32
N GLN A 340 4.85 -46.38 -2.54
CA GLN A 340 5.11 -47.27 -3.65
C GLN A 340 6.42 -48.07 -3.50
N GLU A 341 7.45 -47.44 -2.98
CA GLU A 341 8.74 -48.11 -2.80
C GLU A 341 8.70 -49.05 -1.58
N VAL A 342 7.85 -48.71 -0.61
CA VAL A 342 7.78 -49.46 0.64
C VAL A 342 6.68 -50.52 0.60
N MET A 343 5.58 -50.23 -0.10
CA MET A 343 4.45 -51.16 -0.16
C MET A 343 4.32 -51.83 -1.54
N ALA A 344 5.14 -51.40 -2.50
CA ALA A 344 5.03 -51.87 -3.89
C ALA A 344 3.64 -51.58 -4.45
N CYS A 345 2.92 -50.67 -3.80
CA CYS A 345 1.52 -50.46 -4.07
C CYS A 345 1.17 -49.00 -4.33
N GLY A 346 0.53 -48.75 -5.47
CA GLY A 346 0.16 -47.40 -5.86
C GLY A 346 -0.23 -47.35 -7.33
N ARG A 347 -0.17 -46.16 -7.93
CA ARG A 347 -0.48 -46.01 -9.35
C ARG A 347 -0.01 -44.66 -9.88
N PRO A 348 0.47 -44.61 -11.13
CA PRO A 348 0.76 -43.32 -11.75
C PRO A 348 -0.48 -42.43 -11.73
N GLN A 349 -0.30 -41.17 -11.31
CA GLN A 349 -1.43 -40.31 -10.98
C GLN A 349 -2.35 -40.01 -12.17
N GLY A 350 -1.77 -39.81 -13.35
CA GLY A 350 -2.55 -39.55 -14.54
C GLY A 350 -3.52 -40.69 -14.82
N THR A 351 -3.00 -41.91 -14.88
CA THR A 351 -3.81 -43.08 -15.13
C THR A 351 -4.84 -43.27 -14.01
N ALA A 352 -4.42 -42.97 -12.78
CA ALA A 352 -5.30 -43.11 -11.62
C ALA A 352 -6.51 -42.19 -11.71
N VAL A 353 -6.25 -40.92 -12.03
CA VAL A 353 -7.32 -39.95 -12.13
C VAL A 353 -8.30 -40.32 -13.25
N TYR A 354 -7.76 -40.71 -14.40
CA TYR A 354 -8.61 -41.01 -15.54
C TYR A 354 -9.54 -42.18 -15.26
N ASN A 355 -8.98 -43.31 -14.84
CA ASN A 355 -9.75 -44.52 -14.68
C ASN A 355 -10.77 -44.42 -13.54
N VAL A 356 -10.42 -43.70 -12.49
CA VAL A 356 -11.33 -43.53 -11.35
C VAL A 356 -12.48 -42.58 -11.71
N THR A 357 -12.16 -41.45 -12.32
CA THR A 357 -13.18 -40.45 -12.63
C THR A 357 -14.10 -40.91 -13.74
N GLN A 358 -13.57 -41.69 -14.68
CA GLN A 358 -14.38 -42.20 -15.78
C GLN A 358 -15.51 -43.05 -15.22
N PHE A 359 -15.28 -43.65 -14.06
CA PHE A 359 -16.29 -44.40 -13.33
C PHE A 359 -17.11 -43.49 -12.42
N ALA A 360 -16.41 -42.65 -11.65
CA ALA A 360 -17.06 -41.81 -10.64
C ALA A 360 -17.99 -40.77 -11.26
N ASN A 361 -17.61 -40.23 -12.42
CA ASN A 361 -18.44 -39.21 -13.06
C ASN A 361 -19.83 -39.73 -13.44
N GLN A 362 -19.93 -41.05 -13.66
CA GLN A 362 -21.21 -41.66 -14.00
C GLN A 362 -22.19 -41.59 -12.83
N PHE A 363 -21.65 -41.44 -11.61
CA PHE A 363 -22.47 -41.39 -10.40
C PHE A 363 -22.55 -39.97 -9.83
N GLY A 364 -22.01 -39.01 -10.58
CA GLY A 364 -22.02 -37.62 -10.15
C GLY A 364 -21.19 -37.38 -8.91
N VAL A 365 -20.12 -38.15 -8.77
CA VAL A 365 -19.21 -38.03 -7.63
C VAL A 365 -17.91 -37.32 -8.02
N PRO A 366 -17.75 -36.05 -7.61
CA PRO A 366 -16.52 -35.32 -7.97
C PRO A 366 -15.29 -35.92 -7.29
N CYS A 367 -14.14 -35.84 -7.96
CA CYS A 367 -12.91 -36.42 -7.44
C CYS A 367 -11.79 -35.39 -7.30
N ILE A 368 -11.05 -35.50 -6.19
CA ILE A 368 -9.87 -34.68 -5.95
C ILE A 368 -8.62 -35.38 -6.46
N ALA A 369 -7.85 -34.68 -7.28
CA ALA A 369 -6.53 -35.18 -7.70
C ALA A 369 -5.49 -34.76 -6.67
N ASP A 370 -5.07 -35.71 -5.85
CA ASP A 370 -4.21 -35.45 -4.70
C ASP A 370 -2.81 -36.02 -4.90
N GLY A 371 -1.83 -35.11 -4.96
CA GLY A 371 -0.43 -35.48 -5.06
C GLY A 371 0.16 -35.35 -6.45
N GLY A 372 1.44 -35.01 -6.51
CA GLY A 372 2.16 -34.91 -7.76
C GLY A 372 1.96 -33.59 -8.47
N VAL A 373 1.21 -32.68 -7.85
CA VAL A 373 0.95 -31.37 -8.42
C VAL A 373 2.02 -30.39 -7.98
N GLN A 374 2.66 -29.72 -8.95
CA GLN A 374 3.77 -28.82 -8.68
C GLN A 374 3.64 -27.50 -9.45
N ASN A 375 2.79 -27.48 -10.47
CA ASN A 375 2.65 -26.29 -11.32
C ASN A 375 1.28 -26.22 -11.98
N ILE A 376 1.02 -25.10 -12.65
CA ILE A 376 -0.27 -24.84 -13.29
C ILE A 376 -0.57 -25.90 -14.34
N GLY A 377 0.47 -26.40 -15.01
CA GLY A 377 0.30 -27.41 -16.03
C GLY A 377 -0.27 -28.71 -15.49
N HIS A 378 0.19 -29.10 -14.30
CA HIS A 378 -0.30 -30.30 -13.65
C HIS A 378 -1.79 -30.16 -13.31
N ILE A 379 -2.18 -28.95 -12.93
CA ILE A 379 -3.56 -28.68 -12.57
C ILE A 379 -4.45 -28.85 -13.80
N THR A 380 -3.99 -28.31 -14.92
CA THR A 380 -4.72 -28.40 -16.18
C THR A 380 -4.91 -29.84 -16.62
N LYS A 381 -3.82 -30.60 -16.58
CA LYS A 381 -3.84 -31.99 -17.03
C LYS A 381 -4.69 -32.87 -16.11
N ALA A 382 -4.65 -32.59 -14.81
CA ALA A 382 -5.44 -33.34 -13.85
C ALA A 382 -6.93 -33.17 -14.12
N ILE A 383 -7.34 -31.94 -14.39
CA ILE A 383 -8.73 -31.65 -14.72
C ILE A 383 -9.09 -32.26 -16.06
N ALA A 384 -8.16 -32.20 -17.01
CA ALA A 384 -8.36 -32.78 -18.33
C ALA A 384 -8.66 -34.27 -18.24
N LEU A 385 -8.00 -34.94 -17.29
CA LEU A 385 -8.15 -36.38 -17.14
C LEU A 385 -9.38 -36.75 -16.32
N GLY A 386 -10.09 -35.74 -15.81
CA GLY A 386 -11.37 -35.95 -15.16
C GLY A 386 -11.51 -35.42 -13.74
N ALA A 387 -10.42 -34.93 -13.16
CA ALA A 387 -10.48 -34.41 -11.80
C ALA A 387 -11.37 -33.17 -11.73
N SER A 388 -12.09 -33.01 -10.62
CA SER A 388 -12.92 -31.83 -10.40
C SER A 388 -12.14 -30.76 -9.65
N THR A 389 -11.28 -31.20 -8.73
CA THR A 389 -10.39 -30.28 -8.03
C THR A 389 -9.02 -30.93 -7.89
N VAL A 390 -8.04 -30.13 -7.50
CA VAL A 390 -6.69 -30.63 -7.26
C VAL A 390 -6.29 -30.29 -5.83
N MET A 391 -5.62 -31.24 -5.18
CA MET A 391 -5.13 -31.03 -3.83
C MET A 391 -3.64 -30.74 -3.90
N MET A 392 -3.21 -29.72 -3.16
CA MET A 392 -1.82 -29.30 -3.14
C MET A 392 -1.26 -29.31 -1.72
N GLY A 393 -0.12 -29.97 -1.57
CA GLY A 393 0.60 -30.01 -0.31
C GLY A 393 1.89 -29.22 -0.39
N GLY A 394 2.88 -29.79 -1.07
CA GLY A 394 4.19 -29.17 -1.17
C GLY A 394 4.18 -27.79 -1.79
N MET A 395 3.27 -27.57 -2.73
CA MET A 395 3.15 -26.29 -3.41
C MET A 395 2.77 -25.16 -2.46
N LEU A 396 2.01 -25.49 -1.42
CA LEU A 396 1.52 -24.48 -0.49
C LEU A 396 2.36 -24.44 0.78
N ALA A 397 3.13 -25.50 1.02
CA ALA A 397 4.10 -25.48 2.11
C ALA A 397 5.18 -24.45 1.79
N GLY A 398 5.60 -23.72 2.81
CA GLY A 398 6.59 -22.67 2.63
C GLY A 398 5.96 -21.32 2.34
N THR A 399 4.63 -21.29 2.23
CA THR A 399 3.91 -20.02 2.12
C THR A 399 3.70 -19.47 3.53
N THR A 400 3.46 -18.17 3.63
CA THR A 400 3.38 -17.52 4.94
C THR A 400 2.20 -18.04 5.76
N GLU A 401 1.12 -18.39 5.08
CA GLU A 401 -0.09 -18.83 5.77
C GLU A 401 0.01 -20.28 6.26
N SER A 402 1.05 -20.96 5.83
CA SER A 402 1.29 -22.33 6.24
C SER A 402 2.03 -22.33 7.56
N PRO A 403 1.79 -23.33 8.41
CA PRO A 403 2.53 -23.42 9.67
C PRO A 403 3.93 -24.00 9.42
N GLY A 404 4.94 -23.75 10.26
CA GLY A 404 4.87 -22.89 11.42
C GLY A 404 5.95 -21.80 11.45
N GLU A 405 7.21 -22.20 11.34
CA GLU A 405 8.32 -21.24 11.36
C GLU A 405 9.42 -21.55 10.33
N TYR A 406 10.06 -20.50 9.81
CA TYR A 406 11.10 -20.63 8.82
C TYR A 406 12.49 -20.77 9.43
N PHE A 407 13.35 -21.51 8.78
CA PHE A 407 14.74 -21.66 9.18
C PHE A 407 15.64 -21.60 7.94
N PHE A 408 16.93 -21.33 8.16
CA PHE A 408 17.86 -21.12 7.05
C PHE A 408 18.91 -22.23 6.98
N ARG A 409 19.05 -22.82 5.79
CA ARG A 409 20.04 -23.85 5.55
C ARG A 409 20.46 -23.84 4.08
N ASP A 410 21.76 -24.04 3.85
CA ASP A 410 22.32 -24.06 2.50
C ASP A 410 22.08 -22.74 1.76
N GLY A 411 21.97 -21.65 2.51
CA GLY A 411 21.74 -20.34 1.92
C GLY A 411 20.34 -20.16 1.36
N LYS A 412 19.40 -20.97 1.83
CA LYS A 412 18.01 -20.88 1.40
C LYS A 412 17.06 -20.78 2.59
N ARG A 413 15.98 -20.01 2.41
CA ARG A 413 14.95 -19.88 3.44
C ARG A 413 13.95 -21.03 3.29
N LEU A 414 13.88 -21.87 4.31
CA LEU A 414 13.13 -23.12 4.21
C LEU A 414 12.06 -23.29 5.28
N LYS A 415 11.08 -24.13 4.97
CA LYS A 415 10.09 -24.59 5.95
C LYS A 415 10.09 -26.12 5.96
N THR A 416 9.89 -26.70 7.14
CA THR A 416 9.81 -28.13 7.28
C THR A 416 8.55 -28.67 6.58
N TYR A 417 8.73 -29.73 5.82
CA TYR A 417 7.62 -30.37 5.11
C TYR A 417 7.77 -31.89 5.20
N ARG A 418 6.78 -32.53 5.83
CA ARG A 418 6.86 -33.96 6.10
C ARG A 418 5.54 -34.66 5.79
N GLY A 419 5.63 -35.94 5.45
CA GLY A 419 4.45 -36.74 5.19
C GLY A 419 3.81 -37.22 6.48
N MET A 420 2.50 -37.38 6.45
CA MET A 420 1.77 -37.82 7.61
C MET A 420 2.16 -39.23 7.98
N GLY A 421 2.78 -39.93 7.03
CA GLY A 421 3.22 -41.28 7.25
C GLY A 421 4.65 -41.36 7.74
N SER A 422 5.29 -40.22 7.96
CA SER A 422 6.66 -40.20 8.44
C SER A 422 6.64 -40.60 9.90
N ILE A 423 7.81 -41.04 10.37
CA ILE A 423 7.96 -41.44 11.74
C ILE A 423 7.74 -40.25 12.68
N ASP A 424 8.23 -39.08 12.30
CA ASP A 424 8.12 -37.87 13.11
C ASP A 424 6.66 -37.49 13.31
N ALA A 425 5.87 -37.57 12.25
CA ALA A 425 4.46 -37.22 12.31
C ALA A 425 3.66 -38.21 13.16
N MET A 426 3.93 -39.50 12.96
CA MET A 426 3.21 -40.55 13.68
C MET A 426 3.57 -40.53 15.18
N GLN A 427 4.71 -39.94 15.50
CA GLN A 427 5.16 -39.84 16.89
C GLN A 427 4.61 -38.58 17.55
N LYS A 428 3.67 -37.91 16.87
CA LYS A 428 3.05 -36.70 17.39
C LYS A 428 4.09 -35.58 17.57
N VAL A 449 6.39 -48.94 10.67
CA VAL A 449 6.79 -48.86 9.27
C VAL A 449 6.37 -47.52 8.68
N ALA A 450 7.36 -46.67 8.40
CA ALA A 450 7.09 -45.37 7.81
C ALA A 450 6.68 -45.49 6.35
N GLN A 451 5.75 -44.64 5.93
CA GLN A 451 5.32 -44.57 4.54
C GLN A 451 5.52 -43.15 4.00
N GLY A 452 6.27 -42.35 4.75
CA GLY A 452 6.59 -40.99 4.37
C GLY A 452 7.91 -40.57 4.99
N VAL A 453 8.42 -39.41 4.59
CA VAL A 453 9.68 -38.89 5.10
C VAL A 453 9.55 -37.45 5.56
N THR A 454 10.58 -36.96 6.25
CA THR A 454 10.64 -35.57 6.68
C THR A 454 11.61 -34.82 5.77
N GLY A 455 11.20 -33.64 5.32
CA GLY A 455 12.02 -32.84 4.43
C GLY A 455 11.80 -31.35 4.60
N SER A 456 12.24 -30.58 3.61
CA SER A 456 12.12 -29.13 3.64
C SER A 456 11.74 -28.58 2.26
N VAL A 457 11.12 -27.40 2.27
CA VAL A 457 10.69 -26.73 1.04
C VAL A 457 11.06 -25.26 1.13
N ILE A 458 11.25 -24.63 -0.04
CA ILE A 458 11.65 -23.23 -0.10
C ILE A 458 10.49 -22.30 0.23
N ASP A 459 10.81 -21.12 0.74
CA ASP A 459 9.83 -20.08 1.01
C ASP A 459 9.16 -19.62 -0.29
N LYS A 460 7.87 -19.30 -0.21
CA LYS A 460 7.10 -18.91 -1.41
C LYS A 460 6.30 -17.62 -1.24
N GLY A 461 6.27 -17.07 -0.02
CA GLY A 461 5.49 -15.88 0.24
C GLY A 461 4.02 -16.16 0.47
N SER A 462 3.19 -15.12 0.39
CA SER A 462 1.78 -15.25 0.73
C SER A 462 0.97 -15.87 -0.40
N ILE A 463 -0.04 -16.68 -0.02
CA ILE A 463 -0.91 -17.31 -1.02
C ILE A 463 -1.90 -16.28 -1.58
N LYS A 464 -1.97 -15.12 -0.96
CA LYS A 464 -2.78 -14.02 -1.47
C LYS A 464 -2.25 -13.56 -2.83
N LYS A 465 -0.99 -13.90 -3.12
CA LYS A 465 -0.41 -13.62 -4.43
C LYS A 465 -0.27 -14.91 -5.24
N TYR A 466 0.03 -16.01 -4.55
CA TYR A 466 0.33 -17.27 -5.21
C TYR A 466 -0.92 -17.93 -5.81
N ILE A 467 -2.05 -17.89 -5.10
CA ILE A 467 -3.27 -18.51 -5.58
C ILE A 467 -3.86 -17.77 -6.78
N PRO A 468 -3.94 -16.43 -6.71
CA PRO A 468 -4.39 -15.71 -7.91
C PRO A 468 -3.49 -15.94 -9.12
N TYR A 469 -2.22 -16.21 -8.89
CA TYR A 469 -1.30 -16.55 -9.97
C TYR A 469 -1.70 -17.88 -10.62
N LEU A 470 -2.02 -18.87 -9.79
CA LEU A 470 -2.48 -20.16 -10.29
C LEU A 470 -3.83 -20.00 -10.98
N TYR A 471 -4.69 -19.18 -10.39
CA TYR A 471 -6.01 -18.91 -10.93
C TYR A 471 -5.91 -18.28 -12.33
N ASN A 472 -5.12 -17.20 -12.41
CA ASN A 472 -4.93 -16.50 -13.67
C ASN A 472 -4.25 -17.41 -14.70
N GLY A 473 -3.32 -18.23 -14.22
CA GLY A 473 -2.59 -19.15 -15.06
C GLY A 473 -3.48 -20.22 -15.66
N LEU A 474 -4.41 -20.73 -14.84
CA LEU A 474 -5.33 -21.76 -15.29
C LEU A 474 -6.30 -21.17 -16.33
N GLN A 475 -6.64 -19.90 -16.16
CA GLN A 475 -7.48 -19.20 -17.13
C GLN A 475 -6.81 -19.15 -18.49
N HIS A 476 -5.52 -18.83 -18.52
CA HIS A 476 -4.77 -18.72 -19.77
C HIS A 476 -4.60 -20.09 -20.44
N SER A 477 -4.46 -21.15 -19.66
CA SER A 477 -4.32 -22.49 -20.23
C SER A 477 -5.63 -22.90 -20.90
N CYS A 478 -6.74 -22.59 -20.24
CA CYS A 478 -8.05 -22.86 -20.82
C CYS A 478 -8.23 -22.09 -22.12
N GLN A 479 -7.77 -20.84 -22.12
CA GLN A 479 -7.85 -19.99 -23.30
C GLN A 479 -7.08 -20.60 -24.47
N ASP A 480 -5.82 -20.97 -24.23
CA ASP A 480 -4.98 -21.58 -25.26
C ASP A 480 -5.63 -22.84 -25.82
N ILE A 481 -6.32 -23.58 -24.95
CA ILE A 481 -6.98 -24.82 -25.34
C ILE A 481 -8.29 -24.52 -26.06
N GLY A 482 -8.88 -23.37 -25.75
CA GLY A 482 -10.06 -22.89 -26.44
C GLY A 482 -11.37 -23.20 -25.73
N VAL A 483 -11.31 -23.30 -24.41
CA VAL A 483 -12.49 -23.58 -23.60
C VAL A 483 -12.74 -22.44 -22.61
N ARG A 484 -14.02 -22.11 -22.43
CA ARG A 484 -14.42 -20.93 -21.68
C ARG A 484 -14.66 -21.23 -20.19
N SER A 485 -14.65 -22.51 -19.83
CA SER A 485 -14.82 -22.91 -18.44
C SER A 485 -14.29 -24.32 -18.24
N LEU A 486 -14.18 -24.74 -16.99
CA LEU A 486 -13.74 -26.09 -16.67
C LEU A 486 -14.84 -27.10 -16.99
N VAL A 487 -16.09 -26.65 -16.90
CA VAL A 487 -17.22 -27.47 -17.31
C VAL A 487 -17.13 -27.75 -18.81
N GLU A 488 -16.88 -26.70 -19.59
CA GLU A 488 -16.74 -26.86 -21.02
C GLU A 488 -15.49 -27.69 -21.33
N PHE A 489 -14.45 -27.48 -20.54
CA PHE A 489 -13.20 -28.23 -20.69
C PHE A 489 -13.46 -29.72 -20.59
N ARG A 490 -14.13 -30.11 -19.50
CA ARG A 490 -14.53 -31.51 -19.29
C ARG A 490 -15.32 -32.07 -20.46
N GLU A 491 -16.31 -31.32 -20.92
CA GLU A 491 -17.19 -31.78 -21.98
C GLU A 491 -16.43 -31.94 -23.31
N LYS A 492 -15.56 -30.99 -23.62
CA LYS A 492 -14.84 -31.00 -24.88
C LYS A 492 -13.77 -32.09 -24.91
N VAL A 493 -13.27 -32.48 -23.74
CA VAL A 493 -12.34 -33.59 -23.65
C VAL A 493 -13.05 -34.91 -23.91
N ASP A 494 -14.21 -35.09 -23.28
CA ASP A 494 -14.96 -36.33 -23.39
C ASP A 494 -15.52 -36.53 -24.81
N SER A 495 -15.80 -35.43 -25.49
CA SER A 495 -16.33 -35.49 -26.86
C SER A 495 -15.22 -35.71 -27.89
N GLY A 496 -13.97 -35.61 -27.45
CA GLY A 496 -12.83 -35.82 -28.33
C GLY A 496 -12.43 -34.56 -29.07
N SER A 497 -12.98 -33.42 -28.67
CA SER A 497 -12.66 -32.15 -29.29
C SER A 497 -11.30 -31.65 -28.84
N VAL A 498 -11.03 -31.73 -27.54
CA VAL A 498 -9.71 -31.42 -27.02
C VAL A 498 -8.78 -32.57 -27.36
N ARG A 499 -7.58 -32.23 -27.84
CA ARG A 499 -6.64 -33.23 -28.33
C ARG A 499 -5.36 -33.24 -27.52
N PHE A 500 -4.67 -34.37 -27.53
CA PHE A 500 -3.48 -34.58 -26.71
C PHE A 500 -2.31 -35.10 -27.53
N GLU A 501 -1.14 -35.14 -26.91
CA GLU A 501 0.06 -35.68 -27.53
C GLU A 501 0.97 -36.24 -26.44
N PHE A 502 1.53 -37.42 -26.68
CA PHE A 502 2.50 -37.99 -25.76
C PHE A 502 3.77 -37.15 -25.77
N ARG A 503 4.52 -37.24 -24.67
CA ARG A 503 5.83 -36.61 -24.55
C ARG A 503 6.87 -37.69 -24.31
N THR A 504 7.70 -37.93 -25.30
CA THR A 504 8.87 -38.78 -25.16
C THR A 504 9.84 -38.06 -24.23
N PRO A 505 10.81 -38.77 -23.63
CA PRO A 505 11.74 -38.08 -22.73
C PRO A 505 12.43 -36.87 -23.38
N SER A 506 12.70 -36.94 -24.67
CA SER A 506 13.32 -35.83 -25.38
C SER A 506 12.38 -34.64 -25.46
N ALA A 507 11.09 -34.92 -25.65
CA ALA A 507 10.09 -33.86 -25.77
C ALA A 507 9.88 -33.12 -24.46
N GLN A 508 10.01 -33.84 -23.34
CA GLN A 508 9.85 -33.23 -22.02
C GLN A 508 11.01 -32.28 -21.72
N LEU A 509 12.21 -32.69 -22.09
CA LEU A 509 13.39 -31.84 -21.93
C LEU A 509 13.27 -30.62 -22.83
N GLU A 510 12.75 -30.83 -24.03
CA GLU A 510 12.53 -29.75 -24.99
C GLU A 510 11.44 -28.81 -24.48
N GLY A 511 10.45 -29.37 -23.80
CA GLY A 511 9.34 -28.61 -23.27
C GLY A 511 9.73 -27.69 -22.13
N GLY A 512 10.70 -28.12 -21.33
CA GLY A 512 11.20 -27.34 -20.23
C GLY A 512 12.35 -26.43 -20.64
N VAL A 513 12.94 -25.75 -19.67
CA VAL A 513 14.11 -24.92 -19.91
C VAL A 513 15.28 -25.81 -20.32
N HIS A 514 16.03 -25.39 -21.33
CA HIS A 514 17.15 -26.19 -21.82
C HIS A 514 18.23 -25.34 -22.50
N ASN A 515 19.47 -25.82 -22.45
CA ASN A 515 20.61 -25.19 -23.10
C ASN A 515 20.84 -23.74 -22.68
N LEU A 516 20.90 -23.52 -21.36
CA LEU A 516 21.28 -22.22 -20.81
C LEU A 516 22.34 -22.40 -19.73
N HIS A 517 23.23 -21.41 -19.60
CA HIS A 517 24.25 -21.45 -18.55
C HIS A 517 23.59 -21.30 -17.18
N SER A 518 22.63 -20.40 -17.10
CA SER A 518 21.85 -20.19 -15.88
C SER A 518 20.54 -19.50 -16.22
N TYR A 519 19.57 -19.59 -15.32
CA TYR A 519 18.30 -18.91 -15.52
C TYR A 519 17.64 -18.59 -14.17
N GLU A 520 16.88 -17.49 -14.15
CA GLU A 520 16.18 -17.06 -12.94
C GLU A 520 14.68 -17.06 -13.17
N LEU A 523 8.48 -16.61 -12.40
CA LEU A 523 7.14 -17.08 -12.73
C LEU A 523 6.08 -16.08 -12.26
N PHE A 524 6.22 -15.62 -11.02
CA PHE A 524 5.29 -14.66 -10.45
C PHE A 524 6.08 -13.64 -9.64
N ASP A 525 5.55 -12.42 -9.58
CA ASP A 525 6.17 -11.30 -8.87
C ASP A 525 7.36 -10.78 -9.67
N THR B 5 51.17 -25.08 48.40
CA THR B 5 49.86 -24.94 49.01
C THR B 5 49.10 -23.82 48.36
N TYR B 6 47.78 -23.83 48.54
CA TYR B 6 46.92 -22.86 47.89
C TYR B 6 46.45 -21.63 48.65
N ARG B 7 46.41 -20.54 47.92
CA ARG B 7 45.96 -19.26 48.43
C ARG B 7 44.50 -19.35 48.80
N ASP B 8 44.13 -18.55 49.78
CA ASP B 8 42.74 -18.49 50.23
C ASP B 8 41.90 -17.76 49.18
N ALA B 9 40.73 -18.33 48.88
CA ALA B 9 39.85 -17.78 47.85
C ALA B 9 39.41 -16.34 48.18
N ALA B 10 39.40 -16.01 49.47
CA ALA B 10 38.98 -14.69 49.90
C ALA B 10 39.94 -13.61 49.44
N THR B 11 41.16 -14.02 49.08
CA THR B 11 42.19 -13.09 48.63
C THR B 11 42.24 -12.99 47.10
N ALA B 12 41.23 -13.56 46.43
CA ALA B 12 41.25 -13.64 44.97
C ALA B 12 41.21 -12.27 44.32
N LEU B 13 40.32 -11.41 44.79
CA LEU B 13 40.18 -10.07 44.20
C LEU B 13 41.39 -9.21 44.54
N GLU B 14 41.93 -9.38 45.74
CA GLU B 14 43.11 -8.62 46.16
C GLU B 14 44.34 -9.02 45.36
N HIS B 15 44.41 -10.30 45.00
CA HIS B 15 45.59 -10.83 44.32
C HIS B 15 45.72 -10.29 42.89
N LEU B 16 44.61 -9.82 42.32
CA LEU B 16 44.63 -9.25 40.98
C LEU B 16 45.59 -8.06 40.86
N ALA B 17 45.82 -7.38 41.99
CA ALA B 17 46.66 -6.18 41.99
C ALA B 17 48.13 -6.52 41.78
N THR B 18 48.50 -7.79 41.95
CA THR B 18 49.88 -8.21 41.79
C THR B 18 50.28 -8.28 40.32
N TYR B 19 49.29 -8.23 39.43
CA TYR B 19 49.54 -8.25 38.00
C TYR B 19 49.75 -6.83 37.47
N ALA B 20 50.70 -6.68 36.55
CA ALA B 20 51.04 -5.37 36.02
C ALA B 20 49.92 -4.78 35.16
N GLU B 21 49.20 -5.66 34.46
CA GLU B 21 48.12 -5.24 33.58
C GLU B 21 46.91 -6.15 33.71
N LYS B 22 45.75 -5.66 33.33
CA LYS B 22 44.56 -6.51 33.24
C LYS B 22 44.78 -7.57 32.18
N ASP B 23 44.06 -8.68 32.30
CA ASP B 23 44.14 -9.76 31.33
C ASP B 23 43.65 -9.25 29.98
N GLY B 24 44.29 -9.71 28.91
CA GLY B 24 43.97 -9.25 27.57
C GLY B 24 44.71 -7.99 27.19
N LEU B 25 44.33 -7.40 26.06
CA LEU B 25 44.99 -6.21 25.53
C LEU B 25 44.11 -4.97 25.63
N SER B 26 44.74 -3.81 25.77
CA SER B 26 44.03 -2.55 25.62
C SER B 26 43.82 -2.30 24.14
N VAL B 27 42.93 -1.37 23.80
CA VAL B 27 42.68 -1.08 22.40
C VAL B 27 43.96 -0.52 21.77
N GLU B 28 44.76 0.17 22.59
CA GLU B 28 46.01 0.73 22.13
C GLU B 28 46.99 -0.38 21.75
N GLN B 29 47.10 -1.38 22.63
CA GLN B 29 47.98 -2.52 22.39
C GLN B 29 47.51 -3.34 21.20
N LEU B 30 46.20 -3.48 21.05
CA LEU B 30 45.63 -4.25 19.96
C LEU B 30 45.99 -3.61 18.63
N MET B 31 45.82 -2.29 18.55
CA MET B 31 46.03 -1.57 17.31
C MET B 31 47.41 -0.93 17.28
N ASP B 32 48.34 -1.41 18.10
CA ASP B 32 49.68 -0.86 18.09
C ASP B 32 50.57 -1.60 17.09
N SER B 33 50.21 -1.54 15.82
CA SER B 33 50.99 -2.21 14.78
C SER B 33 52.33 -1.50 14.59
N LYS B 34 53.47 -2.20 14.56
CA LYS B 34 53.62 -3.64 14.78
C LYS B 34 53.12 -4.43 13.56
N THR B 35 53.12 -5.76 13.57
CA THR B 35 53.44 -6.64 14.70
C THR B 35 52.36 -6.76 15.79
N ARG B 36 51.09 -6.93 15.42
CA ARG B 36 50.63 -7.11 14.05
C ARG B 36 49.86 -5.89 13.61
N GLY B 37 49.83 -5.65 12.31
CA GLY B 37 49.13 -4.50 11.81
C GLY B 37 48.25 -4.79 10.62
N GLY B 38 47.27 -3.92 10.41
CA GLY B 38 46.36 -4.01 9.29
C GLY B 38 45.27 -5.04 9.47
N LEU B 39 44.65 -5.00 10.65
CA LEU B 39 43.60 -5.94 11.00
C LEU B 39 42.17 -5.44 10.79
N THR B 40 41.26 -6.39 10.69
CA THR B 40 39.86 -6.07 10.52
C THR B 40 39.05 -6.71 11.66
N TYR B 41 37.74 -6.53 11.62
CA TYR B 41 36.85 -7.00 12.67
C TYR B 41 37.07 -8.46 13.10
N ASN B 42 37.20 -9.34 12.13
CA ASN B 42 37.33 -10.76 12.42
C ASN B 42 38.66 -11.15 13.04
N ASP B 43 39.58 -10.21 13.15
CA ASP B 43 40.91 -10.51 13.66
C ASP B 43 41.01 -10.41 15.19
N PHE B 44 39.94 -9.97 15.84
CA PHE B 44 39.97 -9.81 17.30
C PHE B 44 38.62 -9.98 17.97
N LEU B 45 38.64 -10.09 19.29
CA LEU B 45 37.45 -10.19 20.12
C LEU B 45 37.49 -9.17 21.25
N VAL B 46 36.32 -8.86 21.80
CA VAL B 46 36.22 -8.08 23.02
C VAL B 46 36.05 -9.06 24.18
N LEU B 47 36.86 -8.91 25.22
CA LEU B 47 36.77 -9.82 26.35
C LEU B 47 35.60 -9.44 27.26
N PRO B 48 34.94 -10.43 27.86
CA PRO B 48 33.80 -10.15 28.74
C PRO B 48 34.24 -9.50 30.05
N GLY B 49 33.31 -8.81 30.72
CA GLY B 49 33.61 -8.12 31.97
C GLY B 49 32.70 -8.56 33.10
N LYS B 50 32.15 -7.58 33.81
CA LYS B 50 31.31 -7.82 34.98
C LYS B 50 29.87 -7.39 34.73
N ILE B 51 28.94 -8.31 34.96
CA ILE B 51 27.52 -8.04 34.76
C ILE B 51 26.84 -7.71 36.08
N ASP B 52 26.21 -6.55 36.16
CA ASP B 52 25.43 -6.18 37.33
C ASP B 52 24.20 -5.38 36.91
N PHE B 53 23.64 -5.76 35.76
CA PHE B 53 22.45 -5.10 35.23
C PHE B 53 21.86 -5.92 34.10
N PRO B 54 20.54 -5.77 33.86
CA PRO B 54 19.90 -6.47 32.75
C PRO B 54 20.20 -5.81 31.40
N SER B 55 20.19 -6.60 30.32
CA SER B 55 20.50 -6.08 28.99
C SER B 55 19.47 -5.04 28.54
N SER B 56 18.25 -5.16 29.06
CA SER B 56 17.17 -4.24 28.70
C SER B 56 17.47 -2.82 29.17
N GLU B 57 18.40 -2.69 30.11
CA GLU B 57 18.79 -1.40 30.66
C GLU B 57 19.80 -0.68 29.77
N VAL B 58 20.39 -1.41 28.82
CA VAL B 58 21.45 -0.86 27.98
C VAL B 58 20.94 0.19 27.00
N VAL B 59 21.56 1.36 27.05
CA VAL B 59 21.20 2.49 26.19
C VAL B 59 22.11 2.53 24.96
N LEU B 60 21.50 2.68 23.78
CA LEU B 60 22.24 2.65 22.53
C LEU B 60 22.16 3.98 21.79
N SER B 61 21.97 5.06 22.55
CA SER B 61 21.98 6.39 21.98
C SER B 61 23.32 6.65 21.29
N SER B 62 23.27 7.21 20.09
CA SER B 62 24.45 7.35 19.26
C SER B 62 24.43 8.65 18.47
N ARG B 63 25.60 9.27 18.35
CA ARG B 63 25.72 10.50 17.58
C ARG B 63 25.94 10.19 16.10
N LEU B 64 25.05 10.71 15.25
CA LEU B 64 25.23 10.58 13.81
C LEU B 64 26.12 11.71 13.32
N THR B 65 25.83 12.92 13.78
CA THR B 65 26.63 14.10 13.47
C THR B 65 26.76 14.94 14.74
N LYS B 66 27.37 16.11 14.61
CA LYS B 66 27.56 17.00 15.76
C LYS B 66 26.25 17.31 16.46
N LYS B 67 25.20 17.54 15.65
CA LYS B 67 23.92 18.00 16.18
C LYS B 67 22.80 16.95 16.12
N ILE B 68 23.08 15.80 15.49
CA ILE B 68 22.07 14.75 15.36
C ILE B 68 22.44 13.49 16.16
N THR B 69 21.51 13.08 17.02
CA THR B 69 21.68 11.88 17.84
C THR B 69 20.56 10.88 17.56
N LEU B 70 20.93 9.61 17.45
CA LEU B 70 19.96 8.54 17.19
C LEU B 70 19.84 7.63 18.40
N ASN B 71 18.71 6.93 18.51
CA ASN B 71 18.51 5.98 19.59
C ASN B 71 19.19 4.64 19.31
N ALA B 72 19.59 4.45 18.06
CA ALA B 72 20.32 3.24 17.66
C ALA B 72 21.37 3.61 16.60
N PRO B 73 22.54 2.96 16.65
CA PRO B 73 23.64 3.32 15.75
C PRO B 73 23.53 2.70 14.35
N PHE B 74 22.31 2.62 13.83
CA PHE B 74 22.08 1.94 12.55
C PHE B 74 21.77 2.92 11.42
N VAL B 75 22.55 2.82 10.34
CA VAL B 75 22.39 3.68 9.17
C VAL B 75 22.35 2.82 7.91
N SER B 76 21.31 2.99 7.10
CA SER B 76 21.21 2.24 5.85
C SER B 76 21.97 2.98 4.76
N SER B 77 22.69 2.21 3.95
CA SER B 77 23.61 2.78 2.96
C SER B 77 22.88 3.41 1.78
N PRO B 78 23.44 4.49 1.21
CA PRO B 78 22.84 5.12 0.04
C PRO B 78 23.13 4.37 -1.26
N MET B 79 22.41 3.27 -1.47
CA MET B 79 22.55 2.46 -2.66
C MET B 79 21.17 2.10 -3.21
N ASP B 80 21.07 2.00 -4.53
CA ASP B 80 19.76 1.84 -5.16
C ASP B 80 19.14 0.45 -4.94
N THR B 81 19.86 -0.41 -4.22
CA THR B 81 19.35 -1.72 -3.86
C THR B 81 19.12 -1.85 -2.35
N VAL B 82 19.22 -0.74 -1.63
CA VAL B 82 19.06 -0.74 -0.17
C VAL B 82 18.10 0.34 0.32
N THR B 83 18.41 1.60 0.02
CA THR B 83 17.67 2.70 0.65
C THR B 83 16.93 3.61 -0.33
N GLU B 84 15.62 3.43 -0.38
CA GLU B 84 14.71 4.43 -0.96
C GLU B 84 13.77 4.87 0.15
N ALA B 85 12.62 5.40 -0.18
CA ALA B 85 11.73 5.98 0.83
C ALA B 85 11.30 4.97 1.88
N ASP B 86 10.91 3.78 1.43
CA ASP B 86 10.42 2.74 2.32
C ASP B 86 11.47 2.37 3.36
N MET B 87 12.71 2.20 2.89
CA MET B 87 13.82 1.86 3.76
C MET B 87 14.08 2.96 4.78
N ALA B 88 14.21 4.19 4.30
CA ALA B 88 14.54 5.33 5.14
C ALA B 88 13.47 5.59 6.19
N ILE B 89 12.21 5.40 5.82
CA ILE B 89 11.10 5.61 6.74
C ILE B 89 11.21 4.66 7.93
N HIS B 90 11.40 3.38 7.66
CA HIS B 90 11.39 2.38 8.72
C HIS B 90 12.66 2.40 9.55
N MET B 91 13.78 2.78 8.94
CA MET B 91 15.02 2.94 9.70
C MET B 91 14.84 4.04 10.75
N ALA B 92 14.19 5.13 10.35
CA ALA B 92 13.95 6.26 11.24
C ALA B 92 12.98 5.86 12.35
N LEU B 93 11.92 5.15 11.99
CA LEU B 93 10.94 4.70 12.97
C LEU B 93 11.57 3.81 14.02
N LEU B 94 12.52 2.97 13.59
CA LEU B 94 13.12 1.98 14.47
C LEU B 94 14.35 2.55 15.21
N GLY B 95 14.56 3.85 15.10
CA GLY B 95 15.57 4.53 15.90
C GLY B 95 16.87 4.82 15.18
N GLY B 96 16.95 4.43 13.91
CA GLY B 96 18.13 4.67 13.10
C GLY B 96 17.88 5.79 12.11
N ILE B 97 18.48 5.68 10.93
CA ILE B 97 18.25 6.64 9.87
C ILE B 97 18.62 6.03 8.53
N GLY B 98 18.01 6.54 7.46
CA GLY B 98 18.33 6.08 6.13
C GLY B 98 18.95 7.19 5.29
N ILE B 99 19.89 6.81 4.44
CA ILE B 99 20.49 7.74 3.49
C ILE B 99 20.01 7.36 2.09
N ILE B 100 19.17 8.21 1.51
CA ILE B 100 18.60 7.94 0.19
C ILE B 100 19.66 8.08 -0.89
N HIS B 101 19.71 7.11 -1.80
CA HIS B 101 20.71 7.07 -2.87
C HIS B 101 20.47 8.17 -3.90
N HIS B 102 21.47 8.44 -4.73
CA HIS B 102 21.38 9.47 -5.75
C HIS B 102 21.60 8.91 -7.16
N ASN B 103 21.40 7.61 -7.32
CA ASN B 103 21.37 7.00 -8.63
C ASN B 103 20.00 7.24 -9.25
N CYS B 104 19.69 8.52 -9.46
CA CYS B 104 18.37 8.94 -9.92
C CYS B 104 18.39 10.44 -10.22
N THR B 105 17.32 10.95 -10.82
CA THR B 105 17.26 12.38 -11.11
C THR B 105 17.07 13.14 -9.80
N ALA B 106 17.40 14.43 -9.83
CA ALA B 106 17.27 15.27 -8.63
C ALA B 106 15.82 15.32 -8.17
N GLU B 107 14.90 15.38 -9.13
CA GLU B 107 13.48 15.43 -8.81
C GLU B 107 13.01 14.16 -8.12
N GLU B 108 13.46 13.02 -8.62
CA GLU B 108 13.09 11.72 -8.06
C GLU B 108 13.62 11.57 -6.64
N GLN B 109 14.85 12.02 -6.41
CA GLN B 109 15.45 11.91 -5.09
C GLN B 109 14.74 12.82 -4.09
N ALA B 110 14.40 14.02 -4.54
CA ALA B 110 13.70 14.98 -3.69
C ALA B 110 12.34 14.43 -3.29
N GLU B 111 11.69 13.73 -4.22
CA GLU B 111 10.40 13.13 -3.96
C GLU B 111 10.50 12.04 -2.90
N MET B 112 11.57 11.25 -2.96
CA MET B 112 11.79 10.20 -1.98
C MET B 112 12.01 10.81 -0.59
N VAL B 113 12.81 11.86 -0.54
CA VAL B 113 13.03 12.58 0.71
C VAL B 113 11.71 13.09 1.25
N ARG B 114 10.93 13.71 0.37
CA ARG B 114 9.65 14.29 0.75
C ARG B 114 8.71 13.25 1.35
N ARG B 115 8.67 12.05 0.75
CA ARG B 115 7.80 11.01 1.26
C ARG B 115 8.24 10.56 2.66
N VAL B 116 9.54 10.55 2.90
CA VAL B 116 10.06 10.18 4.22
C VAL B 116 9.66 11.22 5.24
N LYS B 117 9.78 12.50 4.87
CA LYS B 117 9.48 13.59 5.80
C LYS B 117 7.99 13.71 6.11
N LYS B 118 7.16 13.36 5.13
CA LYS B 118 5.71 13.47 5.26
C LYS B 118 5.04 12.20 5.80
N TYR B 119 5.83 11.15 6.03
CA TYR B 119 5.29 9.89 6.53
C TYR B 119 4.68 10.08 7.92
N GLU B 120 5.36 10.84 8.77
CA GLU B 120 4.81 11.16 10.08
C GLU B 120 4.87 12.65 10.35
N ASN B 121 3.82 13.17 10.97
CA ASN B 121 3.68 14.59 11.20
C ASN B 121 3.14 14.87 12.59
N GLY B 122 3.41 16.06 13.12
CA GLY B 122 2.58 16.59 14.17
C GLY B 122 1.50 17.50 13.63
N PHE B 123 1.88 18.69 13.19
CA PHE B 123 0.94 19.53 12.48
C PHE B 123 1.20 19.36 11.00
N ILE B 124 0.22 18.84 10.27
CA ILE B 124 0.45 18.60 8.87
C ILE B 124 0.47 19.92 8.12
N ASN B 125 1.55 20.16 7.39
CA ASN B 125 1.67 21.38 6.60
C ASN B 125 1.02 21.20 5.24
N ALA B 126 0.11 22.10 4.86
CA ALA B 126 -0.56 22.01 3.56
C ALA B 126 -1.23 20.65 3.31
N PRO B 127 -2.20 20.31 4.24
CA PRO B 127 -2.82 18.98 4.01
C PRO B 127 -3.63 18.85 2.73
N VAL B 128 -3.66 17.64 2.19
CA VAL B 128 -4.41 17.38 0.97
C VAL B 128 -5.87 17.61 1.27
N VAL B 129 -6.52 18.33 0.39
CA VAL B 129 -7.92 18.67 0.55
C VAL B 129 -8.68 18.42 -0.73
N VAL B 130 -9.99 18.51 -0.63
CA VAL B 130 -10.83 18.30 -1.79
C VAL B 130 -11.93 19.37 -1.79
N GLY B 131 -12.45 19.68 -2.96
CA GLY B 131 -13.54 20.63 -3.07
C GLY B 131 -14.88 19.93 -2.98
N PRO B 132 -15.96 20.69 -2.68
CA PRO B 132 -17.29 20.10 -2.53
C PRO B 132 -17.88 19.61 -3.85
N ASP B 133 -17.38 20.14 -4.96
CA ASP B 133 -17.90 19.80 -6.27
C ASP B 133 -17.22 18.56 -6.86
N ALA B 134 -16.20 18.05 -6.18
CA ALA B 134 -15.53 16.83 -6.60
C ALA B 134 -16.48 15.64 -6.44
N THR B 135 -16.25 14.59 -7.24
CA THR B 135 -17.07 13.39 -7.20
C THR B 135 -16.38 12.31 -6.36
N VAL B 136 -17.13 11.26 -6.03
CA VAL B 136 -16.57 10.12 -5.30
C VAL B 136 -15.44 9.50 -6.12
N ALA B 137 -15.62 9.48 -7.44
CA ALA B 137 -14.61 8.94 -8.35
C ALA B 137 -13.30 9.70 -8.20
N ASP B 138 -13.39 11.02 -8.06
CA ASP B 138 -12.21 11.85 -7.87
C ASP B 138 -11.52 11.52 -6.56
N VAL B 139 -12.32 11.37 -5.51
CA VAL B 139 -11.78 11.08 -4.18
C VAL B 139 -11.06 9.75 -4.15
N ARG B 140 -11.62 8.76 -4.85
CA ARG B 140 -11.01 7.43 -4.91
C ARG B 140 -9.70 7.50 -5.68
N ARG B 141 -9.65 8.32 -6.73
CA ARG B 141 -8.42 8.51 -7.48
C ARG B 141 -7.38 9.20 -6.61
N MET B 142 -7.83 10.08 -5.72
CA MET B 142 -6.92 10.74 -4.80
C MET B 142 -6.43 9.74 -3.75
N LYS B 143 -7.30 8.85 -3.31
CA LYS B 143 -6.91 7.86 -2.34
C LYS B 143 -5.82 6.97 -2.91
N ASN B 144 -5.98 6.55 -4.16
CA ASN B 144 -5.00 5.72 -4.80
C ASN B 144 -3.67 6.45 -4.97
N GLU B 145 -3.74 7.71 -5.35
CA GLU B 145 -2.53 8.50 -5.56
C GLU B 145 -1.62 8.85 -4.37
N PHE B 146 -2.18 9.32 -3.25
CA PHE B 146 -1.33 9.71 -2.12
C PHE B 146 -0.61 8.65 -1.25
N GLY B 147 -1.30 7.62 -0.78
CA GLY B 147 -2.74 7.49 -0.90
C GLY B 147 -3.32 7.31 0.50
N PHE B 148 -4.19 8.23 0.89
CA PHE B 148 -4.87 8.18 2.18
C PHE B 148 -6.29 8.64 1.88
N ALA B 149 -7.26 8.28 2.72
CA ALA B 149 -8.63 8.67 2.40
C ALA B 149 -9.23 9.76 3.25
N GLY B 150 -8.46 10.38 4.13
CA GLY B 150 -9.01 11.43 4.96
C GLY B 150 -8.70 12.78 4.41
N PHE B 151 -9.70 13.41 3.82
CA PHE B 151 -9.50 14.72 3.25
C PHE B 151 -10.49 15.74 3.77
N PRO B 152 -9.93 16.86 4.36
CA PRO B 152 -10.91 17.87 4.77
C PRO B 152 -11.45 18.53 3.52
N VAL B 153 -12.66 19.05 3.57
CA VAL B 153 -13.29 19.70 2.41
C VAL B 153 -13.30 21.22 2.53
N THR B 154 -12.63 21.88 1.58
CA THR B 154 -12.60 23.34 1.54
C THR B 154 -13.35 23.86 0.31
N ASP B 155 -13.85 25.09 0.39
CA ASP B 155 -14.68 25.64 -0.67
C ASP B 155 -13.95 25.76 -2.02
N ASP B 156 -12.69 26.14 -1.96
CA ASP B 156 -11.89 26.34 -3.18
C ASP B 156 -11.03 25.12 -3.52
N GLY B 157 -11.03 24.13 -2.64
CA GLY B 157 -10.23 22.94 -2.85
C GLY B 157 -8.76 23.18 -2.56
N LYS B 158 -8.46 24.31 -1.92
CA LYS B 158 -7.10 24.64 -1.50
C LYS B 158 -6.91 24.39 -0.02
N PRO B 159 -5.67 24.09 0.40
CA PRO B 159 -5.40 23.83 1.83
C PRO B 159 -5.72 25.04 2.72
N THR B 160 -5.74 26.23 2.11
CA THR B 160 -5.99 27.46 2.84
C THR B 160 -7.44 27.93 2.72
N GLY B 161 -8.28 27.10 2.11
CA GLY B 161 -9.66 27.48 1.87
C GLY B 161 -10.55 27.39 3.10
N LYS B 162 -11.80 27.80 2.93
CA LYS B 162 -12.76 27.78 4.03
C LYS B 162 -13.27 26.36 4.23
N LEU B 163 -13.04 25.82 5.43
CA LEU B 163 -13.46 24.46 5.75
C LEU B 163 -14.98 24.34 5.77
N GLN B 164 -15.49 23.32 5.10
CA GLN B 164 -16.93 23.07 5.01
C GLN B 164 -17.30 21.65 5.41
N GLY B 165 -16.31 20.84 5.75
CA GLY B 165 -16.54 19.47 6.15
C GLY B 165 -15.38 18.53 5.87
N ILE B 166 -15.62 17.25 6.11
CA ILE B 166 -14.61 16.23 5.92
C ILE B 166 -15.17 14.94 5.31
N ILE B 167 -14.31 14.30 4.51
CA ILE B 167 -14.62 13.07 3.82
C ILE B 167 -13.53 12.03 4.21
N THR B 168 -13.98 10.86 4.68
CA THR B 168 -13.09 9.78 5.15
C THR B 168 -13.34 8.51 4.36
N SER B 169 -12.49 7.50 4.56
CA SER B 169 -12.64 6.25 3.84
C SER B 169 -13.99 5.62 4.13
N ARG B 170 -14.46 5.67 5.38
CA ARG B 170 -15.76 5.10 5.67
C ARG B 170 -16.89 5.75 4.86
N ASP B 171 -16.77 7.05 4.62
CA ASP B 171 -17.77 7.79 3.87
C ASP B 171 -17.92 7.32 2.41
N ILE B 172 -16.81 7.04 1.75
CA ILE B 172 -16.86 6.62 0.36
C ILE B 172 -16.86 5.11 0.17
N GLN B 173 -16.71 4.35 1.25
CA GLN B 173 -16.27 2.97 1.15
C GLN B 173 -17.28 2.09 0.41
N PHE B 174 -18.56 2.31 0.68
CA PHE B 174 -19.61 1.48 0.06
C PHE B 174 -20.58 2.30 -0.78
N VAL B 175 -20.13 3.42 -1.33
CA VAL B 175 -20.94 4.21 -2.23
C VAL B 175 -20.93 3.62 -3.64
N GLU B 176 -22.09 3.23 -4.14
CA GLU B 176 -22.20 2.59 -5.45
C GLU B 176 -22.13 3.63 -6.58
N ASP B 177 -22.75 4.79 -6.36
CA ASP B 177 -22.80 5.84 -7.37
C ASP B 177 -21.58 6.76 -7.24
N GLU B 178 -20.64 6.62 -8.15
CA GLU B 178 -19.39 7.36 -8.09
C GLU B 178 -19.55 8.81 -8.55
N THR B 179 -20.71 9.15 -9.11
CA THR B 179 -20.95 10.50 -9.63
C THR B 179 -21.39 11.47 -8.52
N LEU B 180 -21.76 10.93 -7.37
CA LEU B 180 -22.20 11.76 -6.25
C LEU B 180 -21.11 12.74 -5.85
N LEU B 181 -21.52 13.92 -5.41
CA LEU B 181 -20.57 14.97 -5.05
C LEU B 181 -20.11 14.84 -3.61
N VAL B 182 -18.94 15.40 -3.32
CA VAL B 182 -18.39 15.42 -1.97
C VAL B 182 -19.36 16.12 -1.02
N SER B 183 -19.97 17.20 -1.49
CA SER B 183 -20.88 17.99 -0.68
C SER B 183 -22.06 17.15 -0.18
N GLU B 184 -22.41 16.12 -0.94
CA GLU B 184 -23.54 15.26 -0.61
C GLU B 184 -23.17 14.22 0.45
N ILE B 185 -21.99 13.65 0.32
CA ILE B 185 -21.52 12.58 1.17
C ILE B 185 -20.71 13.00 2.39
N MET B 186 -20.21 14.22 2.38
CA MET B 186 -19.36 14.70 3.45
C MET B 186 -20.08 14.93 4.77
N THR B 187 -19.30 14.92 5.84
CA THR B 187 -19.79 15.20 7.17
C THR B 187 -19.59 16.70 7.39
N LYS B 188 -20.69 17.42 7.53
CA LYS B 188 -20.71 18.86 7.78
C LYS B 188 -20.27 19.37 9.16
N ASP B 189 -20.62 18.65 10.21
CA ASP B 189 -20.28 19.09 11.57
C ASP B 189 -18.96 18.47 11.99
N VAL B 190 -17.89 19.25 11.92
CA VAL B 190 -16.57 18.76 12.28
C VAL B 190 -15.88 19.52 13.39
N ILE B 191 -15.42 18.79 14.41
CA ILE B 191 -14.69 19.37 15.52
C ILE B 191 -13.35 19.89 15.02
N THR B 192 -13.02 21.13 15.39
CA THR B 192 -11.79 21.77 14.94
C THR B 192 -11.02 22.38 16.11
N GLY B 193 -9.74 22.62 15.92
CA GLY B 193 -8.90 23.32 16.88
C GLY B 193 -8.64 24.72 16.38
N LYS B 194 -8.49 25.67 17.31
CA LYS B 194 -8.23 27.06 16.94
C LYS B 194 -6.75 27.28 16.64
N GLN B 195 -6.48 28.09 15.62
CA GLN B 195 -5.11 28.46 15.27
C GLN B 195 -4.41 29.13 16.45
N GLY B 196 -3.14 28.80 16.65
CA GLY B 196 -2.36 29.31 17.76
C GLY B 196 -2.19 28.27 18.86
N ILE B 197 -3.00 27.22 18.81
CA ILE B 197 -2.89 26.10 19.74
C ILE B 197 -1.57 25.37 19.51
N ASN B 198 -0.91 24.92 20.57
CA ASN B 198 0.32 24.14 20.40
C ASN B 198 -0.01 22.67 20.20
N LEU B 199 1.01 21.87 19.87
CA LEU B 199 0.80 20.48 19.48
C LEU B 199 0.21 19.62 20.60
N GLU B 200 0.68 19.80 21.82
CA GLU B 200 0.22 18.99 22.95
C GLU B 200 -1.26 19.27 23.21
N GLU B 201 -1.65 20.53 23.09
CA GLU B 201 -3.05 20.90 23.27
C GLU B 201 -3.95 20.33 22.18
N ALA B 202 -3.46 20.42 20.94
CA ALA B 202 -4.21 19.92 19.78
C ALA B 202 -4.38 18.41 19.89
N ASN B 203 -3.31 17.72 20.28
CA ASN B 203 -3.34 16.28 20.40
C ASN B 203 -4.39 15.82 21.39
N GLN B 204 -4.52 16.53 22.51
CA GLN B 204 -5.50 16.13 23.51
C GLN B 204 -6.92 16.19 22.97
N ILE B 205 -7.23 17.24 22.21
CA ILE B 205 -8.57 17.37 21.63
C ILE B 205 -8.81 16.20 20.70
N LEU B 206 -7.80 15.87 19.90
CA LEU B 206 -7.90 14.75 18.97
C LEU B 206 -8.17 13.45 19.71
N LYS B 207 -7.45 13.25 20.81
CA LYS B 207 -7.60 12.04 21.62
C LYS B 207 -8.99 11.98 22.26
N ASN B 208 -9.57 13.14 22.56
CA ASN B 208 -10.90 13.20 23.18
C ASN B 208 -12.02 12.87 22.20
N THR B 209 -11.94 13.39 20.99
CA THR B 209 -12.93 13.13 19.94
C THR B 209 -12.95 11.66 19.45
N LYS B 210 -11.77 11.05 19.38
CA LYS B 210 -11.61 9.67 18.90
C LYS B 210 -11.87 9.60 17.40
N LYS B 211 -11.62 10.72 16.74
CA LYS B 211 -11.77 10.85 15.32
C LYS B 211 -10.44 10.67 14.62
N GLY B 212 -10.51 10.40 13.33
CA GLY B 212 -9.33 10.23 12.52
C GLY B 212 -8.48 11.49 12.39
N LYS B 213 -9.12 12.65 12.39
CA LYS B 213 -8.41 13.91 12.15
C LYS B 213 -8.86 15.00 13.10
N LEU B 214 -8.02 16.04 13.22
CA LEU B 214 -8.38 17.28 13.87
C LEU B 214 -7.93 18.46 13.01
N PRO B 215 -8.82 18.99 12.17
CA PRO B 215 -8.47 20.18 11.39
C PRO B 215 -8.24 21.40 12.28
N ILE B 216 -7.27 22.23 11.91
CA ILE B 216 -7.01 23.47 12.62
C ILE B 216 -7.46 24.63 11.73
N VAL B 217 -8.23 25.55 12.31
CA VAL B 217 -8.78 26.66 11.55
C VAL B 217 -8.52 27.99 12.25
N ASP B 218 -8.52 29.07 11.47
CA ASP B 218 -8.37 30.42 12.03
C ASP B 218 -9.74 30.97 12.41
N GLU B 219 -9.77 32.22 12.84
CA GLU B 219 -11.01 32.86 13.27
C GLU B 219 -12.00 32.99 12.12
N ALA B 220 -11.48 33.08 10.91
CA ALA B 220 -12.32 33.22 9.71
C ALA B 220 -12.85 31.87 9.24
N GLY B 221 -12.38 30.79 9.86
CA GLY B 221 -12.85 29.45 9.54
C GLY B 221 -12.09 28.79 8.40
N CYS B 222 -10.94 29.34 8.04
CA CYS B 222 -10.12 28.78 6.97
C CYS B 222 -9.10 27.79 7.53
N LEU B 223 -8.92 26.68 6.83
CA LEU B 223 -8.02 25.61 7.26
C LEU B 223 -6.57 26.08 7.26
N VAL B 224 -5.85 25.82 8.35
CA VAL B 224 -4.44 26.19 8.44
C VAL B 224 -3.56 24.96 8.58
N SER B 225 -4.08 23.94 9.26
CA SER B 225 -3.33 22.70 9.47
C SER B 225 -4.26 21.55 9.83
N MET B 226 -3.66 20.41 10.19
CA MET B 226 -4.43 19.23 10.54
C MET B 226 -3.58 18.23 11.31
N LEU B 227 -4.22 17.53 12.25
CA LEU B 227 -3.59 16.43 12.97
C LEU B 227 -4.19 15.11 12.47
N SER B 228 -3.46 14.02 12.68
CA SER B 228 -3.94 12.69 12.33
C SER B 228 -3.74 11.76 13.52
N ARG B 229 -4.76 10.95 13.78
CA ARG B 229 -4.75 10.00 14.87
C ARG B 229 -3.63 8.96 14.74
N THR B 230 -3.37 8.55 13.50
CA THR B 230 -2.34 7.56 13.18
C THR B 230 -0.95 8.09 13.56
N ASP B 231 -0.75 9.40 13.53
CA ASP B 231 0.53 9.96 13.94
C ASP B 231 0.77 9.62 15.42
N LEU B 232 -0.29 9.73 16.23
CA LEU B 232 -0.20 9.39 17.64
C LEU B 232 0.07 7.89 17.77
N MET B 233 -0.57 7.09 16.93
CA MET B 233 -0.36 5.65 16.96
C MET B 233 1.10 5.30 16.57
N LYS B 234 1.66 6.02 15.61
CA LYS B 234 2.99 5.81 15.08
C LYS B 234 3.96 6.15 16.21
N ASN B 235 3.68 7.23 16.93
CA ASN B 235 4.51 7.64 18.05
C ASN B 235 4.51 6.58 19.14
N GLN B 236 3.33 6.04 19.42
CA GLN B 236 3.14 5.00 20.43
C GLN B 236 3.83 3.69 20.09
N SER B 237 3.77 3.31 18.81
CA SER B 237 4.34 2.04 18.36
C SER B 237 5.84 2.13 18.14
N TYR B 238 6.34 3.35 17.93
CA TYR B 238 7.75 3.57 17.67
C TYR B 238 8.29 4.70 18.55
N PRO B 239 8.47 4.41 19.85
CA PRO B 239 8.89 5.43 20.82
C PRO B 239 10.35 5.86 20.68
N LEU B 240 11.16 5.09 19.95
CA LEU B 240 12.57 5.42 19.76
C LEU B 240 12.82 6.08 18.41
N ALA B 241 11.75 6.40 17.69
CA ALA B 241 11.85 6.93 16.34
C ALA B 241 12.73 8.17 16.24
N SER B 242 13.56 8.20 15.19
CA SER B 242 14.42 9.35 14.91
C SER B 242 13.58 10.45 14.27
N LYS B 243 13.23 11.48 15.04
CA LYS B 243 12.38 12.57 14.58
C LYS B 243 12.81 13.97 14.97
N SER B 244 12.33 14.97 14.23
CA SER B 244 12.63 16.35 14.54
C SER B 244 11.88 16.64 15.82
N ALA B 245 12.52 17.29 16.78
CA ALA B 245 11.87 17.56 18.05
C ALA B 245 10.75 18.56 17.89
N ASP B 246 10.80 19.34 16.83
CA ASP B 246 9.79 20.36 16.58
C ASP B 246 8.63 19.93 15.68
N THR B 247 8.94 19.42 14.50
CA THR B 247 7.92 19.02 13.55
C THR B 247 7.38 17.61 13.76
N LYS B 248 8.11 16.78 14.50
CA LYS B 248 7.70 15.40 14.72
C LYS B 248 7.87 14.55 13.47
N GLN B 249 8.54 15.09 12.46
CA GLN B 249 8.75 14.35 11.21
C GLN B 249 10.00 13.49 11.34
N LEU B 250 9.98 12.33 10.69
CA LEU B 250 11.11 11.43 10.68
C LEU B 250 12.33 12.12 10.08
N LEU B 251 13.51 11.84 10.63
CA LEU B 251 14.75 12.36 10.06
C LEU B 251 15.04 11.64 8.76
N CYS B 252 15.61 12.35 7.80
CA CYS B 252 15.93 11.76 6.50
C CYS B 252 17.30 12.21 6.03
N GLY B 253 18.07 11.26 5.53
CA GLY B 253 19.37 11.54 4.95
C GLY B 253 19.34 11.31 3.44
N ALA B 254 20.31 11.87 2.74
CA ALA B 254 20.42 11.69 1.30
C ALA B 254 21.87 11.87 0.86
N ALA B 255 22.24 11.19 -0.22
CA ALA B 255 23.59 11.27 -0.76
C ALA B 255 23.63 12.18 -1.98
N ILE B 256 24.77 12.83 -2.21
CA ILE B 256 24.99 13.61 -3.42
C ILE B 256 26.45 13.52 -3.85
N GLY B 257 26.71 13.89 -5.10
CA GLY B 257 28.07 14.01 -5.59
C GLY B 257 28.63 15.37 -5.18
N THR B 258 29.82 15.69 -5.65
CA THR B 258 30.48 16.94 -5.31
C THR B 258 30.77 17.77 -6.55
N ILE B 259 30.02 17.54 -7.62
CA ILE B 259 30.18 18.32 -8.84
C ILE B 259 29.23 19.51 -8.77
N ASP B 260 29.41 20.49 -9.65
CA ASP B 260 28.63 21.71 -9.61
C ASP B 260 27.12 21.45 -9.75
N ALA B 261 26.76 20.40 -10.49
CA ALA B 261 25.36 20.08 -10.71
C ALA B 261 24.66 19.64 -9.43
N ASP B 262 25.42 19.07 -8.49
CA ASP B 262 24.83 18.60 -7.23
C ASP B 262 24.41 19.74 -6.33
N ARG B 263 24.83 20.96 -6.64
CA ARG B 263 24.42 22.12 -5.87
C ARG B 263 22.93 22.36 -6.05
N GLN B 264 22.48 22.27 -7.29
CA GLN B 264 21.05 22.42 -7.58
C GLN B 264 20.28 21.24 -7.02
N ARG B 265 20.87 20.05 -7.07
CA ARG B 265 20.26 18.85 -6.52
C ARG B 265 20.02 19.01 -5.03
N LEU B 266 21.05 19.43 -4.30
CA LEU B 266 20.95 19.58 -2.86
C LEU B 266 19.90 20.60 -2.45
N ALA B 267 19.85 21.70 -3.18
CA ALA B 267 18.85 22.75 -2.92
C ALA B 267 17.44 22.17 -3.00
N MET B 268 17.22 21.25 -3.93
CA MET B 268 15.94 20.59 -4.08
C MET B 268 15.67 19.62 -2.93
N LEU B 269 16.73 18.96 -2.46
CA LEU B 269 16.60 18.03 -1.34
C LEU B 269 16.28 18.79 -0.05
N VAL B 270 16.93 19.93 0.14
CA VAL B 270 16.69 20.77 1.31
C VAL B 270 15.25 21.26 1.32
N GLU B 271 14.74 21.63 0.14
CA GLU B 271 13.36 22.07 0.00
C GLU B 271 12.40 20.95 0.39
N ALA B 272 12.82 19.71 0.18
CA ALA B 272 12.02 18.54 0.53
C ALA B 272 12.11 18.21 2.02
N GLY B 273 13.00 18.90 2.73
CA GLY B 273 13.12 18.75 4.18
C GLY B 273 14.29 17.90 4.64
N LEU B 274 15.34 17.84 3.84
CA LEU B 274 16.52 17.05 4.17
C LEU B 274 17.15 17.50 5.48
N ASP B 275 17.52 16.54 6.32
CA ASP B 275 18.11 16.80 7.62
C ASP B 275 19.63 16.63 7.62
N VAL B 276 20.12 15.68 6.82
CA VAL B 276 21.54 15.42 6.74
C VAL B 276 21.92 15.00 5.33
N VAL B 277 23.06 15.51 4.85
CA VAL B 277 23.55 15.17 3.53
C VAL B 277 24.86 14.39 3.64
N VAL B 278 24.98 13.38 2.80
CA VAL B 278 26.21 12.59 2.71
C VAL B 278 26.89 12.86 1.38
N LEU B 279 28.12 13.33 1.44
CA LEU B 279 28.91 13.52 0.24
C LEU B 279 29.49 12.17 -0.17
N ASP B 280 28.93 11.61 -1.23
CA ASP B 280 29.19 10.22 -1.64
C ASP B 280 30.44 10.12 -2.51
N SER B 281 31.47 9.46 -1.98
CA SER B 281 32.72 9.29 -2.71
C SER B 281 33.58 8.18 -2.11
N SER B 282 34.32 7.49 -2.96
CA SER B 282 35.25 6.45 -2.49
C SER B 282 36.50 7.09 -1.90
N GLN B 283 36.77 8.34 -2.26
CA GLN B 283 37.93 9.06 -1.75
C GLN B 283 37.55 10.53 -1.56
N GLY B 284 37.04 10.84 -0.37
CA GLY B 284 36.46 12.15 -0.10
C GLY B 284 37.45 13.27 0.15
N ASN B 285 38.71 12.92 0.35
CA ASN B 285 39.73 13.92 0.63
C ASN B 285 40.19 14.61 -0.67
N SER B 286 39.29 15.41 -1.25
CA SER B 286 39.58 16.10 -2.50
C SER B 286 39.20 17.57 -2.42
N VAL B 287 39.85 18.38 -3.24
CA VAL B 287 39.55 19.80 -3.32
C VAL B 287 38.09 19.98 -3.74
N PHE B 288 37.61 19.05 -4.58
CA PHE B 288 36.24 19.09 -5.04
C PHE B 288 35.27 18.99 -3.87
N GLN B 289 35.49 18.00 -2.99
CA GLN B 289 34.60 17.79 -1.86
C GLN B 289 34.77 18.86 -0.79
N ILE B 290 36.00 19.30 -0.57
CA ILE B 290 36.27 20.36 0.40
C ILE B 290 35.52 21.63 0.02
N ASN B 291 35.55 21.98 -1.26
CA ASN B 291 34.81 23.15 -1.75
C ASN B 291 33.31 22.98 -1.55
N MET B 292 32.82 21.76 -1.80
CA MET B 292 31.41 21.48 -1.63
C MET B 292 30.99 21.65 -0.17
N ILE B 293 31.81 21.15 0.75
CA ILE B 293 31.54 21.29 2.18
C ILE B 293 31.43 22.76 2.56
N LYS B 294 32.43 23.54 2.19
CA LYS B 294 32.44 24.97 2.51
C LYS B 294 31.21 25.67 1.95
N TRP B 295 30.84 25.31 0.72
CA TRP B 295 29.70 25.92 0.05
C TRP B 295 28.39 25.61 0.79
N ILE B 296 28.29 24.40 1.34
CA ILE B 296 27.09 23.98 2.02
C ILE B 296 26.91 24.69 3.36
N LYS B 297 27.99 24.83 4.12
CA LYS B 297 27.92 25.43 5.44
C LYS B 297 27.48 26.89 5.38
N GLU B 298 27.85 27.58 4.31
CA GLU B 298 27.49 28.99 4.15
C GLU B 298 26.14 29.16 3.46
N THR B 299 25.74 28.17 2.67
CA THR B 299 24.47 28.24 1.94
C THR B 299 23.35 27.64 2.79
N PHE B 300 23.60 26.46 3.34
CA PHE B 300 22.63 25.77 4.19
C PHE B 300 23.26 25.50 5.56
N PRO B 301 23.38 26.56 6.38
CA PRO B 301 24.09 26.45 7.66
C PRO B 301 23.44 25.48 8.65
N ASP B 302 22.15 25.20 8.50
CA ASP B 302 21.44 24.32 9.41
C ASP B 302 21.51 22.86 8.97
N LEU B 303 22.06 22.63 7.79
CA LEU B 303 22.16 21.27 7.24
C LEU B 303 23.43 20.59 7.75
N GLN B 304 23.27 19.41 8.33
CA GLN B 304 24.41 18.64 8.82
C GLN B 304 25.08 17.91 7.66
N VAL B 305 26.41 17.98 7.62
CA VAL B 305 27.19 17.44 6.51
C VAL B 305 28.10 16.30 6.96
N ILE B 306 27.94 15.14 6.33
CA ILE B 306 28.82 14.00 6.54
C ILE B 306 29.74 13.87 5.34
N ALA B 307 31.04 13.97 5.60
CA ALA B 307 32.05 13.91 4.54
C ALA B 307 32.71 12.54 4.50
N GLY B 308 33.32 12.21 3.36
CA GLY B 308 33.98 10.92 3.19
C GLY B 308 33.92 10.44 1.76
N ASN B 309 34.35 9.20 1.51
CA ASN B 309 34.87 8.30 2.54
C ASN B 309 36.33 8.53 2.85
N VAL B 310 36.73 8.22 4.08
CA VAL B 310 38.11 8.37 4.52
C VAL B 310 38.57 7.11 5.25
N VAL B 311 39.88 6.91 5.35
CA VAL B 311 40.44 5.79 6.10
C VAL B 311 41.72 6.17 6.85
N THR B 312 42.22 7.39 6.64
CA THR B 312 43.43 7.85 7.32
C THR B 312 43.21 9.08 8.18
N ARG B 313 44.11 9.29 9.13
CA ARG B 313 44.10 10.45 9.99
C ARG B 313 44.18 11.75 9.19
N GLU B 314 45.02 11.75 8.15
CA GLU B 314 45.22 12.95 7.34
C GLU B 314 43.96 13.34 6.58
N GLN B 315 43.27 12.35 6.02
CA GLN B 315 42.01 12.60 5.32
C GLN B 315 40.99 13.22 6.26
N ALA B 316 40.89 12.64 7.46
CA ALA B 316 39.93 13.08 8.46
C ALA B 316 40.19 14.54 8.85
N ALA B 317 41.46 14.86 9.13
CA ALA B 317 41.85 16.20 9.51
C ALA B 317 41.46 17.21 8.44
N SER B 318 41.67 16.83 7.19
CA SER B 318 41.39 17.71 6.06
C SER B 318 39.91 18.08 5.98
N LEU B 319 39.04 17.07 6.11
CA LEU B 319 37.61 17.29 5.97
C LEU B 319 36.99 17.90 7.24
N ILE B 320 37.58 17.63 8.39
CA ILE B 320 37.11 18.21 9.62
C ILE B 320 37.42 19.72 9.53
N HIS B 321 38.62 20.05 9.06
CA HIS B 321 39.02 21.46 8.91
C HIS B 321 38.09 22.17 7.92
N ALA B 322 37.59 21.42 6.96
CA ALA B 322 36.69 21.95 5.95
C ALA B 322 35.31 22.23 6.55
N GLY B 323 35.06 21.67 7.73
CA GLY B 323 33.79 21.88 8.40
C GLY B 323 32.83 20.71 8.49
N ALA B 324 33.28 19.51 8.18
CA ALA B 324 32.42 18.33 8.22
C ALA B 324 31.81 18.15 9.61
N ASP B 325 30.53 17.81 9.65
CA ASP B 325 29.82 17.56 10.90
C ASP B 325 29.88 16.09 11.29
N GLY B 326 30.37 15.26 10.38
CA GLY B 326 30.52 13.84 10.62
C GLY B 326 31.37 13.23 9.51
N LEU B 327 31.90 12.04 9.76
CA LEU B 327 32.75 11.36 8.78
C LEU B 327 32.26 9.96 8.45
N ARG B 328 32.44 9.58 7.20
CA ARG B 328 32.09 8.25 6.72
C ARG B 328 33.39 7.47 6.50
N ILE B 329 33.57 6.37 7.24
CA ILE B 329 34.82 5.62 7.21
C ILE B 329 34.69 4.30 6.45
N GLY B 330 35.57 4.09 5.48
CA GLY B 330 35.61 2.84 4.75
C GLY B 330 36.09 3.02 3.32
N MET B 331 37.01 2.15 2.91
CA MET B 331 37.47 2.13 1.53
C MET B 331 37.89 0.72 1.15
N GLY B 332 37.03 0.03 0.41
CA GLY B 332 37.31 -1.32 -0.03
C GLY B 332 36.72 -2.37 0.88
N SER B 333 36.12 -1.94 1.99
CA SER B 333 35.55 -2.86 2.97
C SER B 333 34.17 -3.37 2.58
N GLY B 334 33.60 -2.76 1.54
CA GLY B 334 32.28 -3.12 1.05
C GLY B 334 32.15 -4.51 0.44
N SER B 335 31.02 -5.15 0.75
CA SER B 335 30.68 -6.50 0.30
C SER B 335 30.70 -6.67 -1.22
N ILE B 336 30.24 -5.64 -1.90
CA ILE B 336 30.11 -5.61 -3.34
C ILE B 336 31.14 -4.69 -3.99
N CYS B 337 32.11 -4.22 -3.19
CA CYS B 337 33.15 -3.28 -3.66
C CYS B 337 34.49 -3.93 -4.00
N ILE B 338 35.23 -3.31 -4.90
CA ILE B 338 36.51 -3.83 -5.37
C ILE B 338 37.59 -2.76 -5.54
N THR B 339 37.43 -1.64 -4.84
CA THR B 339 38.36 -0.51 -4.98
C THR B 339 39.80 -0.92 -4.69
N GLN B 340 40.01 -1.75 -3.68
CA GLN B 340 41.35 -2.15 -3.28
C GLN B 340 42.06 -2.97 -4.36
N GLU B 341 41.31 -3.83 -5.05
CA GLU B 341 41.89 -4.66 -6.11
C GLU B 341 42.10 -3.86 -7.39
N VAL B 342 41.29 -2.83 -7.59
CA VAL B 342 41.34 -2.04 -8.82
C VAL B 342 42.21 -0.79 -8.66
N MET B 343 42.23 -0.22 -7.47
CA MET B 343 42.99 1.01 -7.22
C MET B 343 44.24 0.77 -6.36
N ALA B 344 44.40 -0.45 -5.85
CA ALA B 344 45.48 -0.77 -4.90
C ALA B 344 45.39 0.13 -3.68
N CYS B 345 44.21 0.73 -3.47
CA CYS B 345 44.04 1.78 -2.48
C CYS B 345 42.86 1.52 -1.56
N GLY B 346 43.13 1.55 -0.26
CA GLY B 346 42.12 1.29 0.75
C GLY B 346 42.75 1.02 2.10
N ARG B 347 42.01 0.36 2.99
CA ARG B 347 42.53 0.05 4.31
C ARG B 347 41.65 -0.99 5.01
N PRO B 348 42.25 -1.91 5.77
CA PRO B 348 41.43 -2.81 6.61
C PRO B 348 40.53 -2.00 7.53
N GLN B 349 39.24 -2.36 7.57
CA GLN B 349 38.22 -1.51 8.18
C GLN B 349 38.46 -1.27 9.67
N GLY B 350 38.90 -2.31 10.39
CA GLY B 350 39.18 -2.18 11.80
C GLY B 350 40.22 -1.11 12.07
N THR B 351 41.36 -1.22 11.38
CA THR B 351 42.45 -0.26 11.54
C THR B 351 42.02 1.14 11.10
N ALA B 352 41.21 1.20 10.04
CA ALA B 352 40.72 2.47 9.52
C ALA B 352 39.85 3.18 10.55
N VAL B 353 38.91 2.46 11.14
CA VAL B 353 38.01 3.05 12.12
C VAL B 353 38.78 3.56 13.33
N TYR B 354 39.73 2.77 13.83
CA TYR B 354 40.48 3.16 15.02
C TYR B 354 41.30 4.44 14.79
N ASN B 355 42.12 4.43 13.75
CA ASN B 355 43.05 5.53 13.52
C ASN B 355 42.34 6.84 13.16
N VAL B 356 41.21 6.73 12.45
CA VAL B 356 40.44 7.91 12.08
C VAL B 356 39.70 8.48 13.30
N THR B 357 39.03 7.62 14.05
CA THR B 357 38.21 8.07 15.18
C THR B 357 39.07 8.56 16.33
N GLN B 358 40.25 7.97 16.50
CA GLN B 358 41.18 8.38 17.54
C GLN B 358 41.53 9.85 17.36
N PHE B 359 41.52 10.30 16.11
CA PHE B 359 41.72 11.71 15.78
C PHE B 359 40.41 12.49 15.80
N ALA B 360 39.40 11.96 15.13
CA ALA B 360 38.15 12.69 14.92
C ALA B 360 37.36 12.92 16.21
N ASN B 361 37.35 11.93 17.11
CA ASN B 361 36.58 12.04 18.36
C ASN B 361 37.09 13.18 19.24
N GLN B 362 38.36 13.54 19.08
CA GLN B 362 38.95 14.64 19.85
C GLN B 362 38.30 15.96 19.47
N PHE B 363 37.67 15.99 18.29
CA PHE B 363 37.02 17.19 17.79
C PHE B 363 35.50 17.07 17.87
N GLY B 364 35.02 16.00 18.52
CA GLY B 364 33.59 15.80 18.66
C GLY B 364 32.92 15.55 17.33
N VAL B 365 33.64 14.93 16.41
CA VAL B 365 33.11 14.61 15.09
C VAL B 365 32.77 13.13 15.01
N PRO B 366 31.47 12.78 15.06
CA PRO B 366 31.12 11.35 15.00
C PRO B 366 31.46 10.72 13.67
N CYS B 367 31.81 9.44 13.68
CA CYS B 367 32.21 8.74 12.48
C CYS B 367 31.34 7.52 12.21
N ILE B 368 30.95 7.33 10.95
CA ILE B 368 30.21 6.17 10.53
C ILE B 368 31.17 5.10 10.02
N ALA B 369 31.07 3.90 10.58
CA ALA B 369 31.88 2.77 10.13
C ALA B 369 31.11 2.15 8.97
N ASP B 370 31.62 2.36 7.76
CA ASP B 370 30.94 1.92 6.54
C ASP B 370 31.62 0.80 5.74
N GLY B 371 30.87 -0.30 5.64
CA GLY B 371 31.27 -1.48 4.91
C GLY B 371 31.87 -2.58 5.75
N GLY B 372 31.70 -3.81 5.28
CA GLY B 372 32.24 -4.98 5.95
C GLY B 372 31.44 -5.48 7.12
N VAL B 373 30.30 -4.84 7.39
CA VAL B 373 29.42 -5.25 8.48
C VAL B 373 28.41 -6.29 7.98
N GLN B 374 28.33 -7.41 8.70
CA GLN B 374 27.49 -8.53 8.31
C GLN B 374 26.70 -9.10 9.49
N ASN B 375 27.12 -8.77 10.71
CA ASN B 375 26.49 -9.32 11.90
C ASN B 375 26.66 -8.41 13.12
N ILE B 376 25.99 -8.77 14.21
CA ILE B 376 26.00 -7.98 15.43
C ILE B 376 27.41 -7.81 15.96
N GLY B 377 28.24 -8.83 15.77
CA GLY B 377 29.60 -8.78 16.25
C GLY B 377 30.39 -7.67 15.60
N HIS B 378 30.17 -7.49 14.30
CA HIS B 378 30.85 -6.43 13.55
C HIS B 378 30.43 -5.05 14.05
N ILE B 379 29.16 -4.91 14.44
CA ILE B 379 28.65 -3.65 14.94
C ILE B 379 29.28 -3.28 16.28
N THR B 380 29.41 -4.26 17.16
CA THR B 380 30.01 -4.06 18.48
C THR B 380 31.48 -3.64 18.34
N LYS B 381 32.21 -4.36 17.50
CA LYS B 381 33.63 -4.11 17.33
C LYS B 381 33.91 -2.76 16.68
N ALA B 382 33.06 -2.36 15.73
CA ALA B 382 33.20 -1.09 15.06
C ALA B 382 33.08 0.05 16.08
N ILE B 383 32.08 -0.06 16.93
CA ILE B 383 31.84 0.93 17.97
C ILE B 383 32.96 0.88 19.01
N ALA B 384 33.42 -0.32 19.32
CA ALA B 384 34.52 -0.49 20.26
C ALA B 384 35.76 0.24 19.78
N LEU B 385 36.01 0.23 18.48
CA LEU B 385 37.19 0.85 17.91
C LEU B 385 37.05 2.36 17.71
N GLY B 386 35.85 2.90 18.00
CA GLY B 386 35.65 4.34 18.00
C GLY B 386 34.50 4.86 17.16
N ALA B 387 33.89 4.00 16.35
CA ALA B 387 32.78 4.42 15.52
C ALA B 387 31.60 4.83 16.38
N SER B 388 30.85 5.84 15.95
CA SER B 388 29.65 6.28 16.65
C SER B 388 28.41 5.57 16.09
N THR B 389 28.41 5.33 14.78
CA THR B 389 27.35 4.56 14.14
C THR B 389 27.93 3.63 13.09
N VAL B 390 27.13 2.68 12.62
CA VAL B 390 27.55 1.76 11.57
C VAL B 390 26.61 1.85 10.38
N MET B 391 27.18 1.80 9.18
CA MET B 391 26.40 1.82 7.96
C MET B 391 26.30 0.41 7.38
N MET B 392 25.10 0.01 7.00
CA MET B 392 24.84 -1.30 6.46
C MET B 392 24.22 -1.27 5.06
N GLY B 393 24.83 -2.00 4.15
CA GLY B 393 24.33 -2.09 2.80
C GLY B 393 23.76 -3.47 2.53
N GLY B 394 24.65 -4.43 2.36
CA GLY B 394 24.28 -5.79 2.08
C GLY B 394 23.39 -6.43 3.12
N MET B 395 23.62 -6.11 4.39
CA MET B 395 22.81 -6.68 5.46
C MET B 395 21.33 -6.32 5.30
N LEU B 396 21.06 -5.16 4.74
CA LEU B 396 19.69 -4.66 4.62
C LEU B 396 19.11 -4.91 3.24
N ALA B 397 19.97 -5.18 2.26
CA ALA B 397 19.49 -5.60 0.96
C ALA B 397 18.83 -6.97 1.10
N GLY B 398 17.73 -7.17 0.38
CA GLY B 398 16.99 -8.41 0.47
C GLY B 398 15.90 -8.37 1.52
N THR B 399 15.80 -7.27 2.26
CA THR B 399 14.69 -7.06 3.18
C THR B 399 13.50 -6.51 2.41
N THR B 400 12.31 -6.62 2.98
CA THR B 400 11.10 -6.25 2.27
C THR B 400 11.05 -4.74 2.00
N GLU B 401 11.61 -3.96 2.91
CA GLU B 401 11.61 -2.50 2.75
C GLU B 401 12.65 -2.07 1.71
N SER B 402 13.55 -2.99 1.37
CA SER B 402 14.57 -2.69 0.38
C SER B 402 13.87 -2.53 -0.97
N PRO B 403 14.44 -1.71 -1.83
CA PRO B 403 13.82 -1.51 -3.13
C PRO B 403 14.31 -2.53 -4.12
N GLY B 404 13.54 -3.60 -4.29
CA GLY B 404 13.89 -4.65 -5.24
C GLY B 404 12.73 -5.54 -5.59
N GLU B 405 12.85 -6.26 -6.71
CA GLU B 405 11.84 -7.22 -7.09
C GLU B 405 12.51 -8.56 -6.83
N TYR B 406 11.90 -9.38 -5.98
CA TYR B 406 12.48 -10.67 -5.67
C TYR B 406 12.45 -11.64 -6.84
N PHE B 407 13.57 -12.27 -7.11
CA PHE B 407 13.66 -13.28 -8.15
C PHE B 407 14.19 -14.58 -7.57
N PHE B 408 13.97 -15.68 -8.27
CA PHE B 408 14.39 -17.00 -7.80
C PHE B 408 15.50 -17.60 -8.65
N ARG B 409 16.59 -18.00 -8.00
CA ARG B 409 17.70 -18.65 -8.69
C ARG B 409 18.42 -19.61 -7.73
N ASP B 410 18.82 -20.76 -8.25
CA ASP B 410 19.53 -21.78 -7.47
C ASP B 410 18.69 -22.26 -6.29
N GLY B 411 17.38 -22.19 -6.41
CA GLY B 411 16.49 -22.62 -5.35
C GLY B 411 16.51 -21.66 -4.17
N LYS B 412 16.92 -20.42 -4.42
CA LYS B 412 16.97 -19.40 -3.38
C LYS B 412 16.23 -18.13 -3.80
N ARG B 413 15.59 -17.49 -2.83
CA ARG B 413 14.87 -16.24 -3.05
C ARG B 413 15.85 -15.08 -2.92
N LEU B 414 16.05 -14.34 -4.03
CA LEU B 414 17.12 -13.35 -4.10
C LEU B 414 16.65 -11.96 -4.49
N LYS B 415 17.46 -10.96 -4.10
CA LYS B 415 17.31 -9.59 -4.56
C LYS B 415 18.62 -9.13 -5.18
N THR B 416 18.58 -8.34 -6.24
CA THR B 416 19.82 -7.88 -6.80
C THR B 416 20.43 -6.84 -5.86
N TYR B 417 21.75 -6.90 -5.68
CA TYR B 417 22.47 -5.93 -4.87
C TYR B 417 23.72 -5.55 -5.67
N ARG B 418 23.89 -4.26 -5.94
CA ARG B 418 25.03 -3.80 -6.70
C ARG B 418 25.76 -2.59 -6.15
N GLY B 419 27.06 -2.56 -6.37
CA GLY B 419 27.91 -1.48 -5.94
C GLY B 419 27.66 -0.27 -6.81
N MET B 420 27.75 0.91 -6.22
CA MET B 420 27.48 2.13 -6.96
C MET B 420 28.54 2.47 -7.99
N GLY B 421 29.71 1.83 -7.90
CA GLY B 421 30.75 2.06 -8.87
C GLY B 421 30.66 1.09 -10.03
N SER B 422 29.72 0.14 -9.97
CA SER B 422 29.55 -0.84 -11.03
C SER B 422 29.07 -0.16 -12.31
N ILE B 423 29.46 -0.71 -13.44
CA ILE B 423 29.10 -0.11 -14.72
C ILE B 423 27.59 0.01 -14.89
N ASP B 424 26.86 -0.95 -14.36
CA ASP B 424 25.42 -0.95 -14.46
C ASP B 424 24.81 0.24 -13.72
N ALA B 425 25.33 0.52 -12.54
CA ALA B 425 24.82 1.62 -11.73
C ALA B 425 25.15 2.97 -12.36
N MET B 426 26.38 3.11 -12.86
CA MET B 426 26.83 4.36 -13.46
C MET B 426 26.10 4.65 -14.77
N GLN B 427 25.56 3.60 -15.40
CA GLN B 427 24.83 3.74 -16.64
C GLN B 427 23.37 4.05 -16.39
N VAL B 449 36.15 2.72 -15.78
CA VAL B 449 36.73 1.77 -14.84
C VAL B 449 35.80 1.56 -13.65
N ALA B 450 35.22 0.35 -13.57
CA ALA B 450 34.32 0.01 -12.49
C ALA B 450 35.08 -0.19 -11.18
N GLN B 451 34.45 0.20 -10.09
CA GLN B 451 35.00 -0.01 -8.75
C GLN B 451 34.02 -0.80 -7.90
N GLY B 452 33.02 -1.38 -8.57
CA GLY B 452 32.04 -2.23 -7.91
C GLY B 452 31.51 -3.23 -8.92
N VAL B 453 30.73 -4.21 -8.45
CA VAL B 453 30.19 -5.24 -9.32
C VAL B 453 28.69 -5.43 -9.04
N THR B 454 28.01 -6.19 -9.91
CA THR B 454 26.60 -6.50 -9.72
C THR B 454 26.44 -7.92 -9.20
N GLY B 455 25.58 -8.08 -8.18
CA GLY B 455 25.34 -9.39 -7.59
C GLY B 455 23.93 -9.52 -7.04
N SER B 456 23.74 -10.52 -6.18
CA SER B 456 22.45 -10.79 -5.57
C SER B 456 22.60 -11.18 -4.11
N VAL B 457 21.54 -10.97 -3.33
CA VAL B 457 21.52 -11.31 -1.91
C VAL B 457 20.22 -12.03 -1.54
N ILE B 458 20.27 -12.84 -0.50
CA ILE B 458 19.13 -13.66 -0.08
C ILE B 458 18.06 -12.85 0.65
N ASP B 459 16.81 -13.32 0.57
CA ASP B 459 15.69 -12.73 1.31
C ASP B 459 15.91 -12.80 2.81
N LYS B 460 15.48 -11.75 3.52
CA LYS B 460 15.65 -11.66 4.97
C LYS B 460 14.37 -11.25 5.71
N GLY B 461 13.33 -10.90 4.96
CA GLY B 461 12.09 -10.44 5.57
C GLY B 461 12.15 -8.99 5.99
N SER B 462 11.21 -8.58 6.82
CA SER B 462 11.06 -7.18 7.19
C SER B 462 12.06 -6.73 8.27
N ILE B 463 12.51 -5.49 8.16
CA ILE B 463 13.44 -4.96 9.17
C ILE B 463 12.70 -4.63 10.45
N LYS B 464 11.38 -4.66 10.40
CA LYS B 464 10.57 -4.47 11.60
C LYS B 464 10.87 -5.58 12.60
N LYS B 465 11.44 -6.67 12.11
CA LYS B 465 11.92 -7.76 12.95
C LYS B 465 13.43 -7.78 13.05
N TYR B 466 14.09 -7.45 11.94
CA TYR B 466 15.54 -7.58 11.84
C TYR B 466 16.29 -6.53 12.66
N ILE B 467 15.81 -5.28 12.66
CA ILE B 467 16.49 -4.21 13.37
C ILE B 467 16.37 -4.38 14.89
N PRO B 468 15.16 -4.71 15.40
CA PRO B 468 15.05 -4.99 16.83
C PRO B 468 15.93 -6.16 17.28
N TYR B 469 16.18 -7.12 16.39
CA TYR B 469 17.08 -8.23 16.66
C TYR B 469 18.51 -7.71 16.83
N LEU B 470 18.92 -6.82 15.93
CA LEU B 470 20.25 -6.20 16.03
C LEU B 470 20.33 -5.32 17.27
N TYR B 471 19.26 -4.61 17.56
CA TYR B 471 19.18 -3.75 18.73
C TYR B 471 19.33 -4.58 20.00
N ASN B 472 18.52 -5.62 20.11
CA ASN B 472 18.56 -6.52 21.26
C ASN B 472 19.89 -7.22 21.39
N GLY B 473 20.47 -7.60 20.25
CA GLY B 473 21.74 -8.29 20.22
C GLY B 473 22.86 -7.40 20.73
N LEU B 474 22.83 -6.13 20.34
CA LEU B 474 23.84 -5.18 20.75
C LEU B 474 23.74 -4.90 22.25
N GLN B 475 22.52 -4.92 22.78
CA GLN B 475 22.30 -4.75 24.21
C GLN B 475 22.95 -5.86 25.00
N HIS B 476 22.76 -7.10 24.54
CA HIS B 476 23.33 -8.26 25.21
C HIS B 476 24.85 -8.25 25.10
N SER B 477 25.34 -7.74 23.99
CA SER B 477 26.78 -7.66 23.74
C SER B 477 27.42 -6.66 24.71
N CYS B 478 26.76 -5.53 24.91
CA CYS B 478 27.21 -4.54 25.88
C CYS B 478 27.17 -5.11 27.28
N GLN B 479 26.12 -5.87 27.58
CA GLN B 479 25.97 -6.50 28.89
C GLN B 479 27.14 -7.44 29.20
N ASP B 480 27.44 -8.33 28.26
CA ASP B 480 28.53 -9.28 28.44
C ASP B 480 29.85 -8.56 28.69
N ILE B 481 30.02 -7.41 28.04
CA ILE B 481 31.23 -6.61 28.19
C ILE B 481 31.20 -5.86 29.50
N GLY B 482 29.99 -5.55 29.98
CA GLY B 482 29.80 -4.93 31.27
C GLY B 482 29.62 -3.42 31.22
N VAL B 483 29.07 -2.93 30.11
CA VAL B 483 28.82 -1.49 29.95
C VAL B 483 27.33 -1.23 29.74
N ARG B 484 26.82 -0.16 30.35
CA ARG B 484 25.40 0.13 30.35
C ARG B 484 24.98 1.03 29.19
N SER B 485 25.95 1.54 28.43
CA SER B 485 25.63 2.37 27.29
C SER B 485 26.80 2.42 26.31
N LEU B 486 26.53 2.95 25.12
CA LEU B 486 27.58 3.12 24.12
C LEU B 486 28.51 4.26 24.52
N VAL B 487 27.98 5.24 25.25
CA VAL B 487 28.81 6.31 25.79
C VAL B 487 29.79 5.72 26.81
N GLU B 488 29.29 4.86 27.69
CA GLU B 488 30.15 4.20 28.66
C GLU B 488 31.12 3.28 27.94
N PHE B 489 30.65 2.65 26.89
CA PHE B 489 31.45 1.71 26.13
C PHE B 489 32.65 2.44 25.56
N ARG B 490 32.40 3.63 25.03
CA ARG B 490 33.48 4.43 24.46
C ARG B 490 34.49 4.82 25.53
N GLU B 491 34.01 5.23 26.69
CA GLU B 491 34.88 5.63 27.79
C GLU B 491 35.73 4.52 28.37
N LYS B 492 35.14 3.36 28.57
CA LYS B 492 35.84 2.22 29.18
C LYS B 492 36.87 1.60 28.23
N VAL B 493 36.66 1.75 26.94
CA VAL B 493 37.64 1.29 25.96
C VAL B 493 38.85 2.21 25.96
N ASP B 494 38.61 3.51 25.92
CA ASP B 494 39.69 4.49 25.83
C ASP B 494 40.52 4.52 27.11
N SER B 495 39.90 4.20 28.24
CA SER B 495 40.59 4.18 29.53
C SER B 495 41.37 2.87 29.74
N GLY B 496 41.15 1.90 28.86
CA GLY B 496 41.84 0.63 28.96
C GLY B 496 41.15 -0.37 29.86
N SER B 497 39.91 -0.06 30.26
CA SER B 497 39.13 -0.95 31.10
C SER B 497 38.58 -2.11 30.29
N VAL B 498 38.02 -1.81 29.11
CA VAL B 498 37.60 -2.86 28.18
C VAL B 498 38.83 -3.47 27.55
N ARG B 499 38.85 -4.79 27.46
CA ARG B 499 40.03 -5.52 27.00
C ARG B 499 39.73 -6.31 25.72
N PHE B 500 40.78 -6.58 24.96
CA PHE B 500 40.66 -7.23 23.66
C PHE B 500 41.61 -8.41 23.54
N GLU B 501 41.43 -9.19 22.47
CA GLU B 501 42.29 -10.33 22.18
C GLU B 501 42.35 -10.58 20.68
N PHE B 502 43.55 -10.85 20.17
CA PHE B 502 43.71 -11.20 18.76
C PHE B 502 43.03 -12.53 18.49
N ARG B 503 42.67 -12.76 17.23
CA ARG B 503 42.15 -14.04 16.77
C ARG B 503 43.05 -14.60 15.68
N THR B 504 43.76 -15.66 15.99
CA THR B 504 44.50 -16.39 14.96
C THR B 504 43.49 -17.03 14.02
N PRO B 505 43.92 -17.41 12.81
CA PRO B 505 43.00 -18.06 11.87
C PRO B 505 42.29 -19.27 12.49
N SER B 506 42.99 -19.99 13.35
CA SER B 506 42.42 -21.15 14.02
C SER B 506 41.34 -20.74 15.01
N ALA B 507 41.56 -19.61 15.70
CA ALA B 507 40.63 -19.12 16.69
C ALA B 507 39.33 -18.65 16.04
N GLN B 508 39.43 -18.10 14.84
CA GLN B 508 38.27 -17.63 14.10
C GLN B 508 37.38 -18.79 13.66
N LEU B 509 38.01 -19.88 13.21
CA LEU B 509 37.27 -21.09 12.83
C LEU B 509 36.61 -21.70 14.05
N GLU B 510 37.34 -21.70 15.16
CA GLU B 510 36.81 -22.22 16.43
C GLU B 510 35.69 -21.33 16.95
N GLY B 511 35.82 -20.02 16.73
CA GLY B 511 34.84 -19.06 17.19
C GLY B 511 33.52 -19.19 16.45
N GLY B 512 33.58 -19.56 15.18
CA GLY B 512 32.40 -19.77 14.38
C GLY B 512 31.93 -21.21 14.51
N VAL B 513 30.90 -21.56 13.75
CA VAL B 513 30.41 -22.94 13.71
C VAL B 513 31.49 -23.83 13.10
N HIS B 514 31.72 -24.99 13.69
CA HIS B 514 32.75 -25.91 13.20
C HIS B 514 32.47 -27.37 13.56
N ASN B 515 32.96 -28.27 12.71
CA ASN B 515 32.85 -29.71 12.93
C ASN B 515 31.40 -30.19 13.08
N LEU B 516 30.56 -29.83 12.13
CA LEU B 516 29.20 -30.35 12.04
C LEU B 516 28.92 -30.85 10.63
N HIS B 517 28.08 -31.88 10.53
CA HIS B 517 27.67 -32.40 9.23
C HIS B 517 26.79 -31.38 8.53
N SER B 518 25.90 -30.76 9.30
CA SER B 518 25.02 -29.71 8.78
C SER B 518 24.55 -28.83 9.93
N TYR B 519 24.06 -27.65 9.59
CA TYR B 519 23.56 -26.70 10.56
C TYR B 519 22.48 -25.83 9.93
N GLU B 520 21.58 -25.32 10.76
CA GLU B 520 20.52 -24.45 10.33
C GLU B 520 20.53 -23.12 11.10
N LEU B 523 19.22 -17.99 14.10
CA LEU B 523 19.52 -16.70 14.70
C LEU B 523 18.26 -15.92 15.06
N PHE B 524 17.33 -15.85 14.12
CA PHE B 524 16.09 -15.12 14.32
C PHE B 524 14.90 -15.86 13.72
N ASP B 525 13.73 -15.60 14.30
CA ASP B 525 12.47 -16.19 13.84
C ASP B 525 12.35 -17.65 14.23
N THR C 5 -12.24 11.40 47.29
CA THR C 5 -10.89 11.27 47.84
C THR C 5 -9.87 11.93 46.93
N TYR C 6 -8.61 11.90 47.34
CA TYR C 6 -7.51 12.50 46.59
C TYR C 6 -7.03 11.56 45.49
N ARG C 7 -6.61 12.14 44.37
CA ARG C 7 -6.09 11.37 43.25
C ARG C 7 -4.73 10.75 43.57
N ASP C 8 -4.44 9.63 42.92
CA ASP C 8 -3.15 8.97 43.08
C ASP C 8 -2.04 9.79 42.43
N ALA C 9 -0.94 9.96 43.15
CA ALA C 9 0.18 10.76 42.68
C ALA C 9 0.77 10.21 41.38
N ALA C 10 0.61 8.90 41.18
CA ALA C 10 1.14 8.23 39.99
C ALA C 10 0.46 8.71 38.72
N THR C 11 -0.73 9.28 38.86
CA THR C 11 -1.52 9.76 37.73
C THR C 11 -1.32 11.26 37.49
N ALA C 12 -0.32 11.85 38.15
CA ALA C 12 -0.13 13.29 38.11
C ALA C 12 0.18 13.81 36.72
N LEU C 13 1.10 13.16 36.02
CA LEU C 13 1.46 13.58 34.67
C LEU C 13 0.29 13.29 33.72
N GLU C 14 -0.41 12.21 34.00
CA GLU C 14 -1.57 11.83 33.20
C GLU C 14 -2.70 12.84 33.35
N HIS C 15 -2.84 13.40 34.55
CA HIS C 15 -3.94 14.30 34.84
C HIS C 15 -3.83 15.62 34.10
N LEU C 16 -2.61 15.96 33.68
CA LEU C 16 -2.37 17.19 32.91
C LEU C 16 -3.21 17.20 31.63
N ALA C 17 -3.57 16.01 31.17
CA ALA C 17 -4.31 15.85 29.92
C ALA C 17 -5.74 16.38 30.04
N THR C 18 -6.21 16.54 31.27
CA THR C 18 -7.57 17.02 31.49
C THR C 18 -7.69 18.53 31.27
N TYR C 19 -6.55 19.22 31.19
CA TYR C 19 -6.54 20.66 30.99
C TYR C 19 -6.52 21.03 29.50
N ALA C 20 -7.30 22.04 29.15
CA ALA C 20 -7.45 22.48 27.77
C ALA C 20 -6.19 23.14 27.23
N GLU C 21 -5.48 23.87 28.08
CA GLU C 21 -4.29 24.60 27.67
C GLU C 21 -3.15 24.44 28.67
N LYS C 22 -1.93 24.65 28.20
CA LYS C 22 -0.78 24.69 29.08
C LYS C 22 -0.89 25.87 30.03
N ASP C 23 -0.25 25.76 31.18
CA ASP C 23 -0.24 26.84 32.15
C ASP C 23 0.57 27.99 31.56
N GLY C 24 0.12 29.22 31.81
CA GLY C 24 0.77 30.40 31.28
C GLY C 24 0.32 30.72 29.87
N LEU C 25 1.00 31.67 29.25
CA LEU C 25 0.64 32.14 27.91
C LEU C 25 1.68 31.75 26.87
N SER C 26 1.24 31.53 25.64
CA SER C 26 2.16 31.41 24.52
C SER C 26 2.62 32.82 24.16
N VAL C 27 3.69 32.93 23.37
CA VAL C 27 4.21 34.24 23.00
C VAL C 27 3.16 35.01 22.19
N GLU C 28 2.33 34.27 21.45
CA GLU C 28 1.27 34.88 20.65
C GLU C 28 0.22 35.55 21.54
N GLN C 29 -0.20 34.86 22.58
CA GLN C 29 -1.19 35.39 23.51
C GLN C 29 -0.64 36.61 24.27
N LEU C 30 0.65 36.55 24.60
CA LEU C 30 1.30 37.63 25.32
C LEU C 30 1.33 38.93 24.53
N MET C 31 1.69 38.83 23.24
CA MET C 31 1.91 40.01 22.41
C MET C 31 0.70 40.42 21.57
N ASP C 32 -0.49 40.10 22.05
CA ASP C 32 -1.72 40.46 21.33
C ASP C 32 -2.87 40.71 22.31
N SER C 33 -4.07 40.88 21.76
CA SER C 33 -5.27 41.09 22.56
C SER C 33 -5.16 42.34 23.42
N GLY C 37 -1.72 46.22 25.39
CA GLY C 37 -0.81 46.34 24.26
C GLY C 37 0.29 47.34 24.52
N GLY C 38 1.33 47.31 23.70
CA GLY C 38 2.42 48.25 23.82
C GLY C 38 3.27 48.00 25.05
N LEU C 39 3.68 46.75 25.25
CA LEU C 39 4.43 46.35 26.44
C LEU C 39 5.93 46.32 26.20
N THR C 40 6.69 46.31 27.29
CA THR C 40 8.14 46.20 27.23
C THR C 40 8.61 45.03 28.08
N TYR C 41 9.93 44.90 28.23
CA TYR C 41 10.54 43.78 28.92
C TYR C 41 10.00 43.57 30.34
N ASN C 42 9.85 44.68 31.07
CA ASN C 42 9.43 44.60 32.47
C ASN C 42 7.95 44.24 32.64
N ASP C 43 7.21 44.14 31.55
CA ASP C 43 5.77 43.86 31.64
C ASP C 43 5.46 42.36 31.69
N PHE C 44 6.46 41.51 31.53
CA PHE C 44 6.21 40.07 31.53
C PHE C 44 7.39 39.25 32.02
N LEU C 45 7.12 37.96 32.27
CA LEU C 45 8.13 37.00 32.68
C LEU C 45 8.07 35.77 31.79
N VAL C 46 9.16 35.01 31.76
CA VAL C 46 9.17 33.69 31.14
C VAL C 46 8.99 32.65 32.23
N LEU C 47 8.07 31.72 32.03
CA LEU C 47 7.83 30.69 33.03
C LEU C 47 8.90 29.60 32.95
N PRO C 48 9.30 29.04 34.11
CA PRO C 48 10.32 27.99 34.12
C PRO C 48 9.80 26.68 33.53
N GLY C 49 10.72 25.83 33.07
CA GLY C 49 10.36 24.56 32.45
C GLY C 49 10.99 23.37 33.15
N LYS C 50 11.56 22.48 32.36
CA LYS C 50 12.13 21.23 32.85
C LYS C 50 13.65 21.21 32.67
N ILE C 51 14.37 20.96 33.75
CA ILE C 51 15.83 20.89 33.73
C ILE C 51 16.34 19.45 33.69
N ASP C 52 17.14 19.13 32.67
CA ASP C 52 17.79 17.83 32.59
C ASP C 52 19.19 17.98 32.00
N PHE C 53 19.84 19.08 32.34
CA PHE C 53 21.20 19.36 31.86
C PHE C 53 21.80 20.53 32.65
N PRO C 54 23.14 20.58 32.73
CA PRO C 54 23.82 21.70 33.42
C PRO C 54 23.85 22.96 32.56
N SER C 55 23.90 24.12 33.20
CA SER C 55 23.89 25.39 32.49
C SER C 55 25.14 25.57 31.61
N SER C 56 26.23 24.93 32.01
CA SER C 56 27.48 25.03 31.27
C SER C 56 27.35 24.40 29.88
N GLU C 57 26.32 23.59 29.69
CA GLU C 57 26.09 22.93 28.42
C GLU C 57 25.37 23.84 27.42
N VAL C 58 24.84 24.95 27.90
CA VAL C 58 24.05 25.86 27.05
C VAL C 58 24.92 26.62 26.04
N VAL C 59 24.54 26.51 24.77
CA VAL C 59 25.24 27.18 23.68
C VAL C 59 24.55 28.50 23.33
N LEU C 60 25.35 29.56 23.21
CA LEU C 60 24.80 30.90 22.97
C LEU C 60 25.23 31.49 21.62
N SER C 61 25.49 30.60 20.66
CA SER C 61 25.82 31.03 19.30
C SER C 61 24.66 31.84 18.72
N SER C 62 24.98 32.96 18.07
CA SER C 62 23.97 33.90 17.62
C SER C 62 24.32 34.53 16.27
N ARG C 63 23.30 34.75 15.45
CA ARG C 63 23.47 35.39 14.15
C ARG C 63 23.45 36.91 14.30
N LEU C 64 24.52 37.56 13.84
CA LEU C 64 24.56 39.01 13.78
C LEU C 64 23.92 39.49 12.48
N THR C 65 24.34 38.86 11.39
CA THR C 65 23.79 39.14 10.06
C THR C 65 23.62 37.81 9.33
N LYS C 66 23.23 37.87 8.07
CA LYS C 66 23.03 36.67 7.28
C LYS C 66 24.27 35.77 7.25
N LYS C 67 25.45 36.38 7.13
CA LYS C 67 26.69 35.63 6.97
C LYS C 67 27.63 35.67 8.18
N ILE C 68 27.28 36.46 9.19
CA ILE C 68 28.11 36.58 10.39
C ILE C 68 27.41 35.97 11.61
N THR C 69 28.12 35.06 12.27
CA THR C 69 27.65 34.42 13.49
C THR C 69 28.63 34.66 14.63
N LEU C 70 28.09 34.97 15.80
CA LEU C 70 28.89 35.23 16.99
C LEU C 70 28.70 34.13 18.03
N ASN C 71 29.67 33.97 18.92
CA ASN C 71 29.57 32.99 20.00
C ASN C 71 28.73 33.51 21.16
N ALA C 72 28.48 34.82 21.15
CA ALA C 72 27.63 35.45 22.17
C ALA C 72 26.80 36.57 21.53
N PRO C 73 25.55 36.74 21.99
CA PRO C 73 24.64 37.71 21.37
C PRO C 73 24.86 39.14 21.87
N PHE C 74 26.12 39.50 22.11
CA PHE C 74 26.45 40.81 22.68
C PHE C 74 27.08 41.75 21.66
N VAL C 75 26.48 42.91 21.50
CA VAL C 75 26.97 43.94 20.58
C VAL C 75 27.07 45.28 21.30
N SER C 76 28.23 45.91 21.26
CA SER C 76 28.40 47.22 21.89
C SER C 76 27.96 48.33 20.93
N SER C 77 27.24 49.31 21.47
CA SER C 77 26.60 50.34 20.66
C SER C 77 27.59 51.35 20.07
N PRO C 78 27.30 51.86 18.86
CA PRO C 78 28.17 52.86 18.23
C PRO C 78 27.99 54.26 18.82
N MET C 79 28.57 54.49 19.99
CA MET C 79 28.49 55.77 20.67
C MET C 79 29.87 56.18 21.20
N ASP C 80 30.12 57.48 21.22
CA ASP C 80 31.45 57.99 21.57
C ASP C 80 31.78 57.84 23.04
N THR C 81 30.84 57.32 23.82
CA THR C 81 31.07 57.06 25.24
C THR C 81 31.04 55.56 25.56
N VAL C 82 31.02 54.73 24.52
CA VAL C 82 30.96 53.28 24.71
C VAL C 82 32.00 52.53 23.87
N THR C 83 31.94 52.70 22.56
CA THR C 83 32.72 51.86 21.64
C THR C 83 33.73 52.61 20.78
N GLU C 84 35.00 52.48 21.15
CA GLU C 84 36.12 52.82 20.26
C GLU C 84 36.93 51.54 20.05
N ALA C 85 38.20 51.68 19.68
CA ALA C 85 39.03 50.52 19.33
C ALA C 85 39.13 49.54 20.51
N ASP C 86 39.37 50.07 21.69
CA ASP C 86 39.55 49.26 22.89
C ASP C 86 38.31 48.41 23.19
N MET C 87 37.14 49.04 23.09
CA MET C 87 35.87 48.35 23.34
C MET C 87 35.66 47.25 22.30
N ALA C 88 35.82 47.60 21.03
CA ALA C 88 35.57 46.69 19.92
C ALA C 88 36.50 45.48 19.95
N ILE C 89 37.76 45.71 20.33
CA ILE C 89 38.74 44.63 20.39
C ILE C 89 38.30 43.57 21.39
N HIS C 90 37.92 44.01 22.59
CA HIS C 90 37.62 43.08 23.67
C HIS C 90 36.25 42.42 23.52
N MET C 91 35.30 43.10 22.89
CA MET C 91 34.00 42.50 22.60
C MET C 91 34.21 41.31 21.65
N ALA C 92 35.09 41.50 20.67
CA ALA C 92 35.38 40.44 19.70
C ALA C 92 36.07 39.27 20.38
N LEU C 93 37.04 39.57 21.24
CA LEU C 93 37.76 38.52 21.97
C LEU C 93 36.83 37.69 22.84
N LEU C 94 35.83 38.34 23.42
CA LEU C 94 34.93 37.69 24.36
C LEU C 94 33.71 37.07 23.67
N GLY C 95 33.72 37.04 22.34
CA GLY C 95 32.70 36.32 21.59
C GLY C 95 31.60 37.19 21.00
N GLY C 96 31.67 38.49 21.23
CA GLY C 96 30.71 39.43 20.69
C GLY C 96 31.29 40.23 19.55
N ILE C 97 30.85 41.49 19.44
CA ILE C 97 31.40 42.39 18.44
C ILE C 97 31.13 43.85 18.85
N GLY C 98 31.97 44.75 18.36
CA GLY C 98 31.81 46.17 18.62
C GLY C 98 31.51 46.93 17.36
N ILE C 99 30.68 47.97 17.50
CA ILE C 99 30.38 48.88 16.41
C ILE C 99 31.02 50.23 16.70
N ILE C 100 32.05 50.58 15.94
CA ILE C 100 32.78 51.84 16.15
C ILE C 100 31.90 53.02 15.75
N HIS C 101 31.83 54.03 16.62
CA HIS C 101 31.01 55.21 16.38
C HIS C 101 31.59 56.07 15.26
N HIS C 102 30.78 56.99 14.74
CA HIS C 102 31.22 57.87 13.66
C HIS C 102 31.13 59.35 14.03
N ASN C 103 31.12 59.63 15.33
CA ASN C 103 31.20 61.02 15.79
C ASN C 103 32.65 61.49 15.70
N CYS C 104 33.17 61.49 14.48
CA CYS C 104 34.57 61.78 14.23
C CYS C 104 34.79 61.85 12.73
N THR C 105 35.99 62.26 12.31
CA THR C 105 36.32 62.31 10.89
C THR C 105 36.47 60.89 10.35
N ALA C 106 36.37 60.75 9.04
CA ALA C 106 36.49 59.44 8.39
C ALA C 106 37.86 58.84 8.67
N GLU C 107 38.90 59.68 8.66
CA GLU C 107 40.27 59.23 8.90
C GLU C 107 40.40 58.68 10.31
N GLU C 108 39.82 59.41 11.27
CA GLU C 108 39.87 59.00 12.67
C GLU C 108 39.14 57.68 12.89
N GLN C 109 37.99 57.52 12.26
CA GLN C 109 37.21 56.30 12.39
C GLN C 109 37.93 55.11 11.75
N ALA C 110 38.54 55.37 10.59
CA ALA C 110 39.27 54.33 9.88
C ALA C 110 40.45 53.84 10.69
N GLU C 111 41.08 54.76 11.43
CA GLU C 111 42.21 54.42 12.28
C GLU C 111 41.77 53.48 13.40
N MET C 112 40.59 53.75 13.96
CA MET C 112 40.04 52.91 15.01
C MET C 112 39.72 51.52 14.49
N VAL C 113 39.14 51.45 13.30
CA VAL C 113 38.85 50.16 12.65
C VAL C 113 40.15 49.40 12.46
N ARG C 114 41.17 50.10 11.96
CA ARG C 114 42.46 49.50 11.67
C ARG C 114 43.08 48.90 12.94
N ARG C 115 42.95 49.61 14.06
CA ARG C 115 43.50 49.15 15.33
C ARG C 115 42.83 47.85 15.80
N VAL C 116 41.53 47.73 15.55
CA VAL C 116 40.81 46.50 15.92
C VAL C 116 41.28 45.35 15.04
N LYS C 117 41.41 45.61 13.74
CA LYS C 117 41.79 44.57 12.79
C LYS C 117 43.23 44.11 12.94
N LYS C 118 44.12 45.02 13.33
CA LYS C 118 45.53 44.67 13.47
C LYS C 118 45.88 44.21 14.89
N TYR C 119 44.91 44.23 15.80
CA TYR C 119 45.14 43.83 17.18
C TYR C 119 45.57 42.39 17.24
N GLU C 120 44.95 41.54 16.43
CA GLU C 120 45.40 40.17 16.24
C GLU C 120 45.60 39.87 14.76
N ASN C 121 46.74 39.29 14.42
CA ASN C 121 46.99 38.82 13.06
C ASN C 121 47.50 37.39 13.04
N GLY C 122 47.00 36.56 12.13
CA GLY C 122 47.78 35.44 11.62
C GLY C 122 49.00 35.74 10.77
N PHE C 123 48.85 36.63 9.79
CA PHE C 123 49.96 37.07 8.97
C PHE C 123 49.95 38.58 8.96
N ILE C 124 51.02 39.19 9.44
CA ILE C 124 50.98 40.62 9.63
C ILE C 124 51.28 41.27 8.30
N ASN C 125 50.39 42.14 7.87
CA ASN C 125 50.57 42.86 6.63
C ASN C 125 51.39 44.13 6.84
N ALA C 126 52.47 44.29 6.09
CA ALA C 126 53.28 45.50 6.21
C ALA C 126 53.75 45.81 7.64
N PRO C 127 54.44 44.78 8.26
CA PRO C 127 54.89 45.08 9.62
C PRO C 127 55.87 46.24 9.77
N VAL C 128 55.80 46.89 10.92
CA VAL C 128 56.64 48.03 11.23
C VAL C 128 58.10 47.56 11.22
N VAL C 129 58.98 48.34 10.62
CA VAL C 129 60.38 47.97 10.48
C VAL C 129 61.33 49.07 10.88
N VAL C 130 62.58 48.72 11.09
CA VAL C 130 63.53 49.75 11.49
C VAL C 130 64.78 49.68 10.63
N GLY C 131 65.48 50.80 10.49
CA GLY C 131 66.72 50.84 9.73
C GLY C 131 67.93 50.54 10.59
N PRO C 132 69.04 50.15 9.96
CA PRO C 132 70.25 49.81 10.74
C PRO C 132 70.93 51.04 11.32
N ASP C 133 70.68 52.20 10.72
CA ASP C 133 71.32 53.44 11.14
C ASP C 133 70.53 54.14 12.24
N ALA C 134 69.34 53.62 12.55
CA ALA C 134 68.53 54.15 13.64
C ALA C 134 69.21 53.89 14.97
N THR C 135 68.92 54.73 15.96
CA THR C 135 69.50 54.60 17.29
C THR C 135 68.53 53.89 18.24
N VAL C 136 69.04 53.48 19.40
CA VAL C 136 68.22 52.86 20.43
C VAL C 136 67.12 53.82 20.89
N ALA C 137 67.46 55.11 20.93
CA ALA C 137 66.51 56.14 21.33
C ALA C 137 65.31 56.16 20.39
N ASP C 138 65.56 55.98 19.10
CA ASP C 138 64.50 55.94 18.11
C ASP C 138 63.58 54.74 18.33
N VAL C 139 64.18 53.59 18.62
CA VAL C 139 63.42 52.36 18.82
C VAL C 139 62.50 52.47 20.03
N ARG C 140 62.97 53.13 21.08
CA ARG C 140 62.18 53.30 22.29
C ARG C 140 61.00 54.24 22.02
N ARG C 141 61.23 55.26 21.19
CA ARG C 141 60.17 56.17 20.80
C ARG C 141 59.12 55.45 19.97
N MET C 142 59.56 54.49 19.17
CA MET C 142 58.65 53.67 18.39
C MET C 142 57.89 52.71 19.29
N LYS C 143 58.57 52.22 20.32
CA LYS C 143 57.96 51.28 21.26
C LYS C 143 56.78 51.93 21.98
N ASN C 144 56.95 53.17 22.40
CA ASN C 144 55.86 53.88 23.04
C ASN C 144 54.67 54.11 22.13
N GLU C 145 54.94 54.56 20.91
CA GLU C 145 53.85 54.95 20.00
C GLU C 145 52.99 53.77 19.58
N PHE C 146 53.65 52.68 19.19
CA PHE C 146 52.99 51.61 18.43
C PHE C 146 51.97 50.75 19.19
N GLY C 147 52.32 50.26 20.36
CA GLY C 147 53.62 50.45 20.94
C GLY C 147 54.09 49.02 21.14
N PHE C 148 55.12 48.61 20.41
CA PHE C 148 55.66 47.26 20.55
C PHE C 148 57.14 47.29 20.19
N ALA C 149 57.88 46.31 20.68
CA ALA C 149 59.33 46.27 20.46
C ALA C 149 59.88 45.25 19.47
N GLY C 150 59.04 44.51 18.79
CA GLY C 150 59.48 43.52 17.84
C GLY C 150 59.62 44.08 16.44
N PHE C 151 60.71 44.76 16.18
CA PHE C 151 60.93 45.35 14.87
C PHE C 151 61.97 44.64 14.01
N PRO C 152 61.52 44.14 12.80
CA PRO C 152 62.56 43.56 11.94
C PRO C 152 63.46 44.65 11.35
N VAL C 153 64.72 44.34 11.02
CA VAL C 153 65.61 45.38 10.52
C VAL C 153 65.81 45.25 9.02
N THR C 154 65.43 46.28 8.28
CA THR C 154 65.57 46.33 6.83
C THR C 154 66.56 47.40 6.44
N ASP C 155 67.41 47.12 5.45
CA ASP C 155 68.38 48.09 5.01
C ASP C 155 67.67 49.33 4.49
N ASP C 156 66.65 49.08 3.69
CA ASP C 156 65.84 50.15 3.13
C ASP C 156 65.09 50.90 4.21
N GLY C 157 64.62 50.16 5.20
CA GLY C 157 63.83 50.76 6.26
C GLY C 157 62.35 50.66 5.91
N LYS C 158 62.03 49.87 4.89
CA LYS C 158 60.67 49.68 4.44
C LYS C 158 60.45 48.17 4.45
N PRO C 159 59.21 47.75 4.67
CA PRO C 159 58.90 46.31 4.75
C PRO C 159 59.21 45.56 3.46
N GLY C 161 61.39 45.42 1.62
CA GLY C 161 62.74 45.76 2.00
C GLY C 161 63.57 44.53 2.37
N LYS C 162 64.87 44.74 2.54
CA LYS C 162 65.82 43.63 2.57
C LYS C 162 66.16 43.25 3.99
N LEU C 163 65.67 42.10 4.44
CA LEU C 163 65.81 41.71 5.84
C LEU C 163 67.24 41.29 6.16
N GLN C 164 67.79 41.85 7.23
CA GLN C 164 69.15 41.51 7.67
C GLN C 164 69.20 41.17 9.16
N GLY C 165 68.05 41.20 9.83
CA GLY C 165 67.99 40.83 11.23
C GLY C 165 66.77 41.39 11.96
N ILE C 166 66.85 41.43 13.28
CA ILE C 166 65.71 41.86 14.11
C ILE C 166 66.15 42.47 15.44
N ILE C 167 65.37 43.42 15.93
CA ILE C 167 65.57 44.00 17.24
C ILE C 167 64.30 43.80 18.07
N THR C 168 64.47 43.35 19.31
CA THR C 168 63.33 43.06 20.19
C THR C 168 63.47 43.81 21.50
N SER C 169 62.46 43.67 22.37
CA SER C 169 62.45 44.33 23.65
C SER C 169 63.63 43.95 24.51
N ARG C 170 63.95 42.67 24.54
CA ARG C 170 65.07 42.16 25.31
C ARG C 170 66.39 42.75 24.81
N ASP C 171 66.52 42.93 23.50
CA ASP C 171 67.74 43.47 22.91
C ASP C 171 68.05 44.90 23.37
N ILE C 172 67.03 45.74 23.47
CA ILE C 172 67.20 47.12 23.88
C ILE C 172 66.84 47.51 25.33
N GLN C 173 66.38 46.55 26.11
CA GLN C 173 65.95 46.84 27.48
C GLN C 173 66.98 47.41 28.46
N PHE C 174 68.21 46.92 28.44
CA PHE C 174 69.21 47.40 29.40
C PHE C 174 70.45 48.01 28.73
N VAL C 175 70.23 48.62 27.56
CA VAL C 175 71.31 49.31 26.87
C VAL C 175 71.55 50.68 27.51
N GLU C 176 72.77 50.89 27.99
CA GLU C 176 73.10 52.12 28.71
C GLU C 176 73.25 53.30 27.76
N ASP C 177 73.90 53.07 26.63
CA ASP C 177 74.14 54.11 25.63
C ASP C 177 73.04 54.13 24.57
N GLU C 178 72.17 55.14 24.64
CA GLU C 178 71.03 55.22 23.74
C GLU C 178 71.41 55.71 22.34
N THR C 179 72.65 56.18 22.20
CA THR C 179 73.11 56.71 20.91
C THR C 179 73.58 55.58 20.00
N LEU C 180 73.77 54.39 20.55
CA LEU C 180 74.21 53.22 19.79
C LEU C 180 73.21 52.92 18.68
N LEU C 181 73.72 52.41 17.56
CA LEU C 181 72.88 52.12 16.39
C LEU C 181 72.24 50.73 16.47
N VAL C 182 71.15 50.56 15.74
CA VAL C 182 70.45 49.28 15.67
C VAL C 182 71.38 48.17 15.18
N SER C 183 72.21 48.50 14.20
CA SER C 183 73.12 47.52 13.58
C SER C 183 74.04 46.87 14.60
N GLU C 184 74.33 47.59 15.69
CA GLU C 184 75.24 47.11 16.72
C GLU C 184 74.55 46.15 17.69
N ILE C 185 73.27 46.42 17.96
CA ILE C 185 72.46 45.61 18.88
C ILE C 185 71.60 44.56 18.20
N MET C 186 71.31 44.76 16.93
CA MET C 186 70.44 43.86 16.21
C MET C 186 71.00 42.46 16.13
N THR C 187 70.09 41.49 16.21
CA THR C 187 70.47 40.11 16.08
C THR C 187 70.55 39.86 14.57
N LYS C 188 71.64 39.24 14.11
CA LYS C 188 71.85 38.99 12.69
C LYS C 188 71.43 37.61 12.21
N ASP C 189 71.51 36.62 13.08
CA ASP C 189 71.07 35.28 12.70
C ASP C 189 69.60 35.08 13.06
N VAL C 190 68.72 35.28 12.08
CA VAL C 190 67.28 35.20 12.30
C VAL C 190 66.65 34.10 11.45
N ILE C 191 65.89 33.22 12.11
CA ILE C 191 65.14 32.19 11.42
C ILE C 191 63.94 32.81 10.72
N THR C 192 63.77 32.47 9.44
CA THR C 192 62.70 33.03 8.63
C THR C 192 61.92 31.94 7.90
N GLY C 193 60.70 32.28 7.47
CA GLY C 193 59.89 31.40 6.66
C GLY C 193 59.89 31.87 5.22
N LYS C 194 59.79 30.93 4.28
CA LYS C 194 59.82 31.27 2.86
C LYS C 194 58.46 31.78 2.38
N GLN C 195 58.49 32.78 1.51
CA GLN C 195 57.26 33.31 0.90
C GLN C 195 56.53 32.20 0.16
N GLY C 196 55.21 32.17 0.30
CA GLY C 196 54.40 31.13 -0.28
C GLY C 196 53.97 30.10 0.75
N ILE C 197 54.64 30.13 1.91
CA ILE C 197 54.28 29.25 3.02
C ILE C 197 52.90 29.61 3.55
N ASN C 198 52.14 28.60 3.94
CA ASN C 198 50.80 28.83 4.50
C ASN C 198 50.88 29.08 6.00
N LEU C 199 49.76 29.51 6.58
CA LEU C 199 49.71 29.91 7.98
C LEU C 199 50.01 28.74 8.92
N GLU C 200 49.45 27.57 8.60
CA GLU C 200 49.61 26.40 9.45
C GLU C 200 51.07 25.95 9.49
N GLU C 201 51.72 25.93 8.33
CA GLU C 201 53.11 25.54 8.25
C GLU C 201 54.01 26.55 8.96
N ALA C 202 53.70 27.83 8.76
CA ALA C 202 54.48 28.90 9.37
C ALA C 202 54.32 28.90 10.88
N ASN C 203 53.10 28.68 11.36
CA ASN C 203 52.82 28.57 12.79
C ASN C 203 53.68 27.48 13.42
N GLN C 204 53.89 26.40 12.69
CA GLN C 204 54.65 25.26 13.21
C GLN C 204 56.11 25.65 13.42
N ILE C 205 56.66 26.41 12.46
CA ILE C 205 58.02 26.91 12.59
C ILE C 205 58.15 27.83 13.80
N LEU C 206 57.20 28.73 13.96
CA LEU C 206 57.21 29.69 15.06
C LEU C 206 57.19 28.99 16.41
N LYS C 207 56.35 27.97 16.53
CA LYS C 207 56.24 27.21 17.77
C LYS C 207 57.53 26.44 18.08
N ASN C 208 58.24 26.03 17.03
CA ASN C 208 59.48 25.28 17.19
C ASN C 208 60.64 26.16 17.64
N THR C 209 60.77 27.32 17.03
CA THR C 209 61.83 28.25 17.39
C THR C 209 61.61 28.75 18.79
N LYS C 210 60.34 28.97 19.14
CA LYS C 210 59.93 29.46 20.45
C LYS C 210 60.27 30.93 20.62
N LYS C 211 60.55 31.58 19.51
CA LYS C 211 60.88 32.99 19.50
C LYS C 211 59.59 33.76 19.45
N GLY C 212 59.70 35.07 19.57
CA GLY C 212 58.55 35.95 19.59
C GLY C 212 57.99 36.26 18.24
N LYS C 213 58.76 35.98 17.19
CA LYS C 213 58.34 36.26 15.84
C LYS C 213 58.89 35.29 14.82
N LEU C 214 58.34 35.39 13.63
CA LEU C 214 58.77 34.61 12.51
C LEU C 214 58.65 35.43 11.25
N PRO C 215 59.71 36.15 10.93
CA PRO C 215 59.68 36.93 9.69
C PRO C 215 59.54 36.07 8.44
N ILE C 216 58.80 36.57 7.45
CA ILE C 216 58.65 35.89 6.17
C ILE C 216 59.40 36.66 5.08
N VAL C 217 60.21 35.95 4.30
CA VAL C 217 61.03 36.58 3.27
C VAL C 217 60.90 35.88 1.91
N ASP C 218 61.17 36.63 0.84
CA ASP C 218 61.16 36.08 -0.51
C ASP C 218 62.55 35.55 -0.88
N GLU C 219 62.71 35.15 -2.14
CA GLU C 219 63.97 34.59 -2.62
C GLU C 219 65.10 35.61 -2.56
N ALA C 220 64.74 36.90 -2.67
CA ALA C 220 65.73 37.97 -2.64
C ALA C 220 66.12 38.32 -1.21
N GLY C 221 65.43 37.72 -0.24
CA GLY C 221 65.72 37.96 1.16
C GLY C 221 65.00 39.17 1.72
N CYS C 222 64.00 39.66 0.99
CA CYS C 222 63.25 40.83 1.41
C CYS C 222 62.02 40.43 2.23
N LEU C 223 61.72 41.24 3.24
CA LEU C 223 60.59 41.01 4.13
C LEU C 223 59.23 41.25 3.49
N VAL C 224 58.43 40.20 3.47
CA VAL C 224 57.10 40.28 2.92
C VAL C 224 56.05 40.33 4.05
N SER C 225 56.24 39.52 5.09
CA SER C 225 55.33 39.45 6.22
C SER C 225 56.03 39.08 7.54
N MET C 226 55.25 38.67 8.54
CA MET C 226 55.76 38.31 9.86
C MET C 226 54.70 37.75 10.81
N LEU C 227 55.12 36.81 11.64
CA LEU C 227 54.26 36.21 12.65
C LEU C 227 54.67 36.64 14.05
N SER C 228 53.74 36.54 14.98
CA SER C 228 54.01 36.84 16.39
C SER C 228 53.50 35.70 17.27
N ARG C 229 54.29 35.31 18.25
CA ARG C 229 53.92 34.25 19.17
C ARG C 229 52.69 34.65 19.97
N THR C 230 52.60 35.94 20.31
CA THR C 230 51.49 36.46 21.11
C THR C 230 50.14 36.22 20.42
N ASP C 231 50.10 36.22 19.10
CA ASP C 231 48.85 35.95 18.39
C ASP C 231 48.37 34.53 18.74
N LEU C 232 49.28 33.57 18.82
CA LEU C 232 48.93 32.20 19.16
C LEU C 232 48.45 32.13 20.61
N MET C 233 48.98 33.00 21.45
CA MET C 233 48.59 33.00 22.84
C MET C 233 47.21 33.68 22.96
N LYS C 234 46.99 34.68 22.12
CA LYS C 234 45.74 35.43 22.09
C LYS C 234 44.62 34.48 21.69
N ASN C 235 44.91 33.64 20.72
CA ASN C 235 43.97 32.63 20.24
C ASN C 235 43.68 31.60 21.33
N GLN C 236 44.73 31.27 22.08
CA GLN C 236 44.63 30.29 23.15
C GLN C 236 43.80 30.81 24.33
N SER C 237 43.99 32.09 24.67
CA SER C 237 43.34 32.70 25.82
C SER C 237 41.89 33.08 25.54
N TYR C 238 41.55 33.25 24.26
CA TYR C 238 40.20 33.65 23.86
C TYR C 238 39.69 32.74 22.74
N PRO C 239 39.29 31.52 23.09
CA PRO C 239 38.85 30.52 22.11
C PRO C 239 37.50 30.81 21.47
N LEU C 240 36.73 31.72 22.06
CA LEU C 240 35.42 32.08 21.53
C LEU C 240 35.48 33.37 20.72
N ALA C 241 36.68 33.87 20.49
CA ALA C 241 36.87 35.16 19.82
C ALA C 241 36.18 35.23 18.46
N SER C 242 35.52 36.36 18.22
CA SER C 242 34.88 36.62 16.93
C SER C 242 35.93 37.08 15.92
N LYS C 243 36.29 36.20 14.99
CA LYS C 243 37.36 36.49 14.04
C LYS C 243 37.04 36.01 12.64
N SER C 244 37.70 36.61 11.65
CA SER C 244 37.65 36.12 10.28
C SER C 244 38.40 34.80 10.20
N ALA C 245 37.76 33.81 9.62
CA ALA C 245 38.38 32.51 9.49
C ALA C 245 39.60 32.63 8.58
N ASP C 246 39.48 33.45 7.54
CA ASP C 246 40.57 33.70 6.61
C ASP C 246 41.80 34.49 7.09
N THR C 247 41.60 35.63 7.73
CA THR C 247 42.73 36.44 8.18
C THR C 247 43.17 36.23 9.62
N LYS C 248 42.32 35.62 10.42
CA LYS C 248 42.58 35.40 11.83
C LYS C 248 42.49 36.74 12.58
N GLN C 249 41.95 37.75 11.92
CA GLN C 249 41.80 39.07 12.53
C GLN C 249 40.42 39.21 13.21
N LEU C 250 40.37 39.96 14.30
CA LEU C 250 39.12 40.19 15.01
C LEU C 250 38.11 40.85 14.09
N LEU C 251 36.84 40.48 14.22
CA LEU C 251 35.78 41.14 13.49
C LEU C 251 35.56 42.54 14.06
N CYS C 252 35.25 43.49 13.18
CA CYS C 252 35.03 44.86 13.59
C CYS C 252 33.82 45.45 12.88
N GLY C 253 32.98 46.15 13.63
CA GLY C 253 31.84 46.84 13.07
C GLY C 253 32.05 48.34 13.15
N ALA C 254 31.29 49.09 12.36
CA ALA C 254 31.38 50.54 12.37
C ALA C 254 30.06 51.16 11.90
N ALA C 255 29.76 52.35 12.40
CA ALA C 255 28.54 53.06 12.03
C ALA C 255 28.84 54.15 11.03
N ILE C 256 27.87 54.46 10.17
CA ILE C 256 27.96 55.60 9.25
C ILE C 256 26.58 56.22 9.04
N GLY C 257 26.58 57.44 8.51
CA GLY C 257 25.34 58.09 8.11
C GLY C 257 24.92 57.64 6.72
N THR C 258 23.89 58.27 6.17
CA THR C 258 23.38 57.88 4.86
C THR C 258 23.42 59.04 3.85
N ILE C 259 24.26 60.03 4.11
CA ILE C 259 24.47 61.13 3.17
C ILE C 259 25.63 60.77 2.25
N ASP C 260 25.75 61.51 1.15
CA ASP C 260 26.73 61.21 0.11
C ASP C 260 28.18 61.17 0.63
N ALA C 261 28.46 61.99 1.64
CA ALA C 261 29.81 62.05 2.19
C ALA C 261 30.20 60.72 2.85
N ASP C 262 29.21 59.99 3.35
CA ASP C 262 29.48 58.73 4.04
C ASP C 262 29.94 57.63 3.09
N ARG C 263 29.79 57.88 1.78
CA ARG C 263 30.23 56.94 0.77
C ARG C 263 31.77 56.82 0.76
N GLN C 264 32.48 57.94 0.71
CA GLN C 264 33.93 57.87 0.70
C GLN C 264 34.40 57.40 2.08
N ARG C 265 33.65 57.77 3.11
CA ARG C 265 33.92 57.34 4.49
C ARG C 265 33.90 55.82 4.55
N LEU C 266 32.82 55.23 4.07
CA LEU C 266 32.68 53.79 4.12
C LEU C 266 33.82 53.15 3.38
N ALA C 267 34.17 53.75 2.26
CA ALA C 267 35.26 53.24 1.42
C ALA C 267 36.57 53.15 2.20
N MET C 268 36.80 54.13 3.08
CA MET C 268 37.98 54.14 3.92
C MET C 268 37.91 53.08 5.01
N LEU C 269 36.70 52.84 5.52
CA LEU C 269 36.50 51.82 6.55
C LEU C 269 36.74 50.43 5.97
N VAL C 270 36.25 50.20 4.76
CA VAL C 270 36.44 48.92 4.08
C VAL C 270 37.93 48.69 3.82
N GLU C 271 38.63 49.74 3.44
CA GLU C 271 40.07 49.65 3.21
C GLU C 271 40.79 49.31 4.51
N ALA C 272 40.22 49.73 5.63
CA ALA C 272 40.79 49.44 6.94
C ALA C 272 40.43 48.04 7.41
N GLY C 273 39.58 47.37 6.64
CA GLY C 273 39.23 45.98 6.90
C GLY C 273 37.90 45.76 7.58
N LEU C 274 36.97 46.69 7.40
CA LEU C 274 35.66 46.60 8.01
C LEU C 274 34.91 45.35 7.56
N ASP C 275 34.29 44.66 8.51
CA ASP C 275 33.57 43.41 8.22
C ASP C 275 32.05 43.64 8.13
N VAL C 276 31.54 44.57 8.94
CA VAL C 276 30.11 44.88 8.95
C VAL C 276 29.88 46.35 9.22
N VAL C 277 28.92 46.93 8.49
CA VAL C 277 28.58 48.34 8.66
C VAL C 277 27.16 48.49 9.19
N VAL C 278 26.97 49.43 10.10
CA VAL C 278 25.65 49.76 10.63
C VAL C 278 25.23 51.14 10.14
N LEU C 279 24.10 51.21 9.46
CA LEU C 279 23.56 52.50 9.02
C LEU C 279 22.84 53.14 10.20
N ASP C 280 23.47 54.18 10.75
CA ASP C 280 23.04 54.78 12.01
C ASP C 280 21.95 55.82 11.80
N SER C 281 20.76 55.53 12.33
CA SER C 281 19.63 56.43 12.20
C SER C 281 18.53 56.10 13.22
N SER C 282 17.84 57.14 13.69
CA SER C 282 16.71 56.95 14.59
C SER C 282 15.49 56.48 13.81
N GLN C 283 15.49 56.75 12.51
CA GLN C 283 14.40 56.36 11.62
C GLN C 283 14.99 55.94 10.28
N GLY C 284 15.32 54.67 10.16
CA GLY C 284 16.06 54.16 9.02
C GLY C 284 15.24 53.96 7.76
N ASN C 285 13.91 54.01 7.88
CA ASN C 285 13.05 53.81 6.73
C ASN C 285 12.96 55.09 5.89
N SER C 286 14.06 55.42 5.23
CA SER C 286 14.16 56.64 4.41
C SER C 286 14.70 56.32 3.03
N VAL C 287 14.39 57.19 2.07
CA VAL C 287 14.91 57.03 0.71
C VAL C 287 16.44 57.05 0.68
N PHE C 288 17.04 57.88 1.52
CA PHE C 288 18.50 57.96 1.61
C PHE C 288 19.11 56.63 2.05
N GLN C 289 18.57 56.03 3.11
CA GLN C 289 19.14 54.79 3.63
C GLN C 289 18.90 53.64 2.66
N ILE C 290 17.73 53.62 2.03
CA ILE C 290 17.43 52.58 1.04
C ILE C 290 18.44 52.66 -0.11
N ASN C 291 18.71 53.88 -0.57
CA ASN C 291 19.70 54.09 -1.62
C ASN C 291 21.10 53.68 -1.16
N MET C 292 21.42 54.00 0.09
CA MET C 292 22.72 53.66 0.65
C MET C 292 22.90 52.14 0.69
N ILE C 293 21.86 51.43 1.12
CA ILE C 293 21.91 49.97 1.17
C ILE C 293 22.21 49.39 -0.21
N LYS C 294 21.42 49.79 -1.20
CA LYS C 294 21.59 49.30 -2.56
C LYS C 294 22.99 49.56 -3.10
N TRP C 295 23.50 50.77 -2.84
CA TRP C 295 24.82 51.16 -3.33
C TRP C 295 25.93 50.31 -2.73
N ILE C 296 25.79 49.95 -1.45
CA ILE C 296 26.80 49.18 -0.75
C ILE C 296 26.85 47.74 -1.27
N LYS C 297 25.69 47.14 -1.47
CA LYS C 297 25.61 45.74 -1.88
C LYS C 297 26.24 45.52 -3.26
N GLU C 298 26.14 46.52 -4.13
CA GLU C 298 26.70 46.41 -5.48
C GLU C 298 28.17 46.85 -5.52
N THR C 299 28.55 47.71 -4.59
CA THR C 299 29.91 48.24 -4.54
C THR C 299 30.81 47.36 -3.68
N PHE C 300 30.30 47.02 -2.49
CA PHE C 300 31.04 46.18 -1.54
C PHE C 300 30.23 44.93 -1.22
N PRO C 301 30.18 43.98 -2.17
CA PRO C 301 29.33 42.79 -2.04
C PRO C 301 29.69 41.90 -0.85
N ASP C 302 30.94 41.98 -0.38
CA ASP C 302 31.39 41.15 0.73
C ASP C 302 31.12 41.81 2.08
N LEU C 303 30.69 43.08 2.05
CA LEU C 303 30.43 43.82 3.27
C LEU C 303 29.00 43.58 3.75
N GLN C 304 28.85 43.16 5.00
CA GLN C 304 27.53 42.94 5.59
C GLN C 304 26.93 44.27 6.07
N VAL C 305 25.64 44.47 5.78
CA VAL C 305 24.97 45.72 6.08
C VAL C 305 23.83 45.55 7.09
N ILE C 306 23.91 46.31 8.17
CA ILE C 306 22.84 46.36 9.17
C ILE C 306 22.10 47.69 9.03
N ALA C 307 20.81 47.60 8.72
CA ALA C 307 19.97 48.77 8.51
C ALA C 307 19.12 49.05 9.73
N GLY C 308 18.64 50.29 9.84
CA GLY C 308 17.82 50.69 10.97
C GLY C 308 18.02 52.15 11.33
N ASN C 309 17.42 52.60 12.43
CA ASN C 309 16.59 51.77 13.30
C ASN C 309 15.15 51.64 12.81
N VAL C 310 14.51 50.52 13.14
CA VAL C 310 13.12 50.27 12.79
C VAL C 310 12.35 49.75 14.00
N VAL C 311 11.03 49.88 13.97
CA VAL C 311 10.18 49.35 15.05
C VAL C 311 8.85 48.77 14.53
N THR C 312 8.59 48.90 13.24
CA THR C 312 7.37 48.36 12.64
C THR C 312 7.67 47.33 11.55
N ARG C 313 6.67 46.49 11.28
CA ARG C 313 6.77 45.48 10.23
C ARG C 313 7.01 46.12 8.86
N GLU C 314 6.34 47.25 8.61
CA GLU C 314 6.43 47.92 7.31
C GLU C 314 7.85 48.45 7.08
N GLN C 315 8.44 49.03 8.12
CA GLN C 315 9.82 49.50 8.03
C GLN C 315 10.76 48.35 7.68
N ALA C 316 10.57 47.23 8.37
CA ALA C 316 11.43 46.06 8.18
C ALA C 316 11.39 45.57 6.74
N ALA C 317 10.18 45.43 6.19
CA ALA C 317 10.01 44.95 4.83
C ALA C 317 10.74 45.86 3.85
N SER C 318 10.63 47.17 4.07
CA SER C 318 11.24 48.15 3.18
C SER C 318 12.76 48.01 3.13
N LEU C 319 13.39 47.87 4.29
CA LEU C 319 14.85 47.79 4.36
C LEU C 319 15.36 46.40 4.01
N ILE C 320 14.56 45.37 4.29
CA ILE C 320 14.90 44.01 3.87
C ILE C 320 14.87 43.92 2.35
N HIS C 321 13.86 44.54 1.75
CA HIS C 321 13.73 44.58 0.30
C HIS C 321 14.89 45.32 -0.34
N ALA C 322 15.43 46.30 0.38
CA ALA C 322 16.55 47.09 -0.11
C ALA C 322 17.84 46.27 -0.16
N GLY C 323 17.92 45.25 0.67
CA GLY C 323 19.05 44.33 0.67
C GLY C 323 19.79 44.28 2.00
N ALA C 324 19.11 44.67 3.08
CA ALA C 324 19.73 44.65 4.40
C ALA C 324 20.06 43.23 4.83
N ASP C 325 21.24 43.06 5.42
CA ASP C 325 21.67 41.76 5.92
C ASP C 325 21.31 41.58 7.38
N GLY C 326 20.82 42.66 8.00
CA GLY C 326 20.40 42.63 9.39
C GLY C 326 19.64 43.89 9.72
N LEU C 327 18.88 43.85 10.83
CA LEU C 327 18.09 45.01 11.25
C LEU C 327 18.40 45.42 12.68
N ARG C 328 18.36 46.73 12.91
CA ARG C 328 18.55 47.28 14.24
C ARG C 328 17.19 47.77 14.75
N ILE C 329 16.73 47.20 15.86
CA ILE C 329 15.40 47.49 16.37
C ILE C 329 15.44 48.37 17.62
N GLY C 330 14.71 49.48 17.58
CA GLY C 330 14.59 50.35 18.72
C GLY C 330 14.39 51.81 18.35
N MET C 331 13.43 52.46 18.98
CA MET C 331 13.20 53.88 18.80
C MET C 331 12.60 54.47 20.06
N GLY C 332 13.44 55.16 20.84
CA GLY C 332 13.01 55.79 22.07
C GLY C 332 13.24 54.93 23.30
N SER C 333 13.63 53.70 23.07
CA SER C 333 13.87 52.74 24.14
C SER C 333 15.18 53.01 24.88
N GLY C 334 16.05 53.82 24.30
CA GLY C 334 17.34 54.14 24.88
C GLY C 334 17.33 54.90 26.19
N SER C 335 18.26 54.51 27.06
CA SER C 335 18.43 55.11 28.38
C SER C 335 18.60 56.64 28.30
N ILE C 336 19.25 57.12 27.25
CA ILE C 336 19.50 58.53 27.06
C ILE C 336 18.82 59.14 25.83
N CYS C 337 17.86 58.42 25.28
CA CYS C 337 17.11 58.87 24.13
C CYS C 337 15.80 59.53 24.56
N ILE C 338 15.46 60.64 23.92
CA ILE C 338 14.23 61.37 24.24
C ILE C 338 13.39 61.59 22.97
N THR C 339 13.60 60.74 21.98
CA THR C 339 12.93 60.84 20.69
C THR C 339 11.41 60.80 20.83
N GLN C 340 10.92 59.94 21.71
CA GLN C 340 9.49 59.77 21.88
C GLN C 340 8.84 61.02 22.46
N GLU C 341 9.53 61.69 23.38
CA GLU C 341 8.99 62.90 23.99
C GLU C 341 9.12 64.11 23.07
N VAL C 342 10.12 64.10 22.19
CA VAL C 342 10.39 65.23 21.31
C VAL C 342 9.75 65.05 19.94
N MET C 343 9.67 63.82 19.46
CA MET C 343 9.11 63.53 18.14
C MET C 343 7.74 62.87 18.21
N ALA C 344 7.29 62.53 19.42
CA ALA C 344 6.05 61.79 19.62
C ALA C 344 6.08 60.46 18.87
N CYS C 345 7.27 60.01 18.49
CA CYS C 345 7.42 58.88 17.59
C CYS C 345 8.39 57.82 18.12
N GLY C 346 7.92 56.58 18.18
CA GLY C 346 8.71 55.49 18.68
C GLY C 346 7.84 54.28 18.97
N ARG C 347 8.33 53.37 19.81
CA ARG C 347 7.56 52.18 20.17
C ARG C 347 8.14 51.47 21.39
N PRO C 348 7.27 50.92 22.26
CA PRO C 348 7.77 50.07 23.35
C PRO C 348 8.61 48.92 22.81
N GLN C 349 9.78 48.70 23.39
CA GLN C 349 10.80 47.83 22.80
C GLN C 349 10.35 46.38 22.66
N GLY C 350 9.63 45.87 23.64
CA GLY C 350 9.14 44.50 23.59
C GLY C 350 8.28 44.26 22.36
N THR C 351 7.28 45.11 22.18
CA THR C 351 6.38 45.02 21.05
C THR C 351 7.14 45.21 19.73
N ALA C 352 8.11 46.12 19.76
CA ALA C 352 8.92 46.39 18.57
C ALA C 352 9.71 45.17 18.15
N VAL C 353 10.39 44.53 19.10
CA VAL C 353 11.19 43.35 18.79
C VAL C 353 10.33 42.22 18.24
N TYR C 354 9.19 41.97 18.88
CA TYR C 354 8.33 40.88 18.47
C TYR C 354 7.80 41.08 17.05
N ASN C 355 7.19 42.23 16.80
CA ASN C 355 6.53 42.47 15.52
C ASN C 355 7.50 42.57 14.34
N VAL C 356 8.69 43.09 14.59
CA VAL C 356 9.69 43.19 13.52
C VAL C 356 10.28 41.82 13.19
N THR C 357 10.72 41.11 14.23
CA THR C 357 11.34 39.80 14.08
C THR C 357 10.43 38.73 13.52
N GLN C 358 9.16 38.78 13.90
CA GLN C 358 8.22 37.78 13.42
C GLN C 358 8.26 37.85 11.91
N PHE C 359 8.25 39.07 11.39
CA PHE C 359 8.38 39.27 9.97
C PHE C 359 9.79 39.02 9.38
N ALA C 360 10.82 39.54 10.05
CA ALA C 360 12.18 39.51 9.54
C ALA C 360 12.78 38.11 9.54
N ASN C 361 12.49 37.33 10.58
CA ASN C 361 13.05 35.98 10.69
C ASN C 361 12.62 35.08 9.54
N GLN C 362 11.48 35.39 8.93
CA GLN C 362 10.98 34.62 7.80
C GLN C 362 11.90 34.76 6.58
N PHE C 363 12.70 35.82 6.57
CA PHE C 363 13.62 36.10 5.47
C PHE C 363 15.06 35.81 5.85
N GLY C 364 15.25 35.24 7.04
CA GLY C 364 16.58 34.93 7.53
C GLY C 364 17.40 36.17 7.81
N VAL C 365 16.74 37.24 8.23
CA VAL C 365 17.42 38.49 8.57
C VAL C 365 17.50 38.65 10.09
N PRO C 366 18.69 38.44 10.67
CA PRO C 366 18.80 38.58 12.13
C PRO C 366 18.58 40.02 12.58
N CYS C 367 18.02 40.21 13.77
CA CYS C 367 17.72 41.55 14.27
C CYS C 367 18.40 41.84 15.60
N ILE C 368 18.91 43.05 15.72
CA ILE C 368 19.54 43.52 16.93
C ILE C 368 18.49 44.26 17.80
N ALA C 369 18.31 43.81 19.03
CA ALA C 369 17.40 44.46 19.96
C ALA C 369 18.21 45.59 20.60
N ASP C 370 17.97 46.80 20.10
CA ASP C 370 18.69 47.99 20.51
C ASP C 370 17.95 48.96 21.43
N GLY C 371 18.39 49.00 22.68
CA GLY C 371 17.82 49.92 23.64
C GLY C 371 16.98 49.30 24.72
N GLY C 372 17.08 49.87 25.92
CA GLY C 372 16.32 49.43 27.07
C GLY C 372 16.89 48.24 27.77
N VAL C 373 18.09 47.81 27.38
CA VAL C 373 18.73 46.66 28.02
C VAL C 373 19.60 47.13 29.18
N GLN C 374 19.37 46.56 30.36
CA GLN C 374 20.07 46.96 31.58
C GLN C 374 20.54 45.76 32.39
N ASN C 375 19.99 44.59 32.11
CA ASN C 375 20.33 43.39 32.87
C ASN C 375 20.14 42.11 32.06
N ILE C 376 20.58 40.99 32.63
CA ILE C 376 20.51 39.70 31.96
C ILE C 376 19.07 39.35 31.62
N GLY C 377 18.14 39.77 32.46
CA GLY C 377 16.73 39.49 32.24
C GLY C 377 16.22 40.10 30.96
N HIS C 378 16.64 41.33 30.69
CA HIS C 378 16.26 42.02 29.47
C HIS C 378 16.80 41.31 28.23
N ILE C 379 18.02 40.78 28.35
CA ILE C 379 18.65 40.09 27.24
C ILE C 379 17.88 38.81 26.90
N THR C 380 17.49 38.08 27.94
CA THR C 380 16.73 36.85 27.76
C THR C 380 15.39 37.12 27.08
N LYS C 381 14.69 38.13 27.57
CA LYS C 381 13.36 38.46 27.05
C LYS C 381 13.44 38.99 25.62
N ALA C 382 14.49 39.75 25.31
CA ALA C 382 14.68 40.28 23.97
C ALA C 382 14.83 39.15 22.96
N ILE C 383 15.64 38.16 23.33
CA ILE C 383 15.85 36.99 22.48
C ILE C 383 14.58 36.14 22.42
N ALA C 384 13.89 36.02 23.55
CA ALA C 384 12.64 35.27 23.61
C ALA C 384 11.62 35.82 22.62
N LEU C 385 11.59 37.14 22.47
CA LEU C 385 10.63 37.79 21.60
C LEU C 385 11.05 37.79 20.13
N GLY C 386 12.24 37.28 19.83
CA GLY C 386 12.66 37.06 18.46
C GLY C 386 13.99 37.67 18.07
N ALA C 387 14.59 38.46 18.96
CA ALA C 387 15.88 39.08 18.66
C ALA C 387 16.97 38.03 18.54
N SER C 388 17.92 38.27 17.62
CA SER C 388 19.07 37.38 17.47
C SER C 388 20.24 37.84 18.33
N THR C 389 20.39 39.14 18.47
CA THR C 389 21.41 39.72 19.36
C THR C 389 20.85 40.95 20.06
N VAL C 390 21.57 41.41 21.07
CA VAL C 390 21.18 42.62 21.81
C VAL C 390 22.31 43.65 21.75
N MET C 391 21.93 44.91 21.59
CA MET C 391 22.91 45.99 21.60
C MET C 391 22.86 46.70 22.95
N MET C 392 24.05 46.93 23.52
CA MET C 392 24.16 47.56 24.83
C MET C 392 25.00 48.82 24.77
N GLY C 393 24.44 49.90 25.32
CA GLY C 393 25.14 51.17 25.42
C GLY C 393 25.47 51.49 26.88
N GLY C 394 24.45 51.89 27.63
CA GLY C 394 24.61 52.29 29.01
C GLY C 394 25.24 51.22 29.89
N MET C 395 24.93 49.97 29.61
CA MET C 395 25.46 48.84 30.39
C MET C 395 26.97 48.73 30.26
N LEU C 396 27.51 49.13 29.11
CA LEU C 396 28.94 48.99 28.84
C LEU C 396 29.67 50.31 29.09
N ALA C 397 28.93 51.41 29.12
CA ALA C 397 29.51 52.69 29.51
C ALA C 397 29.92 52.60 30.97
N GLY C 398 31.08 53.17 31.30
CA GLY C 398 31.59 53.11 32.65
C GLY C 398 32.48 51.90 32.88
N THR C 399 32.62 51.06 31.85
CA THR C 399 33.58 49.96 31.90
C THR C 399 34.95 50.48 31.50
N THR C 400 36.01 49.78 31.87
CA THR C 400 37.37 50.25 31.59
C THR C 400 37.70 50.32 30.11
N GLU C 401 37.14 49.42 29.32
CA GLU C 401 37.44 49.40 27.88
C GLU C 401 36.68 50.48 27.13
N SER C 402 35.78 51.17 27.81
CA SER C 402 35.02 52.21 27.16
C SER C 402 35.78 53.51 27.15
N PRO C 403 35.38 54.42 26.29
CA PRO C 403 35.99 55.74 26.26
C PRO C 403 35.26 56.58 27.32
N GLY C 404 35.93 57.10 28.33
CA GLY C 404 37.36 56.93 28.51
C GLY C 404 37.90 57.79 29.62
N GLU C 405 37.29 58.95 29.86
CA GLU C 405 37.77 59.86 30.91
C GLU C 405 36.98 59.85 32.23
N TYR C 406 37.30 58.93 33.13
CA TYR C 406 36.63 58.77 34.42
C TYR C 406 36.70 60.00 35.32
N PHE C 407 35.60 60.28 36.00
CA PHE C 407 35.52 61.41 36.92
C PHE C 407 34.67 61.06 38.14
N PHE C 408 34.91 61.75 39.25
CA PHE C 408 34.16 61.50 40.48
C PHE C 408 32.93 62.40 40.54
N ASP C 410 29.58 63.42 42.94
CA ASP C 410 28.56 63.07 43.92
C ASP C 410 29.03 61.93 44.81
N GLY C 411 30.34 61.83 45.00
CA GLY C 411 30.93 60.78 45.82
C GLY C 411 30.85 59.43 45.13
N LYS C 412 30.68 59.44 43.81
CA LYS C 412 30.63 58.23 43.01
C LYS C 412 31.59 58.36 41.84
N ARG C 413 32.21 57.25 41.45
CA ARG C 413 33.11 57.25 40.30
C ARG C 413 32.30 57.05 39.02
N LEU C 414 32.33 58.06 38.16
CA LEU C 414 31.43 58.14 37.02
C LEU C 414 32.14 58.30 35.68
N LYS C 415 31.44 57.91 34.61
CA LYS C 415 31.87 58.22 33.24
C LYS C 415 30.74 58.95 32.51
N THR C 416 31.11 59.89 31.65
CA THR C 416 30.13 60.62 30.84
C THR C 416 29.48 59.68 29.82
N TYR C 417 28.18 59.72 29.68
CA TYR C 417 27.49 58.91 28.67
C TYR C 417 26.47 59.78 27.95
N ARG C 418 26.53 59.84 26.63
CA ARG C 418 25.61 60.68 25.89
C ARG C 418 25.10 60.11 24.57
N GLY C 419 23.88 60.49 24.24
CA GLY C 419 23.25 60.11 22.97
C GLY C 419 23.85 60.92 21.84
N MET C 420 23.89 60.34 20.63
CA MET C 420 24.45 60.98 19.44
C MET C 420 23.60 62.14 18.94
N GLY C 421 22.35 62.20 19.39
CA GLY C 421 21.43 63.25 19.01
C GLY C 421 21.49 64.44 19.94
N SER C 422 22.33 64.33 20.98
CA SER C 422 22.51 65.40 21.94
C SER C 422 23.27 66.54 21.28
N ILE C 423 23.02 67.74 21.74
CA ILE C 423 23.66 68.93 21.16
C ILE C 423 25.18 68.84 21.28
N ASP C 424 25.66 68.32 22.41
CA ASP C 424 27.09 68.19 22.64
C ASP C 424 27.75 67.28 21.61
N ALA C 425 27.10 66.15 21.33
CA ALA C 425 27.63 65.17 20.38
C ALA C 425 27.59 65.71 18.95
N MET C 426 26.49 66.35 18.58
CA MET C 426 26.31 66.87 17.23
C MET C 426 27.26 68.02 16.93
N GLN C 427 27.77 68.67 17.98
CA GLN C 427 28.70 69.78 17.83
C GLN C 427 30.13 69.28 17.74
N VAL C 447 17.88 76.30 16.30
CA VAL C 447 17.37 75.63 15.12
C VAL C 447 17.65 74.13 15.18
N LEU C 448 18.65 73.74 15.96
CA LEU C 448 19.01 72.34 16.12
C LEU C 448 18.18 71.69 17.23
N VAL C 449 17.34 70.73 16.85
CA VAL C 449 16.47 70.04 17.79
C VAL C 449 17.14 68.76 18.31
N ALA C 450 17.50 68.76 19.57
CA ALA C 450 18.14 67.60 20.19
C ALA C 450 17.14 66.46 20.38
N GLN C 451 17.63 65.24 20.20
CA GLN C 451 16.82 64.04 20.43
C GLN C 451 17.49 63.14 21.46
N GLY C 452 18.48 63.70 22.16
CA GLY C 452 19.20 62.98 23.20
C GLY C 452 19.75 63.95 24.22
N VAL C 453 20.29 63.42 25.32
CA VAL C 453 20.84 64.26 26.39
C VAL C 453 22.24 63.78 26.80
N THR C 454 22.92 64.60 27.60
CA THR C 454 24.22 64.24 28.16
C THR C 454 24.05 63.88 29.64
N GLY C 455 24.66 62.78 30.06
CA GLY C 455 24.57 62.33 31.44
C GLY C 455 25.81 61.59 31.90
N SER C 456 25.69 60.85 33.00
CA SER C 456 26.80 60.08 33.56
C SER C 456 26.33 58.72 34.05
N VAL C 457 27.26 57.77 34.10
CA VAL C 457 26.98 56.42 34.56
C VAL C 457 28.10 55.94 35.50
N ILE C 458 27.78 55.01 36.39
CA ILE C 458 28.73 54.54 37.39
C ILE C 458 29.78 53.60 36.82
N ASP C 459 30.93 53.55 37.47
CA ASP C 459 32.02 52.64 37.10
C ASP C 459 31.58 51.18 37.23
N LYS C 460 32.06 50.34 36.32
CA LYS C 460 31.66 48.92 36.29
C LYS C 460 32.84 47.96 36.20
N GLY C 461 34.05 48.49 36.03
CA GLY C 461 35.23 47.65 35.90
C GLY C 461 35.37 47.10 34.49
N SER C 462 36.21 46.07 34.34
CA SER C 462 36.52 45.53 33.03
C SER C 462 35.45 44.59 32.51
N ILE C 463 35.24 44.61 31.20
CA ILE C 463 34.27 43.72 30.57
C ILE C 463 34.82 42.30 30.47
N LYS C 464 36.12 42.15 30.73
CA LYS C 464 36.73 40.84 30.78
C LYS C 464 36.14 40.01 31.91
N LYS C 465 35.50 40.68 32.88
CA LYS C 465 34.76 40.01 33.94
C LYS C 465 33.26 40.15 33.73
N TYR C 466 32.84 41.30 33.20
CA TYR C 466 31.43 41.62 33.08
C TYR C 466 30.72 40.82 31.98
N ILE C 467 31.38 40.63 30.84
CA ILE C 467 30.77 39.91 29.73
C ILE C 467 30.61 38.42 30.06
N PRO C 468 31.65 37.79 30.63
CA PRO C 468 31.46 36.40 31.06
C PRO C 468 30.35 36.25 32.09
N TYR C 469 30.14 37.29 32.89
CA TYR C 469 29.03 37.29 33.85
C TYR C 469 27.68 37.26 33.13
N LEU C 470 27.54 38.10 32.11
CA LEU C 470 26.32 38.12 31.30
C LEU C 470 26.17 36.79 30.55
N TYR C 471 27.29 36.29 30.04
CA TYR C 471 27.31 35.03 29.31
C TYR C 471 26.84 33.88 30.20
N ASN C 472 27.46 33.75 31.37
CA ASN C 472 27.11 32.71 32.32
C ASN C 472 25.68 32.86 32.80
N GLY C 473 25.25 34.11 32.97
CA GLY C 473 23.90 34.39 33.43
C GLY C 473 22.85 33.96 32.41
N LEU C 474 23.13 34.19 31.13
CA LEU C 474 22.19 33.83 30.08
C LEU C 474 22.09 32.30 29.97
N GLN C 475 23.20 31.61 30.25
CA GLN C 475 23.20 30.16 30.27
C GLN C 475 22.27 29.63 31.36
N HIS C 476 22.36 30.21 32.55
CA HIS C 476 21.51 29.79 33.66
C HIS C 476 20.06 30.14 33.39
N SER C 477 19.83 31.24 32.69
CA SER C 477 18.49 31.67 32.34
C SER C 477 17.85 30.67 31.37
N CYS C 478 18.64 30.24 30.38
CA CYS C 478 18.18 29.22 29.45
C CYS C 478 17.91 27.91 30.17
N GLN C 479 18.76 27.58 31.15
CA GLN C 479 18.58 26.37 31.94
C GLN C 479 17.24 26.38 32.67
N ASP C 480 16.96 27.47 33.39
CA ASP C 480 15.71 27.60 34.13
C ASP C 480 14.50 27.46 33.22
N ILE C 481 14.61 27.95 31.98
CA ILE C 481 13.53 27.87 31.03
C ILE C 481 13.48 26.46 30.45
N GLY C 482 14.63 25.81 30.41
CA GLY C 482 14.72 24.41 29.99
C GLY C 482 15.14 24.23 28.55
N VAL C 483 15.92 25.18 28.03
CA VAL C 483 16.41 25.11 26.66
C VAL C 483 17.93 25.08 26.62
N ARG C 484 18.48 24.27 25.71
CA ARG C 484 19.91 24.01 25.65
C ARG C 484 20.67 24.97 24.72
N SER C 485 19.94 25.80 24.00
CA SER C 485 20.57 26.79 23.12
C SER C 485 19.61 27.91 22.78
N LEU C 486 20.13 28.98 22.19
CA LEU C 486 19.29 30.10 21.77
C LEU C 486 18.50 29.71 20.52
N VAL C 487 19.06 28.82 19.71
CA VAL C 487 18.34 28.28 18.56
C VAL C 487 17.12 27.50 19.05
N GLU C 488 17.34 26.64 20.04
CA GLU C 488 16.26 25.86 20.61
C GLU C 488 15.29 26.78 21.33
N PHE C 489 15.81 27.84 21.95
CA PHE C 489 14.99 28.82 22.63
C PHE C 489 13.98 29.41 21.65
N ARG C 490 14.49 29.87 20.50
CA ARG C 490 13.66 30.35 19.39
C ARG C 490 12.58 29.35 18.98
N GLU C 491 12.96 28.10 18.80
CA GLU C 491 12.02 27.08 18.33
C GLU C 491 10.94 26.80 19.36
N LYS C 492 11.33 26.70 20.63
CA LYS C 492 10.39 26.35 21.69
C LYS C 492 9.44 27.50 22.03
N VAL C 493 9.87 28.74 21.76
CA VAL C 493 8.97 29.89 21.92
C VAL C 493 7.93 29.88 20.80
N ASP C 494 8.40 29.69 19.57
CA ASP C 494 7.52 29.75 18.41
C ASP C 494 6.52 28.59 18.40
N SER C 495 6.93 27.46 18.97
CA SER C 495 6.05 26.29 19.03
C SER C 495 5.05 26.37 20.17
N GLY C 496 5.24 27.34 21.05
CA GLY C 496 4.34 27.52 22.18
C GLY C 496 4.71 26.66 23.37
N SER C 497 5.91 26.08 23.33
CA SER C 497 6.39 25.25 24.43
C SER C 497 6.83 26.11 25.61
N VAL C 498 7.59 27.15 25.32
CA VAL C 498 7.96 28.14 26.34
C VAL C 498 6.74 29.01 26.63
N ARG C 499 6.48 29.24 27.91
CA ARG C 499 5.28 29.95 28.34
C ARG C 499 5.63 31.24 29.05
N PHE C 500 4.69 32.19 29.04
CA PHE C 500 4.93 33.53 29.58
C PHE C 500 3.83 33.95 30.55
N GLU C 501 4.06 35.07 31.23
CA GLU C 501 3.10 35.64 32.17
C GLU C 501 3.25 37.16 32.25
N PHE C 502 2.14 37.87 32.24
CA PHE C 502 2.15 39.31 32.42
C PHE C 502 2.59 39.68 33.83
N ARG C 503 3.10 40.90 33.99
CA ARG C 503 3.44 41.45 35.30
C ARG C 503 2.66 42.72 35.58
N THR C 504 1.73 42.66 36.54
CA THR C 504 1.08 43.86 37.03
C THR C 504 2.12 44.70 37.75
N PRO C 505 1.85 46.00 37.95
CA PRO C 505 2.81 46.86 38.66
C PRO C 505 3.19 46.30 40.02
N SER C 506 2.26 45.65 40.70
CA SER C 506 2.53 45.04 42.01
C SER C 506 3.48 43.85 41.86
N ALA C 507 3.31 43.08 40.80
CA ALA C 507 4.12 41.90 40.56
C ALA C 507 5.56 42.27 40.24
N GLN C 508 5.74 43.40 39.56
CA GLN C 508 7.07 43.87 39.18
C GLN C 508 7.85 44.32 40.43
N LEU C 509 7.15 45.00 41.34
CA LEU C 509 7.74 45.41 42.60
C LEU C 509 8.07 44.18 43.44
N GLU C 510 7.19 43.18 43.39
CA GLU C 510 7.40 41.93 44.09
C GLU C 510 8.58 41.17 43.50
N GLY C 511 8.75 41.27 42.20
CA GLY C 511 9.82 40.58 41.49
C GLY C 511 11.21 41.11 41.80
N GLY C 512 11.31 42.42 42.05
CA GLY C 512 12.57 43.02 42.42
C GLY C 512 12.77 43.02 43.92
N VAL C 513 13.85 43.63 44.38
CA VAL C 513 14.10 43.76 45.82
C VAL C 513 13.02 44.65 46.42
N HIS C 514 12.50 44.26 47.59
CA HIS C 514 11.44 45.01 48.24
C HIS C 514 11.41 44.81 49.75
N ASN C 515 10.93 45.82 50.47
CA ASN C 515 10.78 45.77 51.92
C ASN C 515 12.11 45.49 52.62
N LEU C 516 13.12 46.27 52.30
CA LEU C 516 14.41 46.20 52.99
C LEU C 516 14.86 47.60 53.41
N HIS C 517 15.56 47.68 54.53
CA HIS C 517 16.10 48.95 55.02
C HIS C 517 17.21 49.45 54.10
N SER C 518 18.07 48.52 53.69
CA SER C 518 19.16 48.82 52.77
C SER C 518 19.59 47.53 52.09
N TYR C 519 20.32 47.65 50.99
CA TYR C 519 20.80 46.47 50.28
C TYR C 519 22.11 46.74 49.54
N GLU C 520 22.93 45.69 49.46
CA GLU C 520 24.22 45.74 48.78
C GLU C 520 24.26 44.73 47.63
N LYS C 521 24.72 45.17 46.47
CA LYS C 521 24.82 44.30 45.30
C LYS C 521 26.27 43.89 45.04
N LEU C 523 25.80 41.03 43.18
CA LEU C 523 25.63 41.05 41.74
C LEU C 523 26.82 40.42 41.07
N PHE C 524 27.85 41.22 40.87
CA PHE C 524 29.03 40.68 40.24
C PHE C 524 30.34 41.39 40.66
N THR D 5 -39.81 35.31 -32.67
CA THR D 5 -40.66 34.79 -33.73
C THR D 5 -40.55 33.26 -33.67
N TYR D 6 -40.52 32.57 -34.81
CA TYR D 6 -40.42 31.12 -34.84
C TYR D 6 -38.96 30.68 -34.72
N ARG D 7 -38.73 29.56 -34.05
CA ARG D 7 -37.38 29.01 -33.95
C ARG D 7 -36.94 28.48 -35.30
N ASP D 8 -35.63 28.49 -35.54
CA ASP D 8 -35.08 27.94 -36.77
C ASP D 8 -35.18 26.42 -36.77
N ALA D 9 -35.63 25.87 -37.89
CA ALA D 9 -35.83 24.43 -38.03
C ALA D 9 -34.54 23.63 -37.81
N ALA D 10 -33.40 24.27 -38.07
CA ALA D 10 -32.11 23.59 -37.94
C ALA D 10 -31.79 23.24 -36.48
N THR D 11 -32.43 23.93 -35.55
CA THR D 11 -32.19 23.71 -34.13
C THR D 11 -33.21 22.77 -33.50
N ALA D 12 -34.00 22.10 -34.35
CA ALA D 12 -35.10 21.27 -33.89
C ALA D 12 -34.61 20.09 -33.05
N LEU D 13 -33.64 19.35 -33.55
CA LEU D 13 -33.12 18.18 -32.85
C LEU D 13 -32.47 18.60 -31.55
N GLU D 14 -31.78 19.73 -31.61
CA GLU D 14 -31.11 20.33 -30.47
C GLU D 14 -32.10 20.72 -29.38
N HIS D 15 -33.21 21.31 -29.80
CA HIS D 15 -34.25 21.79 -28.88
C HIS D 15 -34.84 20.72 -27.99
N LEU D 16 -34.74 19.48 -28.43
CA LEU D 16 -35.27 18.34 -27.66
C LEU D 16 -34.60 18.24 -26.30
N ALA D 17 -33.35 18.69 -26.22
CA ALA D 17 -32.58 18.60 -24.99
C ALA D 17 -33.05 19.60 -23.93
N THR D 18 -33.85 20.58 -24.34
CA THR D 18 -34.36 21.59 -23.42
C THR D 18 -35.47 21.03 -22.54
N TYR D 19 -35.98 19.85 -22.90
CA TYR D 19 -37.02 19.18 -22.13
C TYR D 19 -36.39 18.31 -21.05
N ALA D 20 -37.02 18.26 -19.89
CA ALA D 20 -36.49 17.51 -18.75
C ALA D 20 -36.49 16.01 -19.02
N GLU D 21 -37.51 15.55 -19.76
CA GLU D 21 -37.63 14.14 -20.11
C GLU D 21 -38.04 13.97 -21.56
N LYS D 22 -37.73 12.80 -22.11
CA LYS D 22 -38.20 12.43 -23.44
C LYS D 22 -39.73 12.34 -23.44
N ASP D 23 -40.33 12.51 -24.61
CA ASP D 23 -41.78 12.44 -24.73
C ASP D 23 -42.27 11.04 -24.37
N GLY D 24 -43.41 10.96 -23.68
CA GLY D 24 -43.94 9.68 -23.24
C GLY D 24 -43.34 9.25 -21.90
N LEU D 25 -43.61 8.01 -21.51
CA LEU D 25 -43.18 7.48 -20.21
C LEU D 25 -42.09 6.44 -20.34
N SER D 26 -41.23 6.35 -19.33
CA SER D 26 -40.31 5.22 -19.20
C SER D 26 -41.09 4.02 -18.70
N VAL D 27 -40.51 2.84 -18.81
CA VAL D 27 -41.20 1.64 -18.35
C VAL D 27 -41.41 1.70 -16.84
N GLU D 28 -40.48 2.36 -16.14
CA GLU D 28 -40.59 2.51 -14.69
C GLU D 28 -41.79 3.37 -14.31
N GLN D 29 -41.96 4.48 -15.02
CA GLN D 29 -43.08 5.38 -14.77
C GLN D 29 -44.40 4.73 -15.13
N LEU D 30 -44.40 3.92 -16.20
CA LEU D 30 -45.58 3.21 -16.65
C LEU D 30 -46.10 2.21 -15.62
N MET D 31 -45.19 1.46 -15.01
CA MET D 31 -45.52 0.33 -14.14
C MET D 31 -45.58 0.70 -12.65
N ASP D 32 -45.96 1.93 -12.34
CA ASP D 32 -46.07 2.38 -10.96
C ASP D 32 -47.52 2.71 -10.62
N GLY D 37 -52.24 1.20 -11.31
CA GLY D 37 -51.51 -0.04 -11.15
C GLY D 37 -52.32 -1.25 -11.58
N GLY D 38 -51.65 -2.38 -11.77
CA GLY D 38 -52.32 -3.61 -12.13
C GLY D 38 -52.84 -3.59 -13.56
N LEU D 39 -51.99 -3.16 -14.48
CA LEU D 39 -52.38 -3.03 -15.89
C LEU D 39 -51.90 -4.24 -16.70
N THR D 40 -52.48 -4.39 -17.90
CA THR D 40 -52.10 -5.46 -18.82
C THR D 40 -51.71 -4.89 -20.18
N TYR D 41 -51.50 -5.78 -21.14
CA TYR D 41 -50.99 -5.40 -22.47
C TYR D 41 -51.85 -4.32 -23.12
N ASN D 42 -53.17 -4.46 -23.04
CA ASN D 42 -54.08 -3.54 -23.71
C ASN D 42 -54.15 -2.16 -23.05
N ASP D 43 -53.47 -1.99 -21.93
CA ASP D 43 -53.53 -0.73 -21.18
C ASP D 43 -52.49 0.29 -21.61
N PHE D 44 -51.58 -0.10 -22.50
CA PHE D 44 -50.52 0.81 -22.93
C PHE D 44 -50.01 0.51 -24.32
N LEU D 45 -49.25 1.46 -24.87
CA LEU D 45 -48.62 1.32 -26.17
C LEU D 45 -47.12 1.60 -26.07
N VAL D 46 -46.37 1.13 -27.05
CA VAL D 46 -44.98 1.51 -27.20
C VAL D 46 -44.90 2.62 -28.23
N LEU D 47 -44.21 3.71 -27.91
CA LEU D 47 -44.12 4.83 -28.84
C LEU D 47 -43.07 4.52 -29.90
N PRO D 48 -43.31 5.00 -31.15
CA PRO D 48 -42.35 4.75 -32.23
C PRO D 48 -41.06 5.53 -32.04
N GLY D 49 -39.98 5.09 -32.70
CA GLY D 49 -38.69 5.73 -32.58
C GLY D 49 -38.14 6.17 -33.93
N LYS D 50 -36.87 5.84 -34.17
CA LYS D 50 -36.17 6.24 -35.39
C LYS D 50 -35.85 5.03 -36.24
N ILE D 51 -36.24 5.08 -37.52
CA ILE D 51 -35.99 4.00 -38.46
C ILE D 51 -34.78 4.32 -39.32
N ASP D 52 -33.79 3.44 -39.29
CA ASP D 52 -32.61 3.58 -40.16
C ASP D 52 -32.12 2.20 -40.60
N PHE D 53 -33.06 1.28 -40.80
CA PHE D 53 -32.74 -0.07 -41.23
C PHE D 53 -34.00 -0.81 -41.70
N PRO D 54 -33.83 -1.80 -42.58
CA PRO D 54 -34.97 -2.60 -43.01
C PRO D 54 -35.40 -3.61 -41.95
N SER D 55 -36.67 -3.98 -41.95
CA SER D 55 -37.20 -4.91 -40.95
C SER D 55 -36.58 -6.30 -41.06
N SER D 56 -36.13 -6.65 -42.26
CA SER D 56 -35.52 -7.95 -42.51
C SER D 56 -34.19 -8.10 -41.76
N GLU D 57 -33.62 -6.98 -41.33
CA GLU D 57 -32.36 -6.99 -40.60
C GLU D 57 -32.59 -7.28 -39.12
N VAL D 58 -33.85 -7.20 -38.69
CA VAL D 58 -34.16 -7.36 -37.27
C VAL D 58 -33.95 -8.81 -36.81
N VAL D 59 -33.16 -8.95 -35.75
CA VAL D 59 -32.85 -10.26 -35.18
C VAL D 59 -33.78 -10.54 -34.00
N LEU D 60 -34.37 -11.73 -33.98
CA LEU D 60 -35.34 -12.08 -32.95
C LEU D 60 -34.85 -13.23 -32.09
N SER D 61 -33.53 -13.37 -31.99
CA SER D 61 -32.92 -14.36 -31.11
C SER D 61 -33.33 -14.10 -29.67
N SER D 62 -33.74 -15.15 -28.97
CA SER D 62 -34.28 -15.02 -27.62
C SER D 62 -33.89 -16.22 -26.76
N ARG D 63 -33.63 -15.95 -25.48
CA ARG D 63 -33.26 -16.99 -24.53
C ARG D 63 -34.48 -17.69 -23.93
N LEU D 64 -34.54 -19.00 -24.09
CA LEU D 64 -35.59 -19.81 -23.46
C LEU D 64 -35.21 -20.16 -22.04
N THR D 65 -33.97 -20.61 -21.88
CA THR D 65 -33.41 -20.92 -20.56
C THR D 65 -31.99 -20.40 -20.48
N LYS D 66 -31.31 -20.69 -19.38
CA LYS D 66 -29.94 -20.23 -19.18
C LYS D 66 -29.04 -20.69 -20.33
N LYS D 67 -29.25 -21.92 -20.78
CA LYS D 67 -28.36 -22.55 -21.76
C LYS D 67 -28.99 -22.74 -23.14
N ILE D 68 -30.28 -22.46 -23.27
CA ILE D 68 -30.98 -22.63 -24.55
C ILE D 68 -31.43 -21.29 -25.13
N THR D 69 -31.04 -21.06 -26.38
CA THR D 69 -31.41 -19.85 -27.11
C THR D 69 -32.13 -20.24 -28.39
N LEU D 70 -33.21 -19.52 -28.68
CA LEU D 70 -34.02 -19.77 -29.87
C LEU D 70 -33.87 -18.61 -30.86
N ASN D 71 -34.16 -18.89 -32.14
CA ASN D 71 -34.13 -17.85 -33.16
C ASN D 71 -35.40 -17.02 -33.16
N ALA D 72 -36.43 -17.51 -32.46
CA ALA D 72 -37.69 -16.78 -32.31
C ALA D 72 -38.26 -17.01 -30.92
N PRO D 73 -38.89 -15.98 -30.33
CA PRO D 73 -39.38 -16.06 -28.95
C PRO D 73 -40.75 -16.75 -28.84
N PHE D 74 -40.98 -17.77 -29.66
CA PHE D 74 -42.29 -18.42 -29.74
C PHE D 74 -42.26 -19.81 -29.09
N VAL D 75 -43.16 -20.02 -28.14
CA VAL D 75 -43.29 -21.29 -27.44
C VAL D 75 -44.74 -21.75 -27.43
N SER D 76 -45.00 -22.97 -27.89
CA SER D 76 -46.35 -23.52 -27.88
C SER D 76 -46.64 -24.14 -26.52
N SER D 77 -47.85 -23.90 -26.01
CA SER D 77 -48.21 -24.25 -24.64
C SER D 77 -48.42 -25.75 -24.44
N PRO D 78 -48.08 -26.27 -23.25
CA PRO D 78 -48.30 -27.69 -22.96
C PRO D 78 -49.76 -28.02 -22.64
N MET D 79 -50.59 -28.08 -23.68
CA MET D 79 -52.00 -28.40 -23.54
C MET D 79 -52.38 -29.40 -24.61
N ASP D 80 -53.31 -30.30 -24.30
CA ASP D 80 -53.65 -31.40 -25.19
C ASP D 80 -54.43 -30.97 -26.42
N THR D 81 -54.71 -29.67 -26.52
CA THR D 81 -55.39 -29.12 -27.70
C THR D 81 -54.45 -28.20 -28.48
N VAL D 82 -53.17 -28.20 -28.12
CA VAL D 82 -52.19 -27.33 -28.77
C VAL D 82 -50.93 -28.06 -29.20
N THR D 83 -50.24 -28.68 -28.25
CA THR D 83 -48.89 -29.20 -28.52
C THR D 83 -48.75 -30.70 -28.31
N GLU D 84 -48.69 -31.42 -29.42
CA GLU D 84 -48.21 -32.79 -29.43
C GLU D 84 -47.00 -32.85 -30.38
N ALA D 85 -46.68 -34.03 -30.90
CA ALA D 85 -45.48 -34.21 -31.70
C ALA D 85 -45.46 -33.30 -32.94
N ASP D 86 -46.60 -33.21 -33.62
CA ASP D 86 -46.69 -32.44 -34.86
C ASP D 86 -46.38 -30.96 -34.63
N MET D 87 -46.96 -30.39 -33.58
CA MET D 87 -46.71 -29.00 -33.22
C MET D 87 -45.26 -28.75 -32.83
N ALA D 88 -44.73 -29.58 -31.93
CA ALA D 88 -43.38 -29.38 -31.41
C ALA D 88 -42.33 -29.44 -32.52
N ILE D 89 -42.53 -30.35 -33.47
CA ILE D 89 -41.60 -30.48 -34.60
C ILE D 89 -41.55 -29.19 -35.41
N HIS D 90 -42.72 -28.66 -35.78
CA HIS D 90 -42.79 -27.51 -36.67
C HIS D 90 -42.46 -26.21 -35.95
N MET D 91 -42.75 -26.14 -34.66
CA MET D 91 -42.34 -25.00 -33.86
C MET D 91 -40.82 -24.91 -33.82
N ALA D 92 -40.17 -26.06 -33.68
CA ALA D 92 -38.72 -26.14 -33.63
C ALA D 92 -38.11 -25.75 -34.97
N LEU D 93 -38.69 -26.27 -36.06
CA LEU D 93 -38.21 -25.96 -37.40
C LEU D 93 -38.29 -24.47 -37.70
N LEU D 94 -39.33 -23.83 -37.18
CA LEU D 94 -39.60 -22.42 -37.47
C LEU D 94 -38.90 -21.48 -36.47
N GLY D 95 -38.03 -22.04 -35.64
CA GLY D 95 -37.18 -21.24 -34.78
C GLY D 95 -37.65 -21.11 -33.35
N GLY D 96 -38.77 -21.73 -33.03
CA GLY D 96 -39.30 -21.72 -31.67
C GLY D 96 -39.08 -23.05 -30.99
N ILE D 97 -40.03 -23.44 -30.14
CA ILE D 97 -40.00 -24.74 -29.48
C ILE D 97 -41.40 -25.12 -29.00
N GLY D 98 -41.62 -26.42 -28.88
CA GLY D 98 -42.90 -26.91 -28.37
C GLY D 98 -42.72 -27.61 -27.05
N ILE D 99 -43.71 -27.45 -26.17
CA ILE D 99 -43.75 -28.14 -24.90
C ILE D 99 -44.87 -29.18 -24.95
N ILE D 100 -44.49 -30.45 -25.00
CA ILE D 100 -45.47 -31.53 -25.11
C ILE D 100 -46.24 -31.69 -23.81
N HIS D 101 -47.56 -31.80 -23.91
CA HIS D 101 -48.43 -31.91 -22.75
C HIS D 101 -48.25 -33.27 -22.07
N HIS D 102 -48.74 -33.37 -20.83
CA HIS D 102 -48.65 -34.62 -20.07
C HIS D 102 -50.02 -35.13 -19.67
N ASN D 103 -51.05 -34.69 -20.38
CA ASN D 103 -52.38 -35.27 -20.20
C ASN D 103 -52.43 -36.59 -20.96
N CYS D 104 -51.58 -37.51 -20.52
CA CYS D 104 -51.38 -38.80 -21.17
C CYS D 104 -50.46 -39.64 -20.30
N THR D 105 -50.31 -40.91 -20.64
CA THR D 105 -49.43 -41.80 -19.88
C THR D 105 -47.96 -41.45 -20.19
N ALA D 106 -47.07 -41.89 -19.33
CA ALA D 106 -45.64 -41.61 -19.48
C ALA D 106 -45.09 -42.18 -20.80
N GLU D 107 -45.57 -43.35 -21.19
CA GLU D 107 -45.10 -43.99 -22.42
C GLU D 107 -45.47 -43.16 -23.65
N GLU D 108 -46.71 -42.69 -23.69
CA GLU D 108 -47.20 -41.89 -24.80
C GLU D 108 -46.45 -40.57 -24.92
N GLN D 109 -46.20 -39.92 -23.78
CA GLN D 109 -45.49 -38.65 -23.80
C GLN D 109 -44.06 -38.87 -24.25
N ALA D 110 -43.45 -39.95 -23.77
CA ALA D 110 -42.09 -40.28 -24.15
C ALA D 110 -42.02 -40.58 -25.64
N GLU D 111 -43.07 -41.21 -26.16
CA GLU D 111 -43.16 -41.52 -27.58
C GLU D 111 -43.23 -40.24 -28.41
N MET D 112 -43.99 -39.27 -27.92
CA MET D 112 -44.12 -37.99 -28.61
C MET D 112 -42.79 -37.25 -28.62
N VAL D 113 -42.10 -37.25 -27.48
CA VAL D 113 -40.77 -36.65 -27.39
C VAL D 113 -39.85 -37.33 -28.40
N ARG D 114 -39.87 -38.66 -28.42
CA ARG D 114 -39.02 -39.43 -29.32
C ARG D 114 -39.28 -39.07 -30.78
N ARG D 115 -40.54 -38.88 -31.14
CA ARG D 115 -40.90 -38.54 -32.51
C ARG D 115 -40.31 -37.20 -32.94
N VAL D 116 -40.27 -36.24 -32.01
CA VAL D 116 -39.70 -34.92 -32.29
C VAL D 116 -38.19 -35.04 -32.50
N LYS D 117 -37.54 -35.84 -31.65
CA LYS D 117 -36.09 -35.98 -31.70
C LYS D 117 -35.64 -36.73 -32.95
N LYS D 118 -36.51 -37.61 -33.46
CA LYS D 118 -36.17 -38.45 -34.60
C LYS D 118 -36.63 -37.88 -35.95
N TYR D 119 -37.30 -36.72 -35.93
CA TYR D 119 -37.82 -36.13 -37.16
C TYR D 119 -36.69 -35.68 -38.09
N GLU D 120 -35.67 -35.05 -37.52
CA GLU D 120 -34.47 -34.65 -38.27
C GLU D 120 -33.20 -35.21 -37.64
N ASN D 121 -32.35 -35.83 -38.44
CA ASN D 121 -31.07 -36.36 -37.96
C ASN D 121 -29.89 -35.98 -38.85
N GLY D 122 -28.77 -35.56 -38.27
CA GLY D 122 -27.50 -35.71 -38.95
C GLY D 122 -26.95 -37.10 -39.16
N PHE D 123 -26.95 -37.92 -38.10
CA PHE D 123 -26.57 -39.32 -38.22
C PHE D 123 -27.67 -40.13 -37.59
N ILE D 124 -28.29 -41.02 -38.34
CA ILE D 124 -29.42 -41.74 -37.80
C ILE D 124 -28.96 -42.89 -36.90
N ASN D 125 -29.59 -42.99 -35.75
CA ASN D 125 -29.30 -44.01 -34.77
C ASN D 125 -30.20 -45.20 -35.01
N ALA D 126 -29.62 -46.39 -35.09
CA ALA D 126 -30.43 -47.59 -35.26
C ALA D 126 -31.40 -47.44 -36.43
N PRO D 127 -30.81 -47.19 -37.66
CA PRO D 127 -31.78 -47.02 -38.75
C PRO D 127 -32.61 -48.27 -38.98
N VAL D 128 -33.87 -48.08 -39.34
CA VAL D 128 -34.77 -49.19 -39.57
C VAL D 128 -34.25 -50.00 -40.74
N VAL D 129 -34.26 -51.31 -40.60
CA VAL D 129 -33.74 -52.21 -41.63
C VAL D 129 -34.62 -53.41 -41.90
N VAL D 130 -34.34 -54.09 -42.99
CA VAL D 130 -35.14 -55.27 -43.31
C VAL D 130 -34.24 -56.38 -43.83
N GLY D 131 -34.70 -57.62 -43.68
CA GLY D 131 -33.96 -58.77 -44.17
C GLY D 131 -34.31 -59.07 -45.61
N PRO D 132 -33.46 -59.86 -46.30
CA PRO D 132 -33.68 -60.21 -47.71
C PRO D 132 -34.86 -61.16 -47.90
N ASP D 133 -35.26 -61.87 -46.85
CA ASP D 133 -36.33 -62.84 -46.95
C ASP D 133 -37.70 -62.19 -46.75
N ALA D 134 -37.69 -60.90 -46.40
CA ALA D 134 -38.93 -60.15 -46.27
C ALA D 134 -39.57 -59.97 -47.64
N THR D 135 -40.90 -59.81 -47.65
CA THR D 135 -41.65 -59.64 -48.89
C THR D 135 -41.94 -58.17 -49.14
N VAL D 136 -42.38 -57.86 -50.36
CA VAL D 136 -42.78 -56.50 -50.71
C VAL D 136 -43.93 -56.04 -49.81
N ALA D 137 -44.81 -56.98 -49.48
CA ALA D 137 -45.94 -56.70 -48.59
C ALA D 137 -45.44 -56.21 -47.24
N ASP D 138 -44.38 -56.84 -46.76
CA ASP D 138 -43.78 -56.46 -45.48
C ASP D 138 -43.23 -55.03 -45.54
N VAL D 139 -42.54 -54.72 -46.63
CA VAL D 139 -41.93 -53.40 -46.80
C VAL D 139 -43.01 -52.32 -46.82
N ARG D 140 -44.10 -52.63 -47.50
CA ARG D 140 -45.23 -51.74 -47.63
C ARG D 140 -45.83 -51.56 -46.26
N ARG D 141 -45.94 -52.65 -45.53
CA ARG D 141 -46.48 -52.58 -44.21
C ARG D 141 -45.57 -51.70 -43.40
N MET D 142 -44.27 -51.89 -43.55
CA MET D 142 -43.30 -51.09 -42.82
C MET D 142 -43.40 -49.60 -43.15
N LYS D 143 -43.60 -49.30 -44.43
CA LYS D 143 -43.70 -47.92 -44.91
C LYS D 143 -44.85 -47.17 -44.25
N ASN D 144 -45.98 -47.83 -44.11
CA ASN D 144 -47.12 -47.18 -43.51
C ASN D 144 -46.88 -46.89 -42.05
N GLU D 145 -46.31 -47.87 -41.37
CA GLU D 145 -46.04 -47.74 -39.95
C GLU D 145 -45.03 -46.69 -39.48
N PHE D 146 -43.87 -46.59 -40.12
CA PHE D 146 -42.84 -45.65 -39.66
C PHE D 146 -42.96 -44.11 -39.81
N GLY D 147 -43.33 -43.59 -40.98
CA GLY D 147 -43.51 -44.37 -42.18
C GLY D 147 -42.64 -43.73 -43.24
N PHE D 148 -41.66 -44.49 -43.70
CA PHE D 148 -40.75 -44.06 -44.76
C PHE D 148 -40.37 -45.31 -45.54
N ALA D 149 -39.95 -45.18 -46.79
CA ALA D 149 -39.62 -46.36 -47.57
C ALA D 149 -38.14 -46.71 -47.77
N GLY D 150 -37.25 -45.96 -47.13
CA GLY D 150 -35.83 -46.22 -47.26
C GLY D 150 -35.29 -47.10 -46.14
N PHE D 151 -35.16 -48.37 -46.46
CA PHE D 151 -34.65 -49.37 -45.53
C PHE D 151 -33.36 -50.00 -46.07
N PRO D 152 -32.25 -49.85 -45.33
CA PRO D 152 -31.09 -50.64 -45.72
C PRO D 152 -31.36 -52.13 -45.51
N VAL D 153 -30.73 -52.99 -46.31
CA VAL D 153 -30.93 -54.42 -46.23
C VAL D 153 -29.72 -55.10 -45.61
N THR D 154 -29.94 -55.76 -44.47
CA THR D 154 -28.88 -56.51 -43.79
C THR D 154 -29.17 -58.01 -43.86
N ASP D 155 -28.11 -58.81 -43.78
CA ASP D 155 -28.22 -60.26 -43.95
C ASP D 155 -29.08 -60.91 -42.87
N ASP D 156 -28.93 -60.43 -41.63
CA ASP D 156 -29.66 -61.00 -40.49
C ASP D 156 -30.94 -60.25 -40.17
N GLY D 157 -31.15 -59.12 -40.84
CA GLY D 157 -32.33 -58.32 -40.62
C GLY D 157 -32.24 -57.51 -39.33
N LYS D 158 -31.04 -57.43 -38.77
CA LYS D 158 -30.79 -56.64 -37.56
C LYS D 158 -30.10 -55.35 -37.93
N PRO D 159 -30.29 -54.29 -37.12
CA PRO D 159 -29.66 -53.00 -37.45
C PRO D 159 -28.13 -53.04 -37.50
N THR D 160 -27.53 -54.01 -36.82
CA THR D 160 -26.07 -54.14 -36.76
C THR D 160 -25.53 -55.19 -37.74
N GLY D 161 -26.40 -55.70 -38.60
CA GLY D 161 -26.02 -56.75 -39.52
C GLY D 161 -25.18 -56.29 -40.69
N LYS D 162 -24.72 -57.24 -41.50
CA LYS D 162 -23.91 -56.94 -42.67
C LYS D 162 -24.74 -56.38 -43.81
N LEU D 163 -24.46 -55.15 -44.22
CA LEU D 163 -25.18 -54.50 -45.30
C LEU D 163 -24.91 -55.20 -46.62
N GLN D 164 -25.97 -55.52 -47.36
CA GLN D 164 -25.85 -56.18 -48.65
C GLN D 164 -26.65 -55.44 -49.73
N GLY D 165 -27.28 -54.33 -49.35
CA GLY D 165 -27.98 -53.49 -50.30
C GLY D 165 -29.02 -52.59 -49.66
N ILE D 166 -29.92 -52.07 -50.48
CA ILE D 166 -30.94 -51.13 -50.01
C ILE D 166 -32.19 -51.14 -50.88
N ILE D 167 -33.34 -50.89 -50.26
CA ILE D 167 -34.63 -50.80 -50.95
C ILE D 167 -35.23 -49.42 -50.69
N THR D 168 -35.70 -48.79 -51.76
CA THR D 168 -36.27 -47.46 -51.73
C THR D 168 -37.70 -47.48 -52.30
N SER D 169 -38.36 -46.33 -52.18
CA SER D 169 -39.72 -46.16 -52.64
C SER D 169 -39.80 -46.43 -54.12
N ARG D 170 -38.80 -45.95 -54.86
CA ARG D 170 -38.77 -46.15 -56.30
C ARG D 170 -38.70 -47.64 -56.63
N ASP D 171 -38.00 -48.41 -55.80
CA ASP D 171 -37.85 -49.85 -56.01
C ASP D 171 -39.15 -50.67 -55.90
N ILE D 172 -40.02 -50.34 -54.95
CA ILE D 172 -41.27 -51.04 -54.79
C ILE D 172 -42.50 -50.25 -55.23
N GLN D 173 -42.35 -49.08 -55.83
CA GLN D 173 -43.52 -48.27 -56.14
C GLN D 173 -44.49 -49.00 -57.08
N PHE D 174 -43.96 -49.65 -58.11
CA PHE D 174 -44.78 -50.25 -59.15
C PHE D 174 -44.61 -51.77 -59.25
N VAL D 175 -44.28 -52.42 -58.13
CA VAL D 175 -44.18 -53.87 -58.09
C VAL D 175 -45.57 -54.48 -57.97
N GLU D 176 -45.95 -55.28 -58.97
CA GLU D 176 -47.26 -55.90 -59.02
C GLU D 176 -47.37 -57.11 -58.10
N ASP D 177 -46.29 -57.89 -58.05
CA ASP D 177 -46.27 -59.11 -57.24
C ASP D 177 -45.76 -58.82 -55.83
N GLU D 178 -46.67 -58.83 -54.86
CA GLU D 178 -46.33 -58.50 -53.49
C GLU D 178 -45.61 -59.66 -52.80
N THR D 179 -45.53 -60.78 -53.50
CA THR D 179 -44.88 -61.98 -52.98
C THR D 179 -43.37 -61.94 -53.23
N LEU D 180 -42.97 -61.19 -54.25
CA LEU D 180 -41.57 -61.00 -54.57
C LEU D 180 -40.82 -60.67 -53.30
N LEU D 181 -39.59 -61.13 -53.19
CA LEU D 181 -38.80 -60.90 -52.01
C LEU D 181 -37.83 -59.74 -52.17
N VAL D 182 -37.39 -59.18 -51.05
CA VAL D 182 -36.49 -58.05 -51.05
C VAL D 182 -35.21 -58.33 -51.85
N SER D 183 -34.66 -59.51 -51.66
CA SER D 183 -33.41 -59.90 -52.34
C SER D 183 -33.49 -59.80 -53.86
N GLU D 184 -34.69 -59.96 -54.41
CA GLU D 184 -34.87 -59.95 -55.85
C GLU D 184 -34.96 -58.54 -56.45
N ILE D 185 -35.62 -57.64 -55.71
CA ILE D 185 -35.86 -56.26 -56.12
C ILE D 185 -34.94 -55.17 -55.57
N MET D 186 -34.21 -55.48 -54.52
CA MET D 186 -33.29 -54.52 -53.94
C MET D 186 -32.12 -54.16 -54.87
N THR D 187 -31.43 -53.09 -54.54
CA THR D 187 -30.27 -52.63 -55.28
C THR D 187 -29.12 -53.15 -54.45
N LYS D 188 -28.26 -53.97 -55.05
CA LYS D 188 -27.15 -54.57 -54.31
C LYS D 188 -25.86 -53.75 -54.24
N ASP D 189 -25.65 -52.88 -55.20
CA ASP D 189 -24.47 -52.02 -55.21
C ASP D 189 -24.79 -50.65 -54.60
N VAL D 190 -24.45 -50.48 -53.32
CA VAL D 190 -24.76 -49.27 -52.58
C VAL D 190 -23.49 -48.56 -52.12
N ILE D 191 -23.39 -47.27 -52.44
CA ILE D 191 -22.28 -46.46 -51.97
C ILE D 191 -22.44 -46.20 -50.47
N THR D 192 -21.36 -46.43 -49.72
CA THR D 192 -21.39 -46.30 -48.27
C THR D 192 -20.23 -45.44 -47.76
N GLY D 193 -20.40 -44.92 -46.54
CA GLY D 193 -19.34 -44.20 -45.86
C GLY D 193 -18.73 -45.05 -44.76
N LYS D 194 -17.44 -44.84 -44.49
CA LYS D 194 -16.74 -45.61 -43.49
C LYS D 194 -17.01 -45.06 -42.08
N GLN D 195 -17.14 -45.94 -41.10
CA GLN D 195 -17.32 -45.55 -39.71
C GLN D 195 -16.16 -44.70 -39.24
N GLY D 196 -16.51 -43.68 -38.45
CA GLY D 196 -15.59 -42.71 -37.91
C GLY D 196 -15.53 -41.45 -38.76
N ILE D 197 -16.20 -41.47 -39.90
CA ILE D 197 -16.24 -40.31 -40.78
C ILE D 197 -17.00 -39.17 -40.15
N ASN D 198 -16.54 -37.94 -40.37
CA ASN D 198 -17.20 -36.76 -39.83
C ASN D 198 -18.44 -36.40 -40.64
N LEU D 199 -19.35 -35.66 -40.03
CA LEU D 199 -20.60 -35.28 -40.69
C LEU D 199 -20.43 -34.45 -41.94
N GLU D 200 -19.53 -33.49 -41.92
CA GLU D 200 -19.33 -32.63 -43.09
C GLU D 200 -18.88 -33.43 -44.30
N GLU D 201 -17.99 -34.38 -44.08
CA GLU D 201 -17.47 -35.22 -45.13
C GLU D 201 -18.54 -36.17 -45.65
N ALA D 202 -19.34 -36.72 -44.73
CA ALA D 202 -20.41 -37.64 -45.08
C ALA D 202 -21.43 -36.89 -45.95
N ASN D 203 -21.71 -35.66 -45.57
CA ASN D 203 -22.67 -34.87 -46.31
C ASN D 203 -22.19 -34.66 -47.74
N GLN D 204 -20.89 -34.39 -47.94
CA GLN D 204 -20.42 -34.14 -49.29
C GLN D 204 -20.58 -35.36 -50.16
N ILE D 205 -20.25 -36.51 -49.60
CA ILE D 205 -20.42 -37.76 -50.34
C ILE D 205 -21.88 -37.93 -50.75
N LEU D 206 -22.78 -37.68 -49.80
CA LEU D 206 -24.21 -37.82 -50.06
C LEU D 206 -24.65 -36.88 -51.18
N LYS D 207 -24.14 -35.65 -51.14
CA LYS D 207 -24.44 -34.65 -52.15
C LYS D 207 -23.87 -35.09 -53.51
N ASN D 208 -22.68 -35.66 -53.51
CA ASN D 208 -22.03 -36.11 -54.73
C ASN D 208 -22.81 -37.24 -55.42
N THR D 209 -23.30 -38.21 -54.65
CA THR D 209 -24.08 -39.33 -55.20
C THR D 209 -25.47 -38.93 -55.71
N LYS D 210 -26.08 -37.95 -55.05
CA LYS D 210 -27.41 -37.47 -55.40
C LYS D 210 -28.44 -38.54 -55.10
N LYS D 211 -28.09 -39.43 -54.19
CA LYS D 211 -29.02 -40.49 -53.81
C LYS D 211 -29.76 -40.09 -52.55
N GLY D 212 -30.78 -40.88 -52.25
CA GLY D 212 -31.61 -40.73 -51.06
C GLY D 212 -30.91 -40.95 -49.73
N LYS D 213 -29.99 -41.90 -49.69
CA LYS D 213 -29.28 -42.25 -48.47
C LYS D 213 -27.77 -42.53 -48.59
N LEU D 214 -27.08 -42.46 -47.46
CA LEU D 214 -25.67 -42.79 -47.38
C LEU D 214 -25.41 -43.69 -46.17
N PRO D 215 -25.65 -44.99 -46.30
CA PRO D 215 -25.39 -45.89 -45.17
C PRO D 215 -23.94 -45.85 -44.70
N ILE D 216 -23.74 -45.95 -43.39
CA ILE D 216 -22.41 -45.99 -42.81
C ILE D 216 -22.12 -47.39 -42.29
N VAL D 217 -21.00 -47.95 -42.68
CA VAL D 217 -20.67 -49.30 -42.29
C VAL D 217 -19.28 -49.41 -41.71
N ASP D 218 -19.10 -50.40 -40.86
CA ASP D 218 -17.80 -50.64 -40.24
C ASP D 218 -16.92 -51.41 -41.19
N GLU D 219 -15.71 -51.71 -40.72
CA GLU D 219 -14.68 -52.39 -41.52
C GLU D 219 -15.15 -53.75 -42.00
N ALA D 220 -15.87 -54.41 -41.11
CA ALA D 220 -16.45 -55.74 -41.32
C ALA D 220 -17.66 -55.74 -42.25
N GLY D 221 -18.13 -54.56 -42.61
CA GLY D 221 -19.27 -54.41 -43.48
C GLY D 221 -20.61 -54.32 -42.79
N CYS D 222 -20.62 -54.23 -41.48
CA CYS D 222 -21.85 -54.10 -40.71
C CYS D 222 -22.37 -52.67 -40.72
N LEU D 223 -23.69 -52.52 -40.66
CA LEU D 223 -24.32 -51.22 -40.66
C LEU D 223 -24.23 -50.59 -39.27
N VAL D 224 -23.73 -49.37 -39.18
CA VAL D 224 -23.61 -48.67 -37.90
C VAL D 224 -24.51 -47.44 -37.85
N SER D 225 -24.69 -46.80 -39.00
CA SER D 225 -25.53 -45.61 -39.09
C SER D 225 -25.96 -45.33 -40.52
N MET D 226 -26.62 -44.19 -40.72
CA MET D 226 -27.12 -43.81 -42.04
C MET D 226 -27.43 -42.32 -42.10
N LEU D 227 -27.21 -41.73 -43.28
CA LEU D 227 -27.60 -40.35 -43.55
C LEU D 227 -28.79 -40.32 -44.49
N SER D 228 -29.53 -39.21 -44.48
CA SER D 228 -30.66 -39.02 -45.36
C SER D 228 -30.59 -37.68 -46.08
N ARG D 229 -30.87 -37.70 -47.38
CA ARG D 229 -30.85 -36.48 -48.19
C ARG D 229 -31.93 -35.51 -47.74
N THR D 230 -33.08 -36.02 -47.29
CA THR D 230 -34.18 -35.15 -46.87
C THR D 230 -33.76 -34.28 -45.71
N ASP D 231 -32.86 -34.79 -44.88
CA ASP D 231 -32.38 -34.02 -43.75
C ASP D 231 -31.67 -32.75 -44.20
N LEU D 232 -30.91 -32.84 -45.29
CA LEU D 232 -30.22 -31.68 -45.84
C LEU D 232 -31.25 -30.67 -46.32
N MET D 233 -32.30 -31.19 -46.94
CA MET D 233 -33.39 -30.39 -47.43
C MET D 233 -34.11 -29.71 -46.26
N LYS D 234 -34.26 -30.42 -45.15
CA LYS D 234 -34.91 -29.84 -44.00
C LYS D 234 -34.05 -28.69 -43.49
N ASN D 235 -32.74 -28.91 -43.50
CA ASN D 235 -31.80 -27.91 -43.05
C ASN D 235 -31.86 -26.67 -43.95
N GLN D 236 -31.95 -26.90 -45.25
CA GLN D 236 -32.03 -25.83 -46.25
C GLN D 236 -33.32 -25.03 -46.15
N SER D 237 -34.41 -25.77 -46.03
CA SER D 237 -35.75 -25.22 -45.93
C SER D 237 -36.01 -24.49 -44.61
N TYR D 238 -35.36 -24.94 -43.55
CA TYR D 238 -35.55 -24.35 -42.23
C TYR D 238 -34.24 -23.94 -41.56
N PRO D 239 -33.69 -22.79 -42.10
CA PRO D 239 -32.41 -22.35 -41.52
C PRO D 239 -32.42 -21.84 -40.07
N LEU D 240 -33.57 -21.42 -39.56
CA LEU D 240 -33.66 -20.93 -38.18
C LEU D 240 -34.11 -22.01 -37.18
N ALA D 241 -34.20 -23.25 -37.64
CA ALA D 241 -34.66 -24.33 -36.81
C ALA D 241 -33.85 -24.51 -35.52
N SER D 242 -34.59 -24.81 -34.46
CA SER D 242 -34.01 -24.99 -33.15
C SER D 242 -33.50 -26.42 -33.06
N LYS D 243 -32.21 -26.57 -33.28
CA LYS D 243 -31.54 -27.86 -33.28
C LYS D 243 -30.24 -27.88 -32.51
N SER D 244 -29.91 -29.07 -32.02
CA SER D 244 -28.67 -29.30 -31.33
C SER D 244 -27.55 -29.12 -32.37
N ALA D 245 -26.46 -28.47 -31.98
CA ALA D 245 -25.36 -28.21 -32.90
C ALA D 245 -24.60 -29.50 -33.22
N ASP D 246 -24.60 -30.47 -32.32
CA ASP D 246 -23.86 -31.68 -32.58
C ASP D 246 -24.61 -32.79 -33.34
N THR D 247 -25.83 -33.08 -32.91
CA THR D 247 -26.65 -34.12 -33.50
C THR D 247 -27.56 -33.72 -34.66
N LYS D 248 -27.88 -32.42 -34.75
CA LYS D 248 -28.75 -31.89 -35.79
C LYS D 248 -30.24 -32.27 -35.56
N GLN D 249 -30.52 -32.80 -34.37
CA GLN D 249 -31.86 -33.16 -33.96
C GLN D 249 -32.59 -31.94 -33.41
N LEU D 250 -33.89 -31.89 -33.64
CA LEU D 250 -34.73 -30.80 -33.19
C LEU D 250 -34.89 -30.72 -31.66
N LEU D 251 -34.90 -29.52 -31.11
CA LEU D 251 -35.09 -29.38 -29.68
C LEU D 251 -36.53 -29.70 -29.32
N CYS D 252 -36.72 -30.32 -28.15
CA CYS D 252 -38.05 -30.71 -27.70
C CYS D 252 -38.24 -30.41 -26.21
N GLY D 253 -39.39 -29.82 -25.89
CA GLY D 253 -39.76 -29.58 -24.51
C GLY D 253 -40.94 -30.44 -24.10
N ALA D 254 -41.14 -30.59 -22.80
CA ALA D 254 -42.27 -31.36 -22.30
C ALA D 254 -42.64 -30.89 -20.89
N ALA D 255 -43.91 -31.02 -20.53
CA ALA D 255 -44.39 -30.63 -19.22
C ALA D 255 -44.59 -31.85 -18.33
N ILE D 256 -44.42 -31.67 -17.03
CA ILE D 256 -44.72 -32.70 -16.05
C ILE D 256 -45.25 -32.08 -14.76
N GLY D 257 -45.85 -32.91 -13.92
CA GLY D 257 -46.26 -32.49 -12.58
C GLY D 257 -45.09 -32.57 -11.63
N THR D 258 -45.35 -32.33 -10.35
CA THR D 258 -44.31 -32.34 -9.33
C THR D 258 -44.60 -33.39 -8.26
N ILE D 259 -45.38 -34.41 -8.62
CA ILE D 259 -45.67 -35.52 -7.73
C ILE D 259 -44.59 -36.61 -7.90
N ASP D 260 -44.52 -37.52 -6.94
CA ASP D 260 -43.49 -38.56 -6.95
C ASP D 260 -43.55 -39.40 -8.22
N ALA D 261 -44.74 -39.61 -8.75
CA ALA D 261 -44.93 -40.42 -9.95
C ALA D 261 -44.30 -39.77 -11.17
N ASP D 262 -44.15 -38.46 -11.15
CA ASP D 262 -43.54 -37.75 -12.24
C ASP D 262 -42.03 -38.03 -12.39
N ARG D 263 -41.35 -38.48 -11.32
CA ARG D 263 -39.92 -38.75 -11.41
C ARG D 263 -39.62 -39.83 -12.43
N GLN D 264 -40.37 -40.92 -12.39
CA GLN D 264 -40.19 -42.00 -13.35
C GLN D 264 -40.59 -41.51 -14.74
N ARG D 265 -41.65 -40.70 -14.79
CA ARG D 265 -42.11 -40.15 -16.05
C ARG D 265 -41.04 -39.31 -16.71
N LEU D 266 -40.39 -38.45 -15.92
CA LEU D 266 -39.33 -37.60 -16.45
C LEU D 266 -38.13 -38.42 -16.92
N ALA D 267 -37.80 -39.47 -16.17
CA ALA D 267 -36.70 -40.35 -16.54
C ALA D 267 -36.92 -40.94 -17.93
N MET D 268 -38.18 -41.24 -18.24
CA MET D 268 -38.54 -41.78 -19.55
C MET D 268 -38.44 -40.70 -20.63
N LEU D 269 -38.78 -39.47 -20.27
CA LEU D 269 -38.69 -38.35 -21.19
C LEU D 269 -37.23 -38.02 -21.51
N VAL D 270 -36.38 -38.06 -20.50
CA VAL D 270 -34.95 -37.80 -20.69
C VAL D 270 -34.34 -38.88 -21.58
N GLU D 271 -34.74 -40.11 -21.35
CA GLU D 271 -34.26 -41.24 -22.16
C GLU D 271 -34.68 -41.06 -23.62
N ALA D 272 -35.80 -40.39 -23.82
CA ALA D 272 -36.31 -40.14 -25.17
C ALA D 272 -35.59 -38.94 -25.83
N GLY D 273 -34.77 -38.24 -25.05
CA GLY D 273 -33.96 -37.15 -25.57
C GLY D 273 -34.51 -35.77 -25.26
N LEU D 274 -35.27 -35.65 -24.18
CA LEU D 274 -35.84 -34.37 -23.78
C LEU D 274 -34.76 -33.34 -23.50
N ASP D 275 -34.96 -32.11 -23.98
CA ASP D 275 -33.97 -31.06 -23.84
C ASP D 275 -34.32 -30.08 -22.72
N VAL D 276 -35.62 -29.86 -22.52
CA VAL D 276 -36.09 -28.95 -21.48
C VAL D 276 -37.40 -29.45 -20.90
N VAL D 277 -37.54 -29.33 -19.58
CA VAL D 277 -38.76 -29.75 -18.90
C VAL D 277 -39.45 -28.54 -18.27
N VAL D 278 -40.77 -28.51 -18.34
CA VAL D 278 -41.57 -27.47 -17.72
C VAL D 278 -42.36 -28.06 -16.56
N LEU D 279 -42.15 -27.52 -15.37
CA LEU D 279 -42.91 -27.94 -14.20
C LEU D 279 -44.27 -27.24 -14.23
N ASP D 280 -45.30 -28.03 -14.55
CA ASP D 280 -46.62 -27.48 -14.83
C ASP D 280 -47.45 -27.27 -13.56
N SER D 281 -47.77 -26.02 -13.26
CA SER D 281 -48.57 -25.69 -12.08
C SER D 281 -49.12 -24.27 -12.17
N SER D 282 -50.31 -24.06 -11.61
CA SER D 282 -50.91 -22.73 -11.57
C SER D 282 -50.27 -21.89 -10.47
N GLN D 283 -49.64 -22.56 -9.51
CA GLN D 283 -48.95 -21.89 -8.41
C GLN D 283 -47.70 -22.69 -8.07
N GLY D 284 -46.60 -22.37 -8.75
CA GLY D 284 -45.40 -23.17 -8.68
C GLY D 284 -44.54 -22.98 -7.44
N ASN D 285 -44.83 -21.94 -6.65
CA ASN D 285 -44.05 -21.67 -5.46
C ASN D 285 -44.47 -22.57 -4.30
N SER D 286 -44.14 -23.86 -4.42
CA SER D 286 -44.48 -24.85 -3.41
C SER D 286 -43.27 -25.71 -3.08
N VAL D 287 -43.25 -26.26 -1.87
CA VAL D 287 -42.20 -27.19 -1.47
C VAL D 287 -42.19 -28.40 -2.40
N PHE D 288 -43.37 -28.76 -2.89
CA PHE D 288 -43.50 -29.89 -3.80
C PHE D 288 -42.66 -29.62 -5.05
N GLN D 289 -42.83 -28.44 -5.64
CA GLN D 289 -42.11 -28.10 -6.85
C GLN D 289 -40.63 -27.81 -6.58
N ILE D 290 -40.34 -27.17 -5.45
CA ILE D 290 -38.97 -26.86 -5.06
C ILE D 290 -38.15 -28.16 -4.95
N ASN D 291 -38.73 -29.17 -4.30
CA ASN D 291 -38.07 -30.46 -4.16
C ASN D 291 -37.84 -31.10 -5.53
N MET D 292 -38.82 -30.97 -6.41
CA MET D 292 -38.72 -31.53 -7.75
C MET D 292 -37.56 -30.88 -8.52
N ILE D 293 -37.45 -29.56 -8.41
CA ILE D 293 -36.35 -28.86 -9.06
C ILE D 293 -35.02 -29.39 -8.54
N LYS D 294 -34.87 -29.42 -7.21
CA LYS D 294 -33.64 -29.87 -6.59
C LYS D 294 -33.27 -31.29 -7.03
N TRP D 295 -34.26 -32.17 -7.08
CA TRP D 295 -34.02 -33.56 -7.46
C TRP D 295 -33.54 -33.67 -8.90
N ILE D 296 -34.07 -32.81 -9.77
CA ILE D 296 -33.71 -32.85 -11.18
C ILE D 296 -32.27 -32.37 -11.40
N LYS D 297 -31.90 -31.29 -10.73
CA LYS D 297 -30.58 -30.69 -10.94
C LYS D 297 -29.47 -31.66 -10.53
N GLU D 298 -29.75 -32.49 -9.54
CA GLU D 298 -28.77 -33.47 -9.06
C GLU D 298 -28.86 -34.79 -9.83
N THR D 299 -30.03 -35.06 -10.41
CA THR D 299 -30.26 -36.31 -11.15
C THR D 299 -29.97 -36.21 -12.65
N PHE D 300 -30.45 -35.13 -13.27
CA PHE D 300 -30.33 -34.92 -14.73
C PHE D 300 -29.55 -33.65 -15.06
N PRO D 301 -28.20 -33.70 -14.97
CA PRO D 301 -27.37 -32.50 -15.11
C PRO D 301 -27.49 -31.77 -16.46
N ASP D 302 -27.88 -32.47 -17.52
CA ASP D 302 -28.00 -31.86 -18.84
C ASP D 302 -29.39 -31.27 -19.12
N LEU D 303 -30.35 -31.56 -18.25
CA LEU D 303 -31.72 -31.12 -18.47
C LEU D 303 -31.99 -29.72 -17.94
N GLN D 304 -32.48 -28.84 -18.83
CA GLN D 304 -32.84 -27.48 -18.44
C GLN D 304 -34.23 -27.49 -17.83
N VAL D 305 -34.39 -26.76 -16.73
CA VAL D 305 -35.65 -26.77 -15.97
C VAL D 305 -36.33 -25.41 -15.97
N ILE D 306 -37.58 -25.38 -16.42
CA ILE D 306 -38.41 -24.18 -16.34
C ILE D 306 -39.44 -24.38 -15.24
N ALA D 307 -39.40 -23.52 -14.23
CA ALA D 307 -40.30 -23.61 -13.08
C ALA D 307 -41.42 -22.59 -13.19
N GLY D 308 -42.51 -22.82 -12.46
CA GLY D 308 -43.66 -21.94 -12.49
C GLY D 308 -44.96 -22.69 -12.27
N ASN D 309 -46.10 -22.02 -12.41
CA ASN D 309 -46.16 -20.60 -12.79
C ASN D 309 -46.00 -19.65 -11.61
N VAL D 310 -45.47 -18.47 -11.89
CA VAL D 310 -45.28 -17.43 -10.88
C VAL D 310 -45.79 -16.09 -11.40
N VAL D 311 -46.06 -15.16 -10.48
CA VAL D 311 -46.47 -13.81 -10.86
C VAL D 311 -45.88 -12.73 -9.94
N THR D 312 -45.21 -13.14 -8.86
CA THR D 312 -44.61 -12.19 -7.92
C THR D 312 -43.10 -12.38 -7.82
N ARG D 313 -42.44 -11.32 -7.35
CA ARG D 313 -41.01 -11.33 -7.11
C ARG D 313 -40.63 -12.43 -6.12
N GLU D 314 -41.44 -12.59 -5.08
CA GLU D 314 -41.14 -13.55 -4.02
C GLU D 314 -41.18 -14.98 -4.54
N GLN D 315 -42.18 -15.29 -5.37
CA GLN D 315 -42.28 -16.60 -6.00
C GLN D 315 -41.05 -16.88 -6.84
N ALA D 316 -40.64 -15.88 -7.62
CA ALA D 316 -39.51 -16.00 -8.52
C ALA D 316 -38.24 -16.32 -7.74
N ALA D 317 -38.01 -15.58 -6.66
CA ALA D 317 -36.82 -15.76 -5.84
C ALA D 317 -36.74 -17.17 -5.29
N SER D 318 -37.87 -17.71 -4.85
CA SER D 318 -37.94 -19.03 -4.27
C SER D 318 -37.51 -20.10 -5.27
N LEU D 319 -38.04 -20.01 -6.49
CA LEU D 319 -37.77 -21.02 -7.51
C LEU D 319 -36.40 -20.84 -8.17
N ILE D 320 -35.93 -19.59 -8.25
CA ILE D 320 -34.58 -19.33 -8.73
C ILE D 320 -33.56 -19.91 -7.75
N HIS D 321 -33.84 -19.72 -6.46
CA HIS D 321 -32.99 -20.24 -5.41
C HIS D 321 -32.94 -21.76 -5.43
N ALA D 322 -34.03 -22.38 -5.88
CA ALA D 322 -34.11 -23.83 -5.97
C ALA D 322 -33.23 -24.37 -7.10
N GLY D 323 -33.00 -23.53 -8.11
CA GLY D 323 -32.12 -23.88 -9.22
C GLY D 323 -32.79 -23.86 -10.58
N ALA D 324 -33.89 -23.12 -10.71
CA ALA D 324 -34.60 -23.02 -11.98
C ALA D 324 -33.74 -22.33 -13.04
N ASP D 325 -33.77 -22.88 -14.25
CA ASP D 325 -33.01 -22.32 -15.36
C ASP D 325 -33.86 -21.33 -16.15
N GLY D 326 -35.15 -21.27 -15.83
CA GLY D 326 -36.08 -20.37 -16.47
C GLY D 326 -37.38 -20.32 -15.70
N LEU D 327 -38.17 -19.28 -15.94
CA LEU D 327 -39.43 -19.10 -15.23
C LEU D 327 -40.61 -18.96 -16.18
N ARG D 328 -41.76 -19.50 -15.77
CA ARG D 328 -42.99 -19.39 -16.51
C ARG D 328 -43.91 -18.40 -15.79
N ILE D 329 -44.26 -17.31 -16.46
CA ILE D 329 -45.02 -16.23 -15.84
C ILE D 329 -46.48 -16.21 -16.30
N GLY D 330 -47.40 -16.22 -15.35
CA GLY D 330 -48.81 -16.10 -15.65
C GLY D 330 -49.69 -16.83 -14.67
N MET D 331 -50.74 -16.15 -14.21
CA MET D 331 -51.73 -16.76 -13.33
C MET D 331 -53.07 -16.10 -13.56
N GLY D 332 -53.94 -16.76 -14.32
CA GLY D 332 -55.26 -16.24 -14.60
C GLY D 332 -55.35 -15.45 -15.89
N SER D 333 -54.20 -15.26 -16.55
CA SER D 333 -54.16 -14.49 -17.79
C SER D 333 -54.60 -15.32 -19.00
N GLY D 334 -54.71 -16.63 -18.82
CA GLY D 334 -55.09 -17.52 -19.91
C GLY D 334 -56.52 -17.34 -20.38
N SER D 335 -56.74 -17.57 -21.66
CA SER D 335 -58.05 -17.46 -22.27
C SER D 335 -59.06 -18.48 -21.65
N ILE D 336 -58.60 -19.69 -21.36
CA ILE D 336 -59.46 -20.71 -20.77
C ILE D 336 -59.37 -20.83 -19.25
N CYS D 337 -58.56 -20.00 -18.62
CA CYS D 337 -58.46 -19.97 -17.19
CA CYS D 337 -58.41 -19.97 -16.98
C CYS D 337 -59.43 -19.08 -16.22
N ILE D 338 -60.01 -19.70 -15.20
CA ILE D 338 -60.84 -19.00 -14.24
C ILE D 338 -60.22 -19.04 -12.86
N THR D 339 -58.90 -19.18 -12.79
CA THR D 339 -58.23 -19.27 -11.50
C THR D 339 -58.50 -18.04 -10.64
N GLN D 340 -58.47 -16.87 -11.26
CA GLN D 340 -58.67 -15.61 -10.56
C GLN D 340 -60.08 -15.48 -10.00
N GLU D 341 -61.06 -15.96 -10.74
CA GLU D 341 -62.46 -15.88 -10.33
C GLU D 341 -62.79 -16.92 -9.27
N VAL D 342 -62.07 -18.04 -9.28
CA VAL D 342 -62.34 -19.15 -8.37
C VAL D 342 -61.45 -19.09 -7.12
N MET D 343 -60.22 -18.61 -7.28
CA MET D 343 -59.26 -18.56 -6.18
C MET D 343 -59.04 -17.13 -5.67
N ALA D 344 -59.60 -16.14 -6.35
CA ALA D 344 -59.35 -14.73 -6.04
C ALA D 344 -57.86 -14.44 -6.12
N CYS D 345 -57.11 -15.30 -6.81
CA CYS D 345 -55.66 -15.27 -6.76
C CYS D 345 -55.04 -15.26 -8.15
N GLY D 346 -54.20 -14.27 -8.40
CA GLY D 346 -53.55 -14.11 -9.69
C GLY D 346 -52.95 -12.72 -9.82
N ARG D 347 -52.72 -12.27 -11.05
CA ARG D 347 -52.17 -10.94 -11.29
C ARG D 347 -52.32 -10.54 -12.75
N PRO D 348 -52.59 -9.24 -13.01
CA PRO D 348 -52.57 -8.76 -14.40
C PRO D 348 -51.24 -9.07 -15.08
N GLN D 349 -51.30 -9.62 -16.29
CA GLN D 349 -50.12 -10.21 -16.92
C GLN D 349 -48.99 -9.21 -17.15
N GLY D 350 -49.33 -7.99 -17.56
CA GLY D 350 -48.33 -6.97 -17.79
C GLY D 350 -47.52 -6.69 -16.53
N THR D 351 -48.23 -6.42 -15.44
CA THR D 351 -47.58 -6.14 -14.16
C THR D 351 -46.81 -7.35 -13.67
N ALA D 352 -47.35 -8.55 -13.91
CA ALA D 352 -46.71 -9.79 -13.51
C ALA D 352 -45.37 -9.97 -14.21
N VAL D 353 -45.36 -9.78 -15.52
CA VAL D 353 -44.13 -9.93 -16.31
C VAL D 353 -43.07 -8.92 -15.88
N TYR D 354 -43.46 -7.66 -15.71
CA TYR D 354 -42.51 -6.61 -15.37
C TYR D 354 -41.84 -6.86 -14.03
N ASN D 355 -42.63 -7.06 -12.98
CA ASN D 355 -42.09 -7.18 -11.63
C ASN D 355 -41.28 -8.46 -11.46
N VAL D 356 -41.67 -9.53 -12.14
CA VAL D 356 -40.93 -10.79 -12.06
C VAL D 356 -39.62 -10.69 -12.84
N THR D 357 -39.67 -10.16 -14.05
CA THR D 357 -38.49 -10.10 -14.91
C THR D 357 -37.48 -9.08 -14.38
N GLN D 358 -37.98 -8.02 -13.74
CA GLN D 358 -37.10 -7.02 -13.13
C GLN D 358 -36.21 -7.67 -12.07
N PHE D 359 -36.72 -8.73 -11.44
CA PHE D 359 -35.95 -9.48 -10.47
C PHE D 359 -35.15 -10.61 -11.14
N ALA D 360 -35.81 -11.40 -11.97
CA ALA D 360 -35.20 -12.61 -12.55
C ALA D 360 -34.04 -12.30 -13.48
N ASN D 361 -34.14 -11.23 -14.26
CA ASN D 361 -33.11 -10.88 -15.23
C ASN D 361 -31.77 -10.58 -14.57
N GLN D 362 -31.82 -10.14 -13.31
CA GLN D 362 -30.60 -9.85 -12.56
C GLN D 362 -29.81 -11.13 -12.31
N PHE D 363 -30.49 -12.26 -12.38
CA PHE D 363 -29.87 -13.57 -12.15
C PHE D 363 -29.66 -14.32 -13.46
N GLY D 364 -29.94 -13.64 -14.57
CA GLY D 364 -29.79 -14.24 -15.89
C GLY D 364 -30.75 -15.39 -16.12
N VAL D 365 -31.93 -15.31 -15.53
CA VAL D 365 -32.95 -16.33 -15.67
C VAL D 365 -34.05 -15.87 -16.64
N PRO D 366 -34.07 -16.41 -17.87
CA PRO D 366 -35.09 -15.98 -18.83
C PRO D 366 -36.49 -16.38 -18.39
N CYS D 367 -37.47 -15.55 -18.75
CA CYS D 367 -38.85 -15.80 -18.36
C CYS D 367 -39.79 -15.88 -19.56
N ILE D 368 -40.73 -16.83 -19.50
CA ILE D 368 -41.71 -17.00 -20.54
C ILE D 368 -42.98 -16.23 -20.14
N ALA D 369 -43.52 -15.41 -21.02
CA ALA D 369 -44.75 -14.70 -20.71
C ALA D 369 -45.86 -15.65 -21.18
N ASP D 370 -46.57 -16.23 -20.22
CA ASP D 370 -47.60 -17.22 -20.51
C ASP D 370 -49.03 -16.79 -20.21
N GLY D 371 -49.82 -16.76 -21.28
CA GLY D 371 -51.23 -16.42 -21.26
C GLY D 371 -51.54 -14.98 -21.55
N GLY D 372 -52.72 -14.75 -22.12
CA GLY D 372 -53.18 -13.42 -22.46
C GLY D 372 -52.64 -12.92 -23.79
N VAL D 373 -51.88 -13.76 -24.49
CA VAL D 373 -51.33 -13.40 -25.78
C VAL D 373 -52.28 -13.82 -26.90
N GLN D 374 -52.64 -12.87 -27.76
CA GLN D 374 -53.61 -13.11 -28.82
C GLN D 374 -53.15 -12.56 -30.16
N ASN D 375 -52.17 -11.67 -30.14
CA ASN D 375 -51.70 -11.01 -31.35
C ASN D 375 -50.25 -10.52 -31.24
N ILE D 376 -49.71 -10.05 -32.36
CA ILE D 376 -48.32 -9.60 -32.43
C ILE D 376 -48.07 -8.47 -31.44
N GLY D 377 -49.08 -7.64 -31.21
CA GLY D 377 -48.94 -6.52 -30.31
C GLY D 377 -48.67 -6.97 -28.89
N HIS D 378 -49.35 -8.03 -28.46
CA HIS D 378 -49.15 -8.59 -27.13
C HIS D 378 -47.74 -9.15 -26.99
N ILE D 379 -47.22 -9.72 -28.08
CA ILE D 379 -45.88 -10.29 -28.07
C ILE D 379 -44.83 -9.19 -27.89
N THR D 380 -45.01 -8.08 -28.60
CA THR D 380 -44.09 -6.95 -28.49
C THR D 380 -44.08 -6.39 -27.08
N LYS D 381 -45.27 -6.17 -26.53
CA LYS D 381 -45.42 -5.58 -25.22
C LYS D 381 -44.89 -6.50 -24.12
N ALA D 382 -45.09 -7.81 -24.30
CA ALA D 382 -44.61 -8.78 -23.33
C ALA D 382 -43.08 -8.75 -23.24
N ILE D 383 -42.42 -8.70 -24.39
CA ILE D 383 -40.97 -8.63 -24.44
C ILE D 383 -40.49 -7.28 -23.92
N ALA D 384 -41.22 -6.22 -24.25
CA ALA D 384 -40.89 -4.88 -23.77
C ALA D 384 -40.87 -4.82 -22.25
N LEU D 385 -41.79 -5.55 -21.62
CA LEU D 385 -41.90 -5.54 -20.17
C LEU D 385 -40.90 -6.47 -19.49
N GLY D 386 -40.11 -7.20 -20.29
CA GLY D 386 -39.01 -7.98 -19.76
C GLY D 386 -39.00 -9.45 -20.13
N ALA D 387 -40.06 -9.93 -20.77
CA ALA D 387 -40.14 -11.34 -21.16
C ALA D 387 -39.06 -11.68 -22.17
N SER D 388 -38.52 -12.89 -22.07
CA SER D 388 -37.54 -13.38 -23.03
C SER D 388 -38.22 -14.14 -24.17
N THR D 389 -39.28 -14.87 -23.81
CA THR D 389 -40.10 -15.55 -24.80
C THR D 389 -41.57 -15.45 -24.39
N VAL D 390 -42.47 -15.79 -25.31
CA VAL D 390 -43.90 -15.79 -25.04
C VAL D 390 -44.47 -17.18 -25.32
N MET D 391 -45.38 -17.61 -24.45
CA MET D 391 -46.07 -18.88 -24.64
C MET D 391 -47.46 -18.64 -25.20
N MET D 392 -47.82 -19.42 -26.21
CA MET D 392 -49.11 -19.27 -26.88
C MET D 392 -49.90 -20.57 -26.83
N GLY D 393 -51.14 -20.48 -26.36
CA GLY D 393 -52.05 -21.61 -26.34
C GLY D 393 -53.16 -21.44 -27.36
N GLY D 394 -54.11 -20.57 -27.04
CA GLY D 394 -55.27 -20.36 -27.89
C GLY D 394 -54.93 -19.93 -29.30
N MET D 395 -53.86 -19.14 -29.43
CA MET D 395 -53.44 -18.63 -30.73
C MET D 395 -53.02 -19.75 -31.68
N LEU D 396 -52.49 -20.84 -31.13
CA LEU D 396 -51.99 -21.94 -31.93
C LEU D 396 -53.00 -23.07 -32.04
N ALA D 397 -53.96 -23.09 -31.13
CA ALA D 397 -55.07 -24.03 -31.22
C ALA D 397 -55.88 -23.69 -32.46
N GLY D 398 -56.35 -24.70 -33.16
CA GLY D 398 -57.11 -24.50 -34.38
C GLY D 398 -56.23 -24.45 -35.62
N THR D 399 -54.92 -24.55 -35.42
CA THR D 399 -53.99 -24.70 -36.55
C THR D 399 -53.91 -26.16 -36.96
N THR D 400 -53.44 -26.41 -38.19
CA THR D 400 -53.45 -27.76 -38.74
C THR D 400 -52.51 -28.67 -37.94
N GLU D 401 -51.44 -28.09 -37.41
CA GLU D 401 -50.43 -28.85 -36.66
C GLU D 401 -50.90 -29.18 -35.24
N SER D 402 -52.02 -28.59 -34.83
CA SER D 402 -52.57 -28.87 -33.51
C SER D 402 -53.33 -30.19 -33.53
N PRO D 403 -53.46 -30.84 -32.36
CA PRO D 403 -54.25 -32.08 -32.26
C PRO D 403 -55.76 -31.84 -32.24
N GLU D 405 -59.26 -32.46 -33.86
CA GLU D 405 -60.02 -32.58 -35.10
C GLU D 405 -61.01 -31.42 -35.23
N TYR D 406 -61.18 -30.93 -36.46
CA TYR D 406 -62.07 -29.81 -36.71
C TYR D 406 -63.53 -30.26 -36.76
N PHE D 407 -64.42 -29.39 -36.31
CA PHE D 407 -65.86 -29.59 -36.45
C PHE D 407 -66.53 -28.25 -36.78
N PHE D 408 -67.76 -28.33 -37.27
CA PHE D 408 -68.49 -27.14 -37.70
C PHE D 408 -69.68 -26.86 -36.78
N ARG D 409 -69.74 -25.63 -36.28
CA ARG D 409 -70.84 -25.20 -35.42
C ARG D 409 -71.08 -23.70 -35.58
N ASP D 410 -72.35 -23.31 -35.59
CA ASP D 410 -72.75 -21.92 -35.75
C ASP D 410 -72.24 -21.36 -37.08
N GLY D 411 -72.06 -22.26 -38.06
CA GLY D 411 -71.59 -21.88 -39.37
C GLY D 411 -70.11 -21.50 -39.39
N LYS D 412 -69.38 -21.97 -38.38
CA LYS D 412 -67.94 -21.70 -38.27
C LYS D 412 -67.16 -22.98 -38.04
N ARG D 413 -65.97 -23.05 -38.62
CA ARG D 413 -65.09 -24.21 -38.45
C ARG D 413 -64.26 -24.06 -37.17
N LEU D 414 -64.45 -24.98 -36.24
CA LEU D 414 -63.78 -24.92 -34.96
C LEU D 414 -63.02 -26.17 -34.52
N LYS D 415 -62.12 -25.97 -33.57
CA LYS D 415 -61.31 -27.02 -32.97
C LYS D 415 -61.57 -26.80 -31.46
N THR D 416 -61.76 -27.86 -30.68
CA THR D 416 -62.01 -27.69 -29.26
C THR D 416 -60.77 -27.21 -28.50
N TYR D 417 -60.96 -26.35 -27.51
CA TYR D 417 -59.86 -25.86 -26.70
C TYR D 417 -60.24 -25.95 -25.23
N ARG D 418 -59.41 -26.59 -24.41
CA ARG D 418 -59.72 -26.73 -22.99
C ARG D 418 -58.55 -26.56 -22.03
N GLY D 419 -58.90 -26.16 -20.82
CA GLY D 419 -57.97 -25.95 -19.74
C GLY D 419 -57.59 -27.25 -19.09
N MET D 420 -56.33 -27.34 -18.72
CA MET D 420 -55.81 -28.55 -18.10
C MET D 420 -56.50 -28.73 -16.76
N GLY D 421 -56.92 -27.61 -16.19
CA GLY D 421 -57.64 -27.58 -14.94
C GLY D 421 -59.01 -28.20 -15.00
N SER D 422 -59.72 -28.01 -16.10
CA SER D 422 -61.07 -28.54 -16.28
C SER D 422 -61.26 -29.97 -15.76
N ALA D 450 -62.49 -27.06 -10.11
CA ALA D 450 -62.30 -26.67 -11.50
C ALA D 450 -61.66 -25.28 -11.60
N GLN D 451 -60.51 -25.19 -12.25
CA GLN D 451 -59.80 -23.93 -12.42
C GLN D 451 -59.64 -23.51 -13.88
N GLY D 452 -60.39 -24.19 -14.74
CA GLY D 452 -60.40 -23.97 -16.17
C GLY D 452 -61.73 -24.39 -16.76
N VAL D 453 -61.93 -24.08 -18.04
CA VAL D 453 -63.17 -24.42 -18.73
C VAL D 453 -62.91 -25.08 -20.08
N THR D 454 -63.97 -25.64 -20.66
CA THR D 454 -63.91 -26.23 -21.99
C THR D 454 -64.55 -25.27 -22.99
N GLY D 455 -63.88 -25.05 -24.12
CA GLY D 455 -64.39 -24.15 -25.14
C GLY D 455 -63.97 -24.54 -26.54
N SER D 456 -64.12 -23.60 -27.47
CA SER D 456 -63.75 -23.83 -28.87
C SER D 456 -63.12 -22.58 -29.48
N VAL D 457 -62.32 -22.79 -30.52
CA VAL D 457 -61.64 -21.71 -31.23
C VAL D 457 -61.75 -21.93 -32.75
N ILE D 458 -61.68 -20.86 -33.51
CA ILE D 458 -61.84 -20.93 -34.96
C ILE D 458 -60.59 -21.50 -35.64
N ASP D 459 -60.79 -22.08 -36.83
CA ASP D 459 -59.69 -22.60 -37.64
C ASP D 459 -58.72 -21.48 -37.99
N LYS D 460 -57.42 -21.80 -38.06
CA LYS D 460 -56.38 -20.79 -38.26
C LYS D 460 -55.41 -21.16 -39.39
N GLY D 461 -55.52 -22.36 -39.92
CA GLY D 461 -54.63 -22.83 -40.96
C GLY D 461 -53.28 -23.29 -40.41
N SER D 462 -52.29 -23.45 -41.29
CA SER D 462 -51.01 -24.01 -40.91
C SER D 462 -50.10 -22.99 -40.24
N ILE D 463 -49.32 -23.43 -39.25
CA ILE D 463 -48.37 -22.55 -38.58
C ILE D 463 -47.14 -22.31 -39.45
N LYS D 464 -47.01 -23.08 -40.53
CA LYS D 464 -45.94 -22.87 -41.50
C LYS D 464 -46.11 -21.52 -42.18
N LYS D 465 -47.33 -20.98 -42.10
CA LYS D 465 -47.63 -19.64 -42.60
C LYS D 465 -47.84 -18.66 -41.45
N TYR D 466 -48.43 -19.15 -40.35
CA TYR D 466 -48.83 -18.30 -39.23
C TYR D 466 -47.63 -17.81 -38.41
N ILE D 467 -46.65 -18.67 -38.17
CA ILE D 467 -45.49 -18.29 -37.37
C ILE D 467 -44.58 -17.29 -38.09
N PRO D 468 -44.29 -17.54 -39.38
CA PRO D 468 -43.52 -16.51 -40.12
C PRO D 468 -44.23 -15.16 -40.16
N TYR D 469 -45.56 -15.17 -40.13
CA TYR D 469 -46.33 -13.93 -40.08
C TYR D 469 -46.08 -13.20 -38.76
N LEU D 470 -46.10 -13.94 -37.66
CA LEU D 470 -45.79 -13.37 -36.35
C LEU D 470 -44.33 -12.92 -36.30
N TYR D 471 -43.46 -13.75 -36.89
CA TYR D 471 -42.04 -13.45 -36.95
C TYR D 471 -41.81 -12.16 -37.73
N ASN D 472 -42.39 -12.09 -38.93
CA ASN D 472 -42.26 -10.92 -39.78
C ASN D 472 -42.88 -9.69 -39.12
N GLY D 473 -44.01 -9.89 -38.44
CA GLY D 473 -44.70 -8.82 -37.76
C GLY D 473 -43.91 -8.23 -36.60
N LEU D 474 -43.24 -9.10 -35.84
CA LEU D 474 -42.46 -8.65 -34.70
C LEU D 474 -41.25 -7.85 -35.18
N GLN D 475 -40.72 -8.22 -36.34
CA GLN D 475 -39.61 -7.48 -36.94
C GLN D 475 -40.04 -6.05 -37.28
N HIS D 476 -41.23 -5.92 -37.86
CA HIS D 476 -41.76 -4.61 -38.23
C HIS D 476 -42.05 -3.78 -36.98
N SER D 477 -42.47 -4.44 -35.92
CA SER D 477 -42.75 -3.77 -34.66
C SER D 477 -41.46 -3.21 -34.06
N CYS D 478 -40.40 -4.01 -34.11
CA CYS D 478 -39.09 -3.58 -33.66
C CYS D 478 -38.58 -2.40 -34.50
N GLN D 479 -38.83 -2.47 -35.81
CA GLN D 479 -38.41 -1.42 -36.72
C GLN D 479 -39.08 -0.09 -36.35
N ASP D 480 -40.40 -0.11 -36.19
CA ASP D 480 -41.15 1.09 -35.83
C ASP D 480 -40.65 1.68 -34.52
N ILE D 481 -40.24 0.82 -33.60
CA ILE D 481 -39.75 1.25 -32.30
C ILE D 481 -38.31 1.75 -32.43
N GLY D 482 -37.59 1.22 -33.42
CA GLY D 482 -36.25 1.68 -33.74
C GLY D 482 -35.14 0.82 -33.15
N VAL D 483 -35.42 -0.46 -32.96
CA VAL D 483 -34.42 -1.39 -32.42
C VAL D 483 -34.14 -2.53 -33.40
N ARG D 484 -32.87 -2.92 -33.49
CA ARG D 484 -32.45 -3.90 -34.49
C ARG D 484 -32.50 -5.34 -33.96
N SER D 485 -32.77 -5.49 -32.67
CA SER D 485 -32.88 -6.83 -32.09
C SER D 485 -33.64 -6.79 -30.77
N LEU D 486 -34.02 -7.97 -30.28
CA LEU D 486 -34.72 -8.08 -29.01
C LEU D 486 -33.77 -7.83 -27.84
N VAL D 487 -32.50 -8.16 -28.04
CA VAL D 487 -31.47 -7.85 -27.05
C VAL D 487 -31.38 -6.34 -26.90
N GLU D 488 -31.35 -5.65 -28.04
CA GLU D 488 -31.30 -4.19 -28.04
C GLU D 488 -32.60 -3.64 -27.48
N PHE D 489 -33.71 -4.31 -27.79
CA PHE D 489 -35.02 -3.90 -27.29
C PHE D 489 -35.02 -3.87 -25.76
N ARG D 490 -34.57 -4.96 -25.16
CA ARG D 490 -34.38 -5.04 -23.70
C ARG D 490 -33.55 -3.91 -23.14
N GLU D 491 -32.41 -3.64 -23.76
CA GLU D 491 -31.49 -2.62 -23.27
C GLU D 491 -32.08 -1.22 -23.36
N LYS D 492 -32.74 -0.92 -24.48
CA LYS D 492 -33.26 0.41 -24.73
C LYS D 492 -34.47 0.73 -23.87
N VAL D 493 -35.22 -0.29 -23.46
CA VAL D 493 -36.34 -0.10 -22.55
C VAL D 493 -35.82 0.19 -21.15
N ASP D 494 -34.88 -0.63 -20.69
CA ASP D 494 -34.33 -0.50 -19.36
C ASP D 494 -33.64 0.84 -19.16
N SER D 495 -32.99 1.32 -20.22
CA SER D 495 -32.24 2.57 -20.15
C SER D 495 -33.18 3.77 -20.24
N GLY D 496 -34.45 3.51 -20.54
CA GLY D 496 -35.44 4.56 -20.66
C GLY D 496 -35.47 5.21 -22.03
N SER D 497 -34.80 4.58 -23.00
CA SER D 497 -34.78 5.11 -24.36
C SER D 497 -36.10 4.82 -25.05
N VAL D 498 -36.57 3.57 -24.93
CA VAL D 498 -37.89 3.21 -25.41
C VAL D 498 -38.92 3.78 -24.46
N ARG D 499 -39.95 4.41 -25.01
CA ARG D 499 -40.94 5.10 -24.21
C ARG D 499 -42.36 4.57 -24.45
N PHE D 500 -43.22 4.78 -23.47
CA PHE D 500 -44.56 4.20 -23.47
C PHE D 500 -45.64 5.24 -23.23
N GLU D 501 -46.90 4.82 -23.39
CA GLU D 501 -48.04 5.70 -23.14
C GLU D 501 -49.22 4.86 -22.66
N PHE D 502 -49.91 5.36 -21.65
CA PHE D 502 -51.11 4.69 -21.15
C PHE D 502 -52.21 4.69 -22.20
N ARG D 503 -53.14 3.74 -22.07
CA ARG D 503 -54.33 3.72 -22.90
C ARG D 503 -55.57 3.77 -22.02
N THR D 504 -56.24 4.91 -22.04
CA THR D 504 -57.55 5.05 -21.43
C THR D 504 -58.53 4.21 -22.25
N PRO D 505 -59.69 3.85 -21.69
CA PRO D 505 -60.64 3.04 -22.46
C PRO D 505 -61.00 3.63 -23.83
N SER D 506 -61.07 4.95 -23.91
CA SER D 506 -61.37 5.63 -25.16
C SER D 506 -60.27 5.43 -26.19
N ALA D 507 -59.04 5.48 -25.72
CA ALA D 507 -57.86 5.32 -26.54
C ALA D 507 -57.82 3.95 -27.15
N GLN D 508 -58.23 2.95 -26.36
CA GLN D 508 -58.26 1.57 -26.79
C GLN D 508 -59.26 1.33 -27.91
N LEU D 509 -60.42 1.98 -27.83
CA LEU D 509 -61.44 1.87 -28.86
C LEU D 509 -60.92 2.48 -30.15
N GLU D 510 -60.29 3.64 -29.99
CA GLU D 510 -59.72 4.40 -31.07
C GLU D 510 -58.61 3.59 -31.68
N GLY D 511 -57.85 2.92 -30.83
CA GLY D 511 -56.72 2.15 -31.31
C GLY D 511 -57.15 0.97 -32.16
N GLY D 512 -58.29 0.38 -31.81
CA GLY D 512 -58.86 -0.72 -32.56
C GLY D 512 -59.76 -0.21 -33.66
N VAL D 513 -60.41 -1.13 -34.37
CA VAL D 513 -61.38 -0.77 -35.39
C VAL D 513 -62.57 -0.07 -34.76
N HIS D 514 -63.04 1.00 -35.40
CA HIS D 514 -64.16 1.77 -34.86
C HIS D 514 -64.95 2.51 -35.94
N ASN D 515 -66.24 2.71 -35.69
CA ASN D 515 -67.13 3.45 -36.58
C ASN D 515 -67.18 2.90 -38.00
N LEU D 516 -67.40 1.60 -38.13
CA LEU D 516 -67.63 0.97 -39.43
C LEU D 516 -68.86 0.07 -39.35
N HIS D 517 -69.58 -0.05 -40.46
CA HIS D 517 -70.74 -0.93 -40.52
C HIS D 517 -70.31 -2.40 -40.45
N SER D 518 -69.24 -2.71 -41.18
CA SER D 518 -68.67 -4.05 -41.19
C SER D 518 -67.22 -4.00 -41.63
N TYR D 519 -66.46 -5.04 -41.33
CA TYR D 519 -65.06 -5.11 -41.74
C TYR D 519 -64.59 -6.56 -41.88
N GLU D 520 -63.60 -6.76 -42.76
CA GLU D 520 -63.03 -8.07 -43.01
C GLU D 520 -61.57 -8.12 -42.59
P 5GP E . 2.34 -33.20 -2.80
O1P 5GP E . 3.42 -33.05 -1.74
O2P 5GP E . 1.45 -32.01 -2.89
O3P 5GP E . 2.90 -33.65 -4.11
O5' 5GP E . 1.37 -34.39 -2.31
C5' 5GP E . 1.05 -34.62 -0.96
C4' 5GP E . 0.02 -35.73 -0.80
O4' 5GP E . 0.66 -36.93 -0.35
C3' 5GP E . -1.04 -35.43 0.24
O3' 5GP E . -2.15 -34.72 -0.29
C2' 5GP E . -1.40 -36.80 0.76
O2' 5GP E . -2.45 -37.38 0.01
C1' 5GP E . -0.17 -37.67 0.54
N9 5GP E . 0.63 -38.00 1.75
C8 5GP E . 1.12 -37.11 2.64
N7 5GP E . 1.83 -37.72 3.60
C5 5GP E . 1.83 -39.04 3.36
C6 5GP E . 2.41 -40.25 4.01
O6 5GP E . 3.09 -40.18 5.04
N1 5GP E . 2.17 -41.42 3.44
C2 5GP E . 1.44 -41.54 2.33
N2 5GP E . 1.26 -42.78 1.85
N3 5GP E . 0.88 -40.49 1.68
C4 5GP E . 1.03 -39.22 2.14
H5'1 5GP E . 1.96 -34.90 -0.41
H5'2 5GP E . 0.65 -33.70 -0.51
H4' 5GP E . -0.46 -35.92 -1.78
H3' 5GP E . -0.58 -34.86 1.05
H2' 5GP E . -1.65 -36.76 1.83
HO2' 5GP E . -3.18 -36.76 -0.06
H1' 5GP E . -0.49 -38.59 0.06
H8 5GP E . 0.95 -36.05 2.57
HN1 5GP E . 2.56 -42.27 3.89
HN21 5GP E . 0.72 -42.93 1.01
HN22 5GP E . 1.67 -43.57 2.32
PB GDP F . -13.41 0.88 15.59
O1B GDP F . -12.40 0.37 16.56
O2B GDP F . -14.02 -0.17 14.70
O3B GDP F . -12.99 2.16 14.91
O3A GDP F . -14.68 1.30 16.48
PA GDP F . -15.82 2.31 15.92
O1A GDP F . -15.36 3.11 14.74
O2A GDP F . -17.13 1.55 15.85
O5' GDP F . -15.88 3.31 17.18
C5' GDP F . -15.27 4.58 17.05
C4' GDP F . -15.74 5.48 18.17
O4' GDP F . -17.14 5.65 18.08
C3' GDP F . -15.44 4.89 19.53
O3' GDP F . -15.23 5.95 20.44
C2' GDP F . -16.71 4.13 19.86
O2' GDP F . -16.90 3.86 21.24
C1' GDP F . -17.75 5.05 19.22
N9 GDP F . -18.98 4.35 18.82
C8 GDP F . -19.08 3.11 18.32
N7 GDP F . -20.37 2.81 18.10
C5 GDP F . -21.11 3.87 18.44
C6 GDP F . -22.54 4.24 18.48
O6 GDP F . -23.40 3.44 18.10
N1 GDP F . -22.89 5.44 18.93
C2 GDP F . -21.99 6.32 19.36
N2 GDP F . -22.39 7.52 19.80
N3 GDP F . -20.66 6.06 19.37
C4 GDP F . -20.19 4.88 18.93
H5' GDP F . -15.52 5.01 16.08
H5'' GDP F . -14.18 4.47 17.10
H4' GDP F . -15.24 6.45 18.07
H3' GDP F . -14.58 4.21 19.48
H2' GDP F . -16.70 3.18 19.30
HO2' GDP F . -16.24 3.22 21.54
H1' GDP F . -18.00 5.83 19.95
H8 GDP F . -18.25 2.45 18.13
HN1 GDP F . -23.90 5.70 18.95
HN21 GDP F . -23.38 7.75 19.81
HN22 GDP F . -21.71 8.19 20.12
PB GDP G . -12.60 -5.23 16.02
O1B GDP G . -11.49 -5.02 17.00
O2B GDP G . -13.09 -3.94 15.40
O3B GDP G . -13.69 -6.09 16.55
O3A GDP G . -11.95 -6.11 14.82
PA GDP G . -12.50 -6.24 13.29
O1A GDP G . -13.14 -4.94 12.93
O2A GDP G . -11.42 -6.76 12.42
O5' GDP G . -13.65 -7.38 13.31
C5' GDP G . -13.39 -8.66 13.85
C4' GDP G . -13.75 -9.81 12.91
O4' GDP G . -13.83 -11.01 13.67
C3' GDP G . -15.08 -9.65 12.21
O3' GDP G . -14.94 -10.02 10.84
C2' GDP G . -16.00 -10.60 12.94
O2' GDP G . -16.98 -11.16 12.08
C1' GDP G . -15.08 -11.66 13.51
N9 GDP G . -15.55 -12.13 14.82
C8 GDP G . -15.91 -13.38 15.13
N7 GDP G . -16.32 -13.46 16.41
C5 GDP G . -16.24 -12.23 16.94
C6 GDP G . -16.52 -11.60 18.25
O6 GDP G . -16.96 -12.28 19.19
N1 GDP G . -16.31 -10.29 18.37
C2 GDP G . -15.84 -9.56 17.37
N2 GDP G . -15.65 -8.24 17.57
N3 GDP G . -15.56 -10.05 16.14
C4 GDP G . -15.75 -11.35 15.88
H5' GDP G . -12.32 -8.73 14.10
H5'' GDP G . -13.94 -8.77 14.78
H4' GDP G . -12.96 -9.90 12.16
H3' GDP G . -15.45 -8.63 12.31
H2' GDP G . -16.49 -10.06 13.76
HO2' GDP G . -17.66 -10.51 11.91
H1' GDP G . -14.98 -12.51 12.80
H8 GDP G . -15.87 -14.22 14.45
HN1 GDP G . -16.50 -9.84 19.29
HN21 GDP G . -15.30 -7.67 16.81
HN22 GDP G . -15.84 -7.82 18.46
PB GDP H . -22.22 -13.48 -1.21
PB GDP H . -22.91 -10.58 -3.69
O1B GDP H . -20.79 -13.57 -0.74
O1B GDP H . -22.09 -11.05 -4.87
O2B GDP H . -22.71 -14.63 -2.04
O2B GDP H . -24.22 -9.98 -4.06
O3B GDP H . -23.22 -13.12 -0.16
O3B GDP H . -22.10 -9.76 -2.72
O3A GDP H . -22.04 -12.24 -2.20
O3A GDP H . -23.30 -11.96 -2.98
PA GDP H . -23.21 -11.24 -2.62
PA GDP H . -22.57 -12.35 -1.62
O1A GDP H . -22.61 -9.99 -3.20
O1A GDP H . -23.06 -13.61 -0.95
O2A GDP H . -24.23 -11.98 -3.44
O2A GDP H . -21.07 -12.20 -1.86
O5' GDP H . -23.78 -10.84 -1.17
O5' GDP H . -23.22 -11.07 -0.84
C5' GDP H . -25.08 -10.26 -1.06
C5' GDP H . -24.59 -10.69 -0.98
C4' GDP H . -25.42 -9.77 0.35
C4' GDP H . -25.22 -10.01 0.24
O4' GDP H . -24.84 -10.56 1.36
O4' GDP H . -24.81 -10.65 1.44
C3' GDP H . -24.94 -8.35 0.54
C3' GDP H . -24.83 -8.54 0.38
O3' GDP H . -25.94 -7.57 1.21
O3' GDP H . -25.88 -7.77 0.98
C2' GDP H . -23.75 -8.45 1.43
C2' GDP H . -23.71 -8.54 1.37
O2' GDP H . -23.51 -7.26 2.18
O2' GDP H . -23.59 -7.30 2.07
C1' GDP H . -24.14 -9.68 2.25
C1' GDP H . -24.12 -9.70 2.25
N9 GDP H . -22.95 -10.32 2.81
N9 GDP H . -22.94 -10.33 2.84
C8 GDP H . -22.10 -11.12 2.15
C8 GDP H . -22.08 -11.13 2.18
N7 GDP H . -21.12 -11.53 2.97
N7 GDP H . -21.10 -11.54 3.00
C5 GDP H . -21.32 -10.99 4.16
C5 GDP H . -21.32 -10.99 4.19
C6 GDP H . -20.65 -11.03 5.46
C6 GDP H . -20.65 -11.03 5.49
O6 GDP H . -19.63 -11.71 5.61
O6 GDP H . -19.61 -11.70 5.63
N1 GDP H . -21.19 -10.34 6.47
N1 GDP H . -21.19 -10.33 6.49
C2 GDP H . -22.31 -9.62 6.31
C2 GDP H . -22.30 -9.60 6.33
N2 GDP H . -22.76 -8.94 7.36
N2 GDP H . -22.77 -8.93 7.38
N3 GDP H . -22.97 -9.53 5.14
N3 GDP H . -22.98 -9.52 5.16
C4 GDP H . -22.54 -10.18 4.06
C4 GDP H . -22.53 -10.19 4.08
H5' GDP H . -25.15 -9.42 -1.74
H5' GDP H . -24.69 -10.02 -1.82
H5'' GDP H . -25.82 -11.00 -1.36
H5'' GDP H . -25.18 -11.59 -1.20
H4' GDP H . -26.51 -9.78 0.45
H4' GDP H . -26.31 -10.07 0.15
H3' GDP H . -24.66 -7.90 -0.42
H3' GDP H . -24.51 -8.12 -0.57
H2' GDP H . -22.87 -8.70 0.82
H2' GDP H . -22.78 -8.79 0.86
HO2' GDP H . -23.28 -6.55 1.57
HO2' GDP H . -23.30 -6.61 1.45
H1' GDP H . -24.82 -9.36 3.06
H1' GDP H . -24.79 -9.34 3.06
H8 GDP H . -22.20 -11.40 1.11
H8 GDP H . -22.16 -11.42 1.15
HN1 GDP H . -20.72 -10.35 7.40
HN1 GDP H . -20.72 -10.34 7.42
HN21 GDP H . -22.28 -8.99 8.24
HN21 GDP H . -22.28 -8.98 8.27
HN22 GDP H . -23.60 -8.39 7.28
HN22 GDP H . -23.61 -8.38 7.30
K K I . 5.99 -40.23 -4.04
C ACT J . -20.32 -21.18 -7.12
O ACT J . -19.57 -21.04 -6.08
OXT ACT J . -21.54 -21.32 -7.09
CH3 ACT J . -19.55 -21.13 -8.44
H1 ACT J . -19.28 -22.03 -8.70
H2 ACT J . -18.75 -20.60 -8.31
H3 ACT J . -20.06 -20.75 -9.17
P 5GP K . 28.25 -3.77 2.51
O1P 5GP K . 29.35 -4.67 2.98
O2P 5GP K . 27.57 -4.36 1.30
O3P 5GP K . 27.34 -3.25 3.58
O5' 5GP K . 29.03 -2.42 2.01
C5' 5GP K . 28.40 -1.23 1.53
C4' 5GP K . 29.39 -0.08 1.38
O4' 5GP K . 30.24 -0.25 0.24
C3' 5GP K . 28.72 1.29 1.19
O3' 5GP K . 28.43 1.95 2.42
C2' 5GP K . 29.68 2.07 0.30
O2' 5GP K . 30.57 2.91 1.01
C1' 5GP K . 30.54 1.01 -0.37
N9 5GP K . 30.30 0.94 -1.82
C8 5GP K . 29.11 0.67 -2.37
N7 5GP K . 29.19 0.66 -3.71
C5 5GP K . 30.46 0.91 -4.05
C6 5GP K . 31.21 1.00 -5.32
O6 5GP K . 30.65 0.86 -6.42
N1 5GP K . 32.52 1.26 -5.24
C2 5GP K . 33.14 1.43 -4.07
N2 5GP K . 34.46 1.70 -4.10
N3 5GP K . 32.52 1.35 -2.87
C4 5GP K . 31.19 1.08 -2.80
H5'1 5GP K . 27.92 -1.43 0.58
H5'2 5GP K . 27.61 -0.94 2.24
H4' 5GP K . 30.00 -0.03 2.28
H3' 5GP K . 27.79 1.13 0.63
H2' 5GP K . 29.12 2.62 -0.46
HO2' 5GP K . 30.08 3.65 1.39
H1' 5GP K . 31.60 1.26 -0.18
H8 5GP K . 28.18 0.52 -1.81
HN1 5GP K . 33.07 1.35 -6.12
HN21 5GP K . 34.97 1.83 -3.24
HN22 5GP K . 34.94 1.76 -4.99
PB GDP L . -11.59 6.78 9.58
O1B GDP L . -10.35 7.59 9.90
O2B GDP L . -11.75 6.36 8.16
O3B GDP L . -11.87 5.69 10.59
O3A GDP L . -12.76 7.87 9.72
PA GDP L . -13.21 8.63 11.07
O1A GDP L . -12.43 9.90 11.18
O2A GDP L . -13.27 7.68 12.22
O5' GDP L . -14.69 9.04 10.58
C5' GDP L . -15.85 8.26 10.78
C4' GDP L . -17.09 9.02 10.35
O4' GDP L . -17.27 10.14 11.20
C3' GDP L . -17.00 9.54 8.93
O3' GDP L . -18.27 9.47 8.30
C2' GDP L . -16.54 10.98 9.10
O2' GDP L . -16.95 11.84 8.06
C1' GDP L . -17.15 11.34 10.45
N9 GDP L . -16.35 12.36 11.17
C8 GDP L . -15.04 12.63 11.07
N7 GDP L . -14.71 13.65 11.89
C5 GDP L . -15.82 14.06 12.52
C6 GDP L . -16.20 15.10 13.49
O6 GDP L . -15.35 15.87 13.98
N1 GDP L . -17.48 15.17 13.88
C2 GDP L . -18.41 14.36 13.37
N2 GDP L . -19.68 14.48 13.80
N3 GDP L . -18.14 13.40 12.47
C4 GDP L . -16.89 13.21 12.02
H5' GDP L . -15.94 8.00 11.83
H5'' GDP L . -15.77 7.33 10.21
H4' GDP L . -17.97 8.36 10.43
H3' GDP L . -16.24 8.97 8.37
H2' GDP L . -15.44 10.99 9.19
HO2' GDP L . -16.50 11.58 7.24
H1' GDP L . -18.15 11.75 10.27
H8 GDP L . -14.35 12.09 10.43
HN1 GDP L . -17.76 15.89 14.56
HN21 GDP L . -19.92 15.19 14.46
HN22 GDP L . -20.39 13.87 13.43
PB GDP M . -6.53 8.23 6.33
O1B GDP M . -6.17 9.66 6.06
O2B GDP M . -7.07 7.49 5.14
O3B GDP M . -7.30 7.99 7.61
O3A GDP M . -5.08 7.56 6.59
PA GDP M . -4.39 7.67 8.04
O1A GDP M . -4.97 8.85 8.76
O2A GDP M . -4.52 6.33 8.70
O5' GDP M . -2.86 7.98 7.67
C5' GDP M . -2.43 9.31 7.43
C4' GDP M . -0.93 9.49 7.56
O4' GDP M . -0.39 10.17 6.42
C3' GDP M . -0.56 10.31 8.80
O3' GDP M . 0.42 9.65 9.59
C2' GDP M . -0.03 11.61 8.25
O2' GDP M . 1.08 12.08 8.99
C1' GDP M . 0.38 11.30 6.82
N9 GDP M . 0.09 12.44 5.96
C8 GDP M . 0.97 13.34 5.49
N7 GDP M . 0.35 14.27 4.74
C5 GDP M . -0.96 13.98 4.73
C6 GDP M . -2.17 14.57 4.14
O6 GDP M . -2.07 15.60 3.45
N1 GDP M . -3.33 13.96 4.38
C2 GDP M . -3.44 12.84 5.12
N2 GDP M . -4.65 12.30 5.31
N3 GDP M . -2.36 12.26 5.69
C4 GDP M . -1.12 12.78 5.55
H5' GDP M . -2.74 9.60 6.41
H5'' GDP M . -2.95 9.97 8.12
H4' GDP M . -0.46 8.50 7.65
H3' GDP M . -1.46 10.51 9.39
H2' GDP M . -0.83 12.36 8.25
HO2' GDP M . 0.76 12.56 9.77
H1' GDP M . 1.46 11.06 6.79
H8 GDP M . 2.03 13.32 5.69
HN1 GDP M . -4.20 14.36 3.95
HN21 GDP M . -5.46 12.71 4.89
HN22 GDP M . -4.73 11.46 5.87
PB GDP N . 7.51 9.47 22.39
O1B GDP N . 8.62 9.35 23.40
O2B GDP N . 7.87 10.33 21.22
O3B GDP N . 6.80 8.15 22.12
O3A GDP N . 6.40 10.39 23.15
PA GDP N . 6.78 11.85 23.70
O1A GDP N . 7.09 11.66 25.14
O2A GDP N . 7.80 12.49 22.76
O5' GDP N . 5.47 12.73 23.61
C5' GDP N . 5.55 14.14 23.76
C4' GDP N . 4.48 14.79 22.93
O4' GDP N . 4.83 14.73 21.56
C3' GDP N . 3.17 14.05 23.07
O3' GDP N . 2.09 14.97 23.02
C2' GDP N . 3.11 13.19 21.84
O2' GDP N . 1.77 12.86 21.55
C1' GDP N . 3.74 14.14 20.85
N9 GDP N . 4.20 13.54 19.59
C8 GDP N . 5.35 12.89 19.33
N7 GDP N . 5.38 12.50 18.03
C5 GDP N . 4.24 12.89 17.46
C6 GDP N . 3.63 12.80 16.11
O6 GDP N . 4.22 12.26 15.17
N1 GDP N . 2.42 13.34 15.94
C2 GDP N . 1.77 13.95 16.93
N2 GDP N . 0.57 14.47 16.68
N3 GDP N . 2.26 14.07 18.18
C4 GDP N . 3.47 13.58 18.48
H5' GDP N . 5.41 14.41 24.82
H5'' GDP N . 6.53 14.49 23.46
H4' GDP N . 4.35 15.84 23.25
H3' GDP N . 3.16 13.43 23.98
H2' GDP N . 3.74 12.30 21.98
HO2' GDP N . 1.41 12.34 22.27
H1' GDP N . 3.02 14.94 20.63
H8 GDP N . 6.14 12.72 20.04
HN1 GDP N . 1.97 13.29 15.01
HN21 GDP N . 0.06 14.94 17.42
HN22 GDP N . 0.17 14.40 15.76
K K O . 35.41 -5.32 -0.95
C ACT P . 14.04 -0.79 18.05
O ACT P . 13.35 0.21 17.96
OXT ACT P . 14.95 -1.14 17.21
CH3 ACT P . 13.88 -1.80 19.21
H1 ACT P . 14.45 -1.54 19.95
H2 ACT P . 14.15 -2.67 18.90
H3 ACT P . 12.98 -1.86 19.55
P 5GP Q . 20.87 52.15 26.03
O1P 5GP Q . 21.61 53.35 26.57
O2P 5GP Q . 21.74 50.95 25.76
O3P 5GP Q . 19.60 51.87 26.75
O5' 5GP Q . 20.38 52.57 24.54
C5' 5GP Q . 21.32 52.73 23.50
C4' 5GP Q . 20.65 53.05 22.17
O4' 5GP Q . 20.00 54.31 22.15
C3' 5GP Q . 21.64 53.13 21.02
O3' 5GP Q . 22.00 51.86 20.51
C2' 5GP Q . 20.92 53.98 20.00
O2' 5GP Q . 20.09 53.23 19.13
C1' 5GP Q . 20.01 54.84 20.84
N9 5GP Q . 20.47 56.24 20.90
C8 5GP Q . 21.65 56.67 21.32
N7 5GP Q . 21.72 58.01 21.24
C5 5GP Q . 20.56 58.46 20.75
C6 5GP Q . 19.96 59.77 20.42
O6 5GP Q . 20.59 60.82 20.60
N1 5GP Q . 18.72 59.77 19.94
C2 5GP Q . 18.04 58.64 19.75
N2 5GP Q . 16.79 58.71 19.26
N3 5GP Q . 18.51 57.42 20.03
C4 5GP Q . 19.74 57.27 20.52
H5'1 5GP Q . 22.00 53.54 23.75
H5'2 5GP Q . 21.89 51.82 23.39
H4' 5GP Q . 19.92 52.26 21.96
H3' 5GP Q . 22.54 53.67 21.36
H2' 5GP Q . 21.62 54.60 19.44
HO2' 5GP Q . 20.55 52.44 18.84
H1' 5GP Q . 19.00 54.80 20.41
H8 5GP Q . 22.45 56.04 21.68
HN1 5GP Q . 18.28 60.68 19.69
HN21 5GP Q . 16.27 57.86 19.12
HN22 5GP Q . 16.39 59.60 19.03
PB GDP R . 61.01 38.54 23.04
O1B GDP R . 61.60 39.92 23.18
O2B GDP R . 59.55 38.52 22.64
O3B GDP R . 61.42 37.57 24.11
O3A GDP R . 61.71 37.94 21.75
PA GDP R . 62.34 36.48 21.61
O1A GDP R . 62.07 35.51 22.74
O2A GDP R . 61.98 36.08 20.21
O5' GDP R . 63.87 36.96 21.60
C5' GDP R . 64.84 36.63 22.56
C4' GDP R . 66.20 36.92 21.95
O4' GDP R . 66.44 36.08 20.84
C3' GDP R . 66.28 38.35 21.45
O3' GDP R . 67.53 38.88 21.79
C2' GDP R . 66.15 38.27 19.95
O2' GDP R . 66.84 39.34 19.31
C1' GDP R . 66.70 36.87 19.67
N9 GDP R . 66.06 36.21 18.52
C8 GDP R . 64.83 36.43 18.08
N7 GDP R . 64.56 35.65 17.01
C5 GDP R . 65.64 34.92 16.76
C6 GDP R . 66.04 33.91 15.78
O6 GDP R . 65.29 33.51 14.90
N1 GDP R . 67.27 33.40 15.86
C2 GDP R . 68.13 33.80 16.81
N2 GDP R . 69.35 33.24 16.83
N3 GDP R . 67.84 34.71 17.74
C4 GDP R . 66.63 35.30 17.76
H5' GDP R . 64.69 37.24 23.46
H5'' GDP R . 64.77 35.58 22.83
H4' GDP R . 66.97 36.78 22.72
H3' GDP R . 65.46 38.95 21.85
H2' GDP R . 65.09 38.29 19.67
HO2' GDP R . 66.52 40.18 19.66
H1' GDP R . 67.79 36.94 19.50
H8 GDP R . 64.12 37.12 18.52
HN1 GDP R . 67.56 32.68 15.18
HN21 GDP R . 69.59 32.54 16.15
HN22 GDP R . 70.01 33.52 17.54
PB GDP S . 56.44 42.60 20.70
O1B GDP S . 56.90 43.83 21.45
O2B GDP S . 56.47 42.74 19.22
O3B GDP S . 57.02 41.31 21.24
O3A GDP S . 54.87 42.50 21.04
PA GDP S . 54.08 41.11 20.85
O1A GDP S . 53.91 40.50 22.21
O2A GDP S . 54.76 40.31 19.80
O5' GDP S . 52.65 41.58 20.31
C5' GDP S . 52.48 42.15 19.03
C4' GDP S . 51.01 42.23 18.64
O4' GDP S . 50.72 43.31 17.78
C3' GDP S . 50.65 40.98 17.88
O3' GDP S . 49.39 40.52 18.35
C2' GDP S . 50.56 41.41 16.43
O2' GDP S . 49.59 40.65 15.72
C1' GDP S . 50.23 42.89 16.50
N9 GDP S . 50.85 43.67 15.41
C8 GDP S . 50.21 44.22 14.37
N7 GDP S . 51.07 44.84 13.53
C5 GDP S . 52.30 44.68 14.03
C6 GDP S . 53.66 45.08 13.64
O6 GDP S . 53.86 45.73 12.61
N1 GDP S . 54.66 44.72 14.44
C2 GDP S . 54.47 44.00 15.55
N2 GDP S . 55.54 43.67 16.28
N3 GDP S . 53.25 43.59 15.97
C4 GDP S . 52.16 43.89 15.26
H5' GDP S . 52.92 43.15 19.03
H5'' GDP S . 53.03 41.55 18.30
H4' GDP S . 50.40 42.29 19.55
H3' GDP S . 51.42 40.22 17.99
H2' GDP S . 51.55 41.29 15.97
HO2' GDP S . 49.82 39.72 15.75
H1' GDP S . 49.14 43.02 16.46
H8 GDP S . 49.14 44.18 14.22
HN1 GDP S . 55.63 44.98 14.18
HN21 GDP S . 56.46 43.97 15.99
HN22 GDP S . 55.42 43.14 17.13
PB GDP T . 45.16 28.69 6.18
O1B GDP T . 46.37 29.47 6.58
O2B GDP T . 44.49 29.26 4.96
O3B GDP T . 45.42 27.21 6.06
O3A GDP T . 44.12 28.92 7.42
PA GDP T . 43.70 27.83 8.53
O1A GDP T . 42.28 28.00 8.97
O2A GDP T . 44.15 26.46 8.13
O5' GDP T . 44.55 28.26 9.81
C5' GDP T . 44.27 27.60 11.03
C4' GDP T . 45.36 27.77 12.06
O4' GDP T . 45.55 29.12 12.51
C3' GDP T . 45.00 27.01 13.31
O3' GDP T . 46.05 26.07 13.54
C2' GDP T . 44.88 28.01 14.44
O2' GDP T . 45.38 27.48 15.65
C1' GDP T . 45.71 29.18 13.92
N9 GDP T . 45.32 30.53 14.43
C8 GDP T . 44.15 30.93 14.98
N7 GDP T . 44.21 32.24 15.31
C5 GDP T . 45.40 32.71 14.99
C6 GDP T . 46.13 34.00 15.04
O6 GDP T . 45.63 35.03 15.51
N1 GDP T . 47.37 34.03 14.58
C2 GDP T . 47.97 32.95 14.07
N2 GDP T . 49.22 33.07 13.63
N3 GDP T . 47.39 31.75 13.99
C4 GDP T . 46.13 31.57 14.41
H5' GDP T . 43.33 27.98 11.43
H5'' GDP T . 44.13 26.53 10.82
H4' GDP T . 46.30 27.38 11.65
H3' GDP T . 44.04 26.49 13.19
H2' GDP T . 43.84 28.32 14.54
HO2' GDP T . 44.86 26.70 15.90
H1' GDP T . 46.75 28.98 14.18
H8 GDP T . 43.30 30.29 15.13
HN1 GDP T . 47.89 34.93 14.62
HN21 GDP T . 49.70 33.96 13.69
HN22 GDP T . 49.71 32.28 13.23
K K U . 14.30 56.63 26.34
C ACT V . 20.42 56.20 16.81
O ACT V . 19.36 56.04 17.43
OXT ACT V . 20.91 55.33 16.09
CH3 ACT V . 21.04 57.56 16.76
H1 ACT V . 21.81 57.62 17.49
H2 ACT V . 20.31 58.29 16.97
H3 ACT V . 21.45 57.73 15.81
C ACT W . 32.66 34.43 26.90
O ACT W . 33.66 34.85 26.34
OXT ACT W . 31.61 35.06 26.81
CH3 ACT W . 32.85 33.55 28.11
H1 ACT W . 33.14 32.58 27.79
H2 ACT W . 31.94 33.49 28.65
H3 ACT W . 33.61 33.96 28.72
P 5GP X . -53.88 -18.62 -23.81
O1P 5GP X . -54.37 -17.24 -23.55
O2P 5GP X . -54.93 -19.55 -24.39
O3P 5GP X . -52.59 -18.71 -24.55
O5' 5GP X . -53.56 -19.19 -22.34
C5' 5GP X . -52.95 -20.44 -22.14
C4' 5GP X . -52.32 -20.54 -20.76
O4' 5GP X . -53.32 -20.66 -19.76
C3' 5GP X . -51.45 -21.78 -20.62
O3' 5GP X . -50.13 -21.58 -21.07
C2' 5GP X . -51.58 -22.16 -19.16
O2' 5GP X . -50.59 -21.57 -18.34
C1' 5GP X . -52.90 -21.54 -18.73
N9 5GP X . -53.93 -22.57 -18.43
C8 5GP X . -54.43 -23.48 -19.27
N7 5GP X . -55.37 -24.23 -18.67
C5 5GP X . -55.47 -23.81 -17.40
C6 5GP X . -56.28 -24.16 -16.21
O6 5GP X . -57.11 -25.08 -16.24
N1 5GP X . -56.08 -23.46 -15.10
C2 5GP X . -55.19 -22.47 -15.03
N2 5GP X . -55.07 -21.81 -13.87
N3 5GP X . -54.42 -22.09 -16.06
C4 5GP X . -54.52 -22.71 -17.26
H5'1 5GP X . -53.68 -21.24 -22.25
H5'2 5GP X . -52.17 -20.59 -22.90
H4' 5GP X . -51.70 -19.65 -20.58
H3' 5GP X . -51.92 -22.58 -21.23
H2' 5GP X . -51.61 -23.24 -19.04
HO2' 5GP X . -49.75 -22.05 -18.46
H1' 5GP X . -52.72 -20.96 -17.82
H8 5GP X . -54.13 -23.59 -20.30
HN1 5GP X . -56.63 -23.71 -14.25
HN21 5GP X . -54.40 -21.06 -13.79
HN22 5GP X . -55.62 -22.08 -13.06
PB GDP Y . -35.66 -42.40 -53.45
O1B GDP Y . -35.11 -41.43 -52.43
O2B GDP Y . -36.85 -43.19 -53.03
O3B GDP Y . -35.75 -41.86 -54.84
O3A GDP Y . -34.50 -43.49 -53.46
PA GDP Y . -33.10 -43.29 -54.19
O1A GDP Y . -32.07 -43.48 -53.11
O2A GDP Y . -33.08 -42.08 -55.07
O5' GDP Y . -33.14 -44.56 -55.15
C5' GDP Y . -33.10 -44.42 -56.55
C4' GDP Y . -32.66 -45.73 -57.17
O4' GDP Y . -31.25 -45.86 -57.01
C3' GDP Y . -33.31 -46.91 -56.48
O3' GDP Y . -33.72 -47.88 -57.43
C2' GDP Y . -32.25 -47.47 -55.56
O2' GDP Y . -32.32 -48.87 -55.39
C1' GDP Y . -30.96 -47.02 -56.24
N9 GDP Y . -29.89 -46.69 -55.31
C8 GDP Y . -29.99 -46.19 -54.07
N7 GDP Y . -28.77 -46.02 -53.53
C5 GDP Y . -27.86 -46.41 -54.43
C6 GDP Y . -26.38 -46.51 -54.53
O6 GDP Y . -25.63 -46.16 -53.61
N1 GDP Y . -25.85 -46.99 -55.65
C2 GDP Y . -26.60 -47.36 -56.67
N2 GDP Y . -26.00 -47.83 -57.78
N3 GDP Y . -27.94 -47.31 -56.66
C4 GDP Y . -28.60 -46.85 -55.59
H5' GDP Y . -32.40 -43.63 -56.82
H5'' GDP Y . -34.09 -44.15 -56.92
H4' GDP Y . -32.93 -45.74 -58.24
H3' GDP Y . -34.16 -46.55 -55.88
H2' GDP Y . -32.34 -46.97 -54.58
HO2' GDP Y . -33.12 -49.09 -54.89
H1' GDP Y . -30.63 -47.83 -56.91
H8 GDP Y . -30.93 -45.96 -53.58
HN1 GDP Y . -24.81 -47.04 -55.72
HN21 GDP Y . -26.56 -48.12 -58.57
HN22 GDP Y . -24.99 -47.89 -57.82
PB GDP Z . -37.66 -42.16 -47.43
O1B GDP Z . -36.85 -42.88 -46.39
O2B GDP Z . -38.95 -42.86 -47.75
O3B GDP Z . -36.89 -41.72 -48.65
O3A GDP Z . -38.11 -40.78 -46.73
PA GDP Z . -37.07 -39.56 -46.59
O1A GDP Z . -35.68 -40.10 -46.69
O2A GDP Z . -37.51 -38.50 -47.57
O5' GDP Z . -37.29 -39.03 -45.10
C5' GDP Z . -36.81 -39.76 -43.99
C4' GDP Z . -36.73 -38.88 -42.74
O4' GDP Z . -37.01 -39.62 -41.55
C3' GDP Z . -35.34 -38.34 -42.60
O3' GDP Z . -35.42 -36.96 -42.33
C2' GDP Z . -34.74 -39.13 -41.45
O2' GDP Z . -33.79 -38.38 -40.71
C1' GDP Z . -35.95 -39.53 -40.62
N9 GDP Z . -35.69 -40.84 -39.98
C8 GDP Z . -35.50 -41.07 -38.67
N7 GDP Z . -35.25 -42.38 -38.44
C5 GDP Z . -35.26 -43.00 -39.62
C6 GDP Z . -35.08 -44.38 -40.11
O6 GDP Z . -34.83 -45.31 -39.32
N1 GDP Z . -35.17 -44.60 -41.42
C2 GDP Z . -35.43 -43.62 -42.29
N2 GDP Z . -35.51 -43.92 -43.60
N3 GDP Z . -35.61 -42.33 -41.92
C4 GDP Z . -35.54 -41.98 -40.63
H5' GDP Z . -37.46 -40.61 -43.79
H5'' GDP Z . -35.81 -40.14 -44.21
H4' GDP Z . -37.43 -38.04 -42.84
H3' GDP Z . -34.76 -38.53 -43.51
H2' GDP Z . -34.26 -40.02 -41.86
HO2' GDP Z . -33.04 -38.14 -41.28
H1' GDP Z . -36.15 -38.77 -39.87
H8 GDP Z . -35.55 -40.31 -37.90
HN1 GDP Z . -35.05 -45.56 -41.78
HN21 GDP Z . -35.70 -43.18 -44.27
HN22 GDP Z . -35.39 -44.86 -43.91
PB GDP AA . -25.66 -23.31 -40.33
PB GDP AA . -27.06 -25.63 -38.75
O1B GDP AA . -24.46 -22.48 -39.97
O1B GDP AA . -28.33 -26.42 -38.71
O2B GDP AA . -26.95 -22.53 -40.24
O2B GDP AA . -27.11 -24.30 -38.06
O3B GDP AA . -25.47 -24.18 -41.57
O3B GDP AA . -25.84 -26.43 -38.37
O3A GDP AA . -25.67 -24.35 -39.13
O3A GDP AA . -26.96 -25.34 -40.31
PA GDP AA . -26.41 -25.76 -39.21
PA GDP AA . -25.61 -24.75 -40.89
O1A GDP AA . -26.10 -26.51 -37.96
O1A GDP AA . -25.34 -23.59 -39.97
O2A GDP AA . -27.83 -25.45 -39.58
O2A GDP AA . -25.78 -24.52 -42.36
O5' GDP AA . -25.65 -26.46 -40.47
O5' GDP AA . -24.72 -26.06 -40.63
C5' GDP AA . -24.23 -26.58 -40.60
C5' GDP AA . -23.83 -26.47 -41.66
C4' GDP AA . -23.69 -27.94 -41.09
C4' GDP AA . -23.46 -27.93 -41.60
O4' GDP AA . -24.44 -29.04 -40.61
O4' GDP AA . -24.37 -28.73 -40.87
C3' GDP AA . -23.65 -28.14 -42.59
C3' GDP AA . -23.44 -28.49 -43.00
O3' GDP AA . -22.53 -28.98 -42.95
O3' GDP AA . -22.38 -29.43 -43.11
C2' GDP AA . -24.88 -28.91 -42.92
C2' GDP AA . -24.78 -29.15 -43.14
O2' GDP AA . -24.63 -29.71 -44.05
O2' GDP AA . -24.73 -30.16 -44.12
C1' GDP AA . -25.07 -29.74 -41.68
C1' GDP AA . -24.98 -29.70 -41.73
N9 GDP AA . -26.47 -30.03 -41.28
N9 GDP AA . -26.37 -29.96 -41.31
C8 GDP AA . -27.33 -29.20 -40.70
C8 GDP AA . -27.22 -29.11 -40.73
N7 GDP AA . -28.51 -29.81 -40.44
N7 GDP AA . -28.39 -29.72 -40.45
C5 GDP AA . -28.39 -31.08 -40.83
C5 GDP AA . -28.32 -30.99 -40.83
C6 GDP AA . -29.26 -32.27 -40.84
C6 GDP AA . -29.19 -32.18 -40.82
O6 GDP AA . -30.43 -32.24 -40.40
O6 GDP AA . -30.36 -32.16 -40.37
N1 GDP AA . -28.76 -33.40 -41.34
N1 GDP AA . -28.71 -33.31 -41.32
C2 GDP AA . -27.52 -33.46 -41.82
C2 GDP AA . -27.48 -33.40 -41.82
N2 GDP AA . -27.09 -34.63 -42.31
N2 GDP AA . -27.08 -34.57 -42.31
N3 GDP AA . -26.67 -32.41 -41.86
N3 GDP AA . -26.61 -32.36 -41.86
C4 GDP AA . -27.05 -31.22 -41.37
C4 GDP AA . -26.97 -31.15 -41.39
H5' GDP AA . -23.89 -25.81 -41.30
H5' GDP AA . -24.29 -26.24 -42.63
H5'' GDP AA . -23.78 -26.35 -39.64
H5'' GDP AA . -22.92 -25.86 -41.59
H4' GDP AA . -22.66 -28.03 -40.71
H4' GDP AA . -22.45 -28.03 -41.16
H3' GDP AA . -23.62 -27.18 -43.12
H3' GDP AA . -23.34 -27.68 -43.73
H2' GDP AA . -25.73 -28.23 -43.08
H2' GDP AA . -25.54 -28.40 -43.36
HO2' GDP AA . -24.50 -29.15 -44.82
HO2' GDP AA . -24.55 -29.76 -44.98
H1' GDP AA . -24.55 -30.69 -41.83
H1' GDP AA . -24.40 -30.62 -41.65
H8 GDP AA . -27.15 -28.16 -40.49
H8 GDP AA . -27.00 -28.08 -40.53
HN1 GDP AA . -29.35 -34.25 -41.36
HN1 GDP AA . -29.31 -34.16 -41.33
HN21 GDP AA . -27.70 -35.43 -42.30
HN21 GDP AA . -27.70 -35.37 -42.28
HN22 GDP AA . -26.16 -34.71 -42.68
HN22 GDP AA . -26.15 -34.68 -42.69
K K BA . -58.54 -15.96 -17.53
#